data_1RQX
#
_entry.id   1RQX
#
_cell.length_a   67.760
_cell.length_b   68.587
_cell.length_c   350.913
_cell.angle_alpha   90.00
_cell.angle_beta   90.00
_cell.angle_gamma   90.00
#
_symmetry.space_group_name_H-M   'P 21 21 21'
#
loop_
_entity.id
_entity.type
_entity.pdbx_description
1 polymer '1-aminocyclopropane-1-carboxylate deaminase'
2 non-polymer "PYRIDOXAL-5'-PHOSPHATE"
3 non-polymer 1-AMINOCYCLOPROPYLPHOSPHONATE
4 water water
#
_entity_poly.entity_id   1
_entity_poly.type   'polypeptide(L)'
_entity_poly.pdbx_seq_one_letter_code
;MNLQRFPRYPLTFGPTPIQPLARLSKHLGGKVHLYAKREDCNSGLAFGGNKTRKLEYLIPEALAQGCDTLVSIGGIQSNQ
TRQVAAVAAHLGMKCVLVQENWVNYSDAVYDRVGNIQMSRILGADVRLVPDGFDIGFRRSWEDALESVRAAGGKPYAIPA
GCSDHPLGGLGFVGFAEEVRAQEAELGFKFDYVVVCSVTGSTQAGMVVGFAADGRADRVIGVDASAKPAQTREQITRIAR
QTAEKVGLERDIMRADVVLDERFAGPEYGLPNEGTLEAIRLCARTEGMLTDPVYEGKSMHGMIEMVRNGEFPEGSRVLYA
HLGGVPALNGYSFIFRDG
;
_entity_poly.pdbx_strand_id   A,B,C,D
#
# COMPACT_ATOMS: atom_id res chain seq x y z
N MET A 1 19.82 -29.37 37.85
CA MET A 1 20.34 -28.65 36.65
C MET A 1 21.14 -27.41 37.04
N ASN A 2 21.94 -26.92 36.10
CA ASN A 2 22.75 -25.74 36.34
C ASN A 2 22.87 -24.86 35.10
N LEU A 3 22.03 -23.83 35.05
CA LEU A 3 21.99 -22.88 33.93
C LEU A 3 22.99 -21.74 34.15
N GLN A 4 23.22 -21.42 35.40
CA GLN A 4 24.14 -20.35 35.77
C GLN A 4 25.53 -20.56 35.19
N ARG A 5 25.80 -21.78 34.74
CA ARG A 5 27.09 -22.10 34.16
C ARG A 5 27.35 -21.27 32.88
N PHE A 6 26.29 -20.94 32.15
CA PHE A 6 26.43 -20.17 30.91
C PHE A 6 26.18 -18.69 31.10
N PRO A 7 27.08 -17.84 30.58
CA PRO A 7 26.91 -16.40 30.72
C PRO A 7 25.70 -15.87 29.95
N ARG A 8 25.11 -14.79 30.47
CA ARG A 8 23.92 -14.17 29.88
C ARG A 8 24.12 -12.68 29.66
N TYR A 9 24.10 -12.26 28.40
CA TYR A 9 24.27 -10.84 28.08
C TYR A 9 22.91 -10.14 28.17
N PRO A 10 22.81 -9.12 29.04
CA PRO A 10 21.58 -8.34 29.26
C PRO A 10 21.04 -7.60 28.05
N LEU A 11 19.90 -8.06 27.56
CA LEU A 11 19.24 -7.46 26.40
C LEU A 11 17.81 -7.09 26.76
N THR A 12 17.35 -7.57 27.91
CA THR A 12 16.01 -7.30 28.37
C THR A 12 16.02 -6.35 29.54
N PHE A 13 14.83 -5.99 30.04
CA PHE A 13 14.72 -5.10 31.17
C PHE A 13 14.84 -5.89 32.46
N GLY A 14 14.51 -7.17 32.40
CA GLY A 14 14.54 -8.01 33.56
C GLY A 14 13.38 -8.97 33.44
N PRO A 15 13.08 -9.73 34.50
CA PRO A 15 11.97 -10.68 34.43
C PRO A 15 10.71 -10.10 33.79
N THR A 16 10.07 -10.90 32.96
CA THR A 16 8.88 -10.42 32.30
C THR A 16 7.66 -10.59 33.21
N PRO A 17 6.83 -9.55 33.34
CA PRO A 17 5.65 -9.62 34.19
C PRO A 17 4.51 -10.57 33.80
N ILE A 18 3.80 -11.03 34.82
CA ILE A 18 2.66 -11.91 34.61
C ILE A 18 1.41 -11.10 34.93
N GLN A 19 0.45 -11.13 34.02
CA GLN A 19 -0.76 -10.37 34.20
C GLN A 19 -1.96 -11.28 34.11
N PRO A 20 -2.94 -11.07 34.98
CA PRO A 20 -4.13 -11.92 34.90
C PRO A 20 -5.01 -11.41 33.77
N LEU A 21 -5.70 -12.32 33.09
CA LEU A 21 -6.60 -11.98 32.00
C LEU A 21 -7.97 -12.32 32.55
N ALA A 22 -8.40 -11.54 33.54
CA ALA A 22 -9.67 -11.76 34.20
C ALA A 22 -10.88 -11.53 33.31
N ARG A 23 -10.85 -10.48 32.51
CA ARG A 23 -11.98 -10.25 31.62
C ARG A 23 -12.17 -11.44 30.68
N LEU A 24 -11.10 -11.84 29.96
CA LEU A 24 -11.19 -12.98 29.04
C LEU A 24 -11.57 -14.23 29.84
N SER A 25 -11.00 -14.39 31.03
CA SER A 25 -11.34 -15.54 31.87
C SER A 25 -12.85 -15.58 32.11
N LYS A 26 -13.38 -14.47 32.60
CA LYS A 26 -14.82 -14.37 32.88
C LYS A 26 -15.64 -14.56 31.62
N HIS A 27 -15.18 -13.97 30.52
CA HIS A 27 -15.91 -14.09 29.25
C HIS A 27 -16.14 -15.56 28.87
N LEU A 28 -15.15 -16.39 29.09
CA LEU A 28 -15.24 -17.79 28.73
C LEU A 28 -16.03 -18.68 29.69
N GLY A 29 -16.38 -18.18 30.86
CA GLY A 29 -17.14 -18.98 31.80
C GLY A 29 -16.65 -18.95 33.25
N GLY A 30 -15.53 -18.28 33.50
CA GLY A 30 -14.98 -18.17 34.84
C GLY A 30 -14.50 -19.47 35.46
N LYS A 31 -14.39 -20.52 34.65
CA LYS A 31 -13.95 -21.82 35.14
C LYS A 31 -12.44 -22.03 35.10
N VAL A 32 -11.75 -21.35 34.18
CA VAL A 32 -10.30 -21.48 34.09
C VAL A 32 -9.67 -20.11 34.25
N HIS A 33 -8.66 -19.99 35.08
CA HIS A 33 -8.00 -18.70 35.32
C HIS A 33 -6.83 -18.47 34.37
N LEU A 34 -7.03 -17.57 33.41
CA LEU A 34 -6.02 -17.24 32.40
C LEU A 34 -5.06 -16.12 32.79
N TYR A 35 -3.79 -16.30 32.47
CA TYR A 35 -2.80 -15.28 32.77
C TYR A 35 -1.87 -15.11 31.56
N ALA A 36 -1.01 -14.11 31.62
CA ALA A 36 -0.10 -13.89 30.51
C ALA A 36 1.25 -13.42 31.01
N LYS A 37 2.32 -13.98 30.45
CA LYS A 37 3.68 -13.58 30.80
C LYS A 37 4.13 -12.80 29.56
N ARG A 38 4.35 -11.50 29.76
CA ARG A 38 4.69 -10.62 28.66
C ARG A 38 6.14 -10.59 28.13
N GLU A 39 6.49 -11.60 27.34
CA GLU A 39 7.82 -11.70 26.74
C GLU A 39 7.87 -10.66 25.60
N ASP A 40 6.69 -10.28 25.15
CA ASP A 40 6.52 -9.28 24.10
C ASP A 40 6.92 -7.87 24.58
N CYS A 41 7.06 -7.67 25.90
CA CYS A 41 7.43 -6.35 26.44
C CYS A 41 8.74 -6.45 27.24
N ASN A 42 9.58 -7.42 26.89
CA ASN A 42 10.83 -7.63 27.60
C ASN A 42 12.03 -6.76 27.26
N SER A 43 11.92 -5.93 26.22
CA SER A 43 13.09 -5.18 25.82
C SER A 43 12.84 -3.84 25.12
N GLY A 44 13.81 -2.93 25.27
CA GLY A 44 13.73 -1.63 24.62
C GLY A 44 14.37 -1.68 23.25
N LEU A 45 14.79 -2.87 22.83
CA LEU A 45 15.39 -3.03 21.52
C LEU A 45 14.30 -3.41 20.50
N ALA A 46 13.82 -2.40 19.78
CA ALA A 46 12.79 -2.59 18.77
C ALA A 46 11.67 -3.58 19.12
N PHE A 47 11.10 -3.40 20.32
CA PHE A 47 9.98 -4.21 20.82
C PHE A 47 10.31 -5.61 21.30
N GLY A 48 11.53 -6.07 21.02
CA GLY A 48 11.96 -7.39 21.43
C GLY A 48 11.02 -8.54 21.20
N GLY A 49 10.90 -9.41 22.21
CA GLY A 49 10.06 -10.59 22.13
C GLY A 49 10.84 -11.85 22.54
N ASN A 50 10.29 -13.01 22.28
CA ASN A 50 10.94 -14.29 22.63
C ASN A 50 12.35 -14.52 22.07
N LYS A 51 12.60 -14.11 20.84
CA LYS A 51 13.94 -14.33 20.28
C LYS A 51 14.98 -13.55 21.05
N THR A 52 14.58 -12.45 21.66
CA THR A 52 15.51 -11.61 22.39
C THR A 52 15.98 -12.27 23.67
N ARG A 53 15.09 -13.00 24.33
CA ARG A 53 15.44 -13.74 25.52
C ARG A 53 16.50 -14.78 25.10
N LYS A 54 16.24 -15.47 23.99
CA LYS A 54 17.17 -16.48 23.49
C LYS A 54 18.54 -15.88 23.22
N LEU A 55 18.57 -14.78 22.48
CA LEU A 55 19.83 -14.12 22.15
C LEU A 55 20.72 -13.76 23.33
N GLU A 56 20.14 -13.64 24.52
CA GLU A 56 20.97 -13.30 25.67
C GLU A 56 22.04 -14.37 25.88
N TYR A 57 21.76 -15.61 25.49
CA TYR A 57 22.75 -16.67 25.66
C TYR A 57 23.68 -16.96 24.47
N LEU A 58 23.39 -16.38 23.29
CA LEU A 58 24.24 -16.57 22.13
C LEU A 58 25.27 -15.46 22.04
N ILE A 59 24.89 -14.25 22.41
CA ILE A 59 25.79 -13.11 22.32
C ILE A 59 27.16 -13.29 22.97
N PRO A 60 27.20 -13.75 24.23
CA PRO A 60 28.48 -13.95 24.92
C PRO A 60 29.46 -14.78 24.07
N GLU A 61 28.93 -15.79 23.38
CA GLU A 61 29.77 -16.63 22.53
C GLU A 61 30.24 -15.79 21.34
N ALA A 62 29.32 -15.00 20.77
CA ALA A 62 29.64 -14.15 19.63
C ALA A 62 30.75 -13.15 19.97
N LEU A 63 30.66 -12.58 21.18
CA LEU A 63 31.66 -11.63 21.62
C LEU A 63 32.96 -12.39 21.93
N ALA A 64 32.85 -13.53 22.63
CA ALA A 64 34.03 -14.32 22.97
C ALA A 64 34.85 -14.67 21.73
N GLN A 65 34.15 -15.07 20.67
CA GLN A 65 34.81 -15.44 19.43
C GLN A 65 35.24 -14.22 18.62
N GLY A 66 35.02 -13.03 19.17
CA GLY A 66 35.40 -11.82 18.46
C GLY A 66 34.73 -11.58 17.11
N CYS A 67 33.49 -12.01 16.98
CA CYS A 67 32.76 -11.79 15.74
C CYS A 67 32.37 -10.32 15.72
N ASP A 68 32.33 -9.75 14.52
CA ASP A 68 31.98 -8.35 14.35
C ASP A 68 30.66 -8.20 13.59
N THR A 69 30.05 -9.33 13.19
CA THR A 69 28.81 -9.27 12.44
C THR A 69 27.84 -10.39 12.80
N LEU A 70 26.58 -10.04 13.07
CA LEU A 70 25.57 -11.06 13.37
C LEU A 70 24.81 -11.35 12.07
N VAL A 71 24.66 -12.62 11.73
CA VAL A 71 23.95 -12.99 10.52
C VAL A 71 22.83 -13.96 10.83
N SER A 72 21.65 -13.69 10.29
CA SER A 72 20.54 -14.58 10.56
C SER A 72 19.59 -14.70 9.40
N ILE A 73 18.46 -15.35 9.62
CA ILE A 73 17.54 -15.63 8.55
C ILE A 73 16.12 -15.77 9.03
N GLY A 74 15.18 -15.66 8.10
CA GLY A 74 13.76 -15.79 8.40
C GLY A 74 12.93 -15.33 7.22
N GLY A 75 11.62 -15.47 7.31
CA GLY A 75 10.75 -15.02 6.23
C GLY A 75 10.65 -13.49 6.19
N ILE A 76 9.91 -12.95 5.23
CA ILE A 76 9.75 -11.50 5.09
C ILE A 76 9.38 -10.76 6.41
N GLN A 77 8.32 -11.21 7.07
CA GLN A 77 7.90 -10.59 8.31
C GLN A 77 8.48 -11.23 9.56
N SER A 78 9.62 -11.88 9.42
CA SER A 78 10.30 -12.53 10.56
C SER A 78 10.48 -11.58 11.77
N ASN A 79 10.24 -12.09 12.97
CA ASN A 79 10.40 -11.28 14.17
C ASN A 79 11.87 -11.34 14.59
N GLN A 80 12.42 -12.54 14.41
CA GLN A 80 13.78 -12.92 14.73
C GLN A 80 14.80 -12.00 14.07
N THR A 81 14.63 -11.80 12.77
CA THR A 81 15.58 -10.98 12.03
C THR A 81 15.60 -9.55 12.51
N ARG A 82 14.44 -9.01 12.87
CA ARG A 82 14.35 -7.65 13.39
C ARG A 82 15.06 -7.58 14.77
N GLN A 83 14.75 -8.52 15.65
CA GLN A 83 15.41 -8.50 16.94
C GLN A 83 16.93 -8.59 16.75
N VAL A 84 17.38 -9.41 15.80
CA VAL A 84 18.82 -9.57 15.54
C VAL A 84 19.47 -8.25 15.08
N ALA A 85 18.76 -7.47 14.30
CA ALA A 85 19.28 -6.20 13.82
C ALA A 85 19.29 -5.14 14.94
N ALA A 86 18.36 -5.26 15.87
CA ALA A 86 18.30 -4.31 16.97
C ALA A 86 19.47 -4.62 17.90
N VAL A 87 19.56 -5.89 18.29
CA VAL A 87 20.64 -6.35 19.17
C VAL A 87 21.98 -6.00 18.52
N ALA A 88 22.10 -6.22 17.22
CA ALA A 88 23.33 -5.89 16.52
C ALA A 88 23.69 -4.43 16.71
N ALA A 89 22.79 -3.54 16.30
CA ALA A 89 23.01 -2.10 16.44
C ALA A 89 23.44 -1.77 17.88
N HIS A 90 22.66 -2.24 18.85
CA HIS A 90 22.94 -1.99 20.24
C HIS A 90 24.38 -2.37 20.61
N LEU A 91 24.83 -3.50 20.06
CA LEU A 91 26.16 -4.03 20.32
C LEU A 91 27.30 -3.48 19.48
N GLY A 92 27.01 -2.66 18.48
CA GLY A 92 28.08 -2.12 17.67
C GLY A 92 28.61 -3.17 16.71
N MET A 93 27.73 -4.08 16.31
CA MET A 93 28.06 -5.13 15.37
C MET A 93 27.31 -4.90 14.05
N LYS A 94 27.88 -5.37 12.94
CA LYS A 94 27.21 -5.21 11.67
C LYS A 94 26.17 -6.31 11.62
N CYS A 95 25.24 -6.21 10.68
CA CYS A 95 24.21 -7.25 10.60
C CYS A 95 23.76 -7.58 9.20
N VAL A 96 23.74 -8.88 8.89
CA VAL A 96 23.29 -9.34 7.57
C VAL A 96 22.13 -10.31 7.75
N LEU A 97 21.04 -10.04 7.05
CA LEU A 97 19.85 -10.87 7.14
C LEU A 97 19.43 -11.44 5.80
N VAL A 98 19.10 -12.72 5.81
CA VAL A 98 18.63 -13.40 4.62
C VAL A 98 17.11 -13.52 4.81
N GLN A 99 16.33 -12.72 4.08
CA GLN A 99 14.87 -12.80 4.20
C GLN A 99 14.39 -13.63 3.04
N GLU A 100 13.62 -14.67 3.32
CA GLU A 100 13.11 -15.56 2.29
C GLU A 100 11.60 -15.46 2.21
N ASN A 101 11.01 -15.95 1.13
CA ASN A 101 9.56 -15.93 0.99
C ASN A 101 8.95 -17.19 1.57
N TRP A 102 8.86 -17.24 2.89
CA TRP A 102 8.31 -18.41 3.56
C TRP A 102 6.80 -18.52 3.60
N VAL A 103 6.11 -17.49 3.13
CA VAL A 103 4.67 -17.52 3.18
C VAL A 103 4.00 -17.28 1.84
N ASN A 104 3.01 -18.12 1.51
CA ASN A 104 2.26 -17.96 0.27
C ASN A 104 1.30 -16.80 0.55
N TYR A 105 1.85 -15.59 0.57
CA TYR A 105 1.10 -14.39 0.85
C TYR A 105 1.69 -13.28 -0.01
N SER A 106 0.87 -12.34 -0.46
CA SER A 106 1.36 -11.29 -1.32
C SER A 106 0.67 -9.94 -1.09
N ASP A 107 1.05 -9.27 -0.02
CA ASP A 107 0.47 -7.99 0.30
C ASP A 107 1.33 -6.87 -0.28
N ALA A 108 0.66 -5.83 -0.78
CA ALA A 108 1.35 -4.73 -1.41
C ALA A 108 2.54 -4.17 -0.66
N VAL A 109 2.43 -4.08 0.68
CA VAL A 109 3.52 -3.51 1.47
C VAL A 109 4.17 -4.52 2.39
N TYR A 110 3.97 -5.80 2.06
CA TYR A 110 4.49 -6.91 2.84
C TYR A 110 5.98 -6.83 3.18
N ASP A 111 6.79 -6.37 2.23
CA ASP A 111 8.22 -6.26 2.44
C ASP A 111 8.69 -4.84 2.74
N ARG A 112 7.77 -3.97 3.16
CA ARG A 112 8.13 -2.57 3.43
C ARG A 112 7.57 -2.03 4.76
N VAL A 113 6.86 -2.86 5.50
CA VAL A 113 6.30 -2.44 6.78
C VAL A 113 6.69 -3.41 7.89
N GLY A 114 6.22 -3.16 9.09
CA GLY A 114 6.51 -4.06 10.19
C GLY A 114 7.95 -4.39 10.51
N ASN A 115 8.20 -5.68 10.66
CA ASN A 115 9.51 -6.16 11.02
C ASN A 115 10.66 -5.83 10.09
N ILE A 116 10.47 -6.09 8.80
CA ILE A 116 11.52 -5.82 7.84
C ILE A 116 11.83 -4.35 7.70
N GLN A 117 10.81 -3.50 7.86
CA GLN A 117 11.03 -2.06 7.77
C GLN A 117 11.98 -1.62 8.87
N MET A 118 11.72 -2.08 10.08
CA MET A 118 12.55 -1.74 11.22
C MET A 118 13.99 -2.22 11.01
N SER A 119 14.14 -3.42 10.46
CA SER A 119 15.47 -3.97 10.21
C SER A 119 16.28 -3.06 9.32
N ARG A 120 15.70 -2.56 8.24
CA ARG A 120 16.46 -1.66 7.36
C ARG A 120 16.80 -0.37 8.09
N ILE A 121 15.86 0.16 8.87
CA ILE A 121 16.14 1.39 9.59
C ILE A 121 17.29 1.12 10.55
N LEU A 122 17.25 -0.04 11.20
CA LEU A 122 18.30 -0.43 12.14
C LEU A 122 19.68 -0.61 11.51
N GLY A 123 19.77 -0.53 10.20
CA GLY A 123 21.06 -0.65 9.57
C GLY A 123 21.45 -2.01 9.04
N ALA A 124 20.60 -3.01 9.24
CA ALA A 124 20.93 -4.33 8.73
C ALA A 124 20.92 -4.34 7.20
N ASP A 125 21.77 -5.17 6.62
CA ASP A 125 21.82 -5.30 5.18
C ASP A 125 20.77 -6.40 5.00
N VAL A 126 19.60 -6.01 4.51
CA VAL A 126 18.51 -6.95 4.34
C VAL A 126 18.50 -7.49 2.92
N ARG A 127 18.79 -8.78 2.79
CA ARG A 127 18.86 -9.41 1.47
C ARG A 127 17.65 -10.26 1.13
N LEU A 128 16.92 -9.85 0.09
CA LEU A 128 15.74 -10.57 -0.37
C LEU A 128 16.14 -11.59 -1.45
N VAL A 129 15.95 -12.88 -1.14
CA VAL A 129 16.29 -13.95 -2.08
C VAL A 129 15.37 -13.82 -3.30
N PRO A 130 15.97 -13.75 -4.52
CA PRO A 130 15.28 -13.61 -5.81
C PRO A 130 13.79 -13.21 -5.77
N ASP A 131 12.98 -13.96 -6.53
CA ASP A 131 11.54 -13.77 -6.64
C ASP A 131 10.99 -12.39 -6.29
N ARG A 139 22.92 -21.30 -2.60
CA ARG A 139 22.75 -21.18 -1.15
C ARG A 139 22.88 -19.74 -0.66
N SER A 140 21.75 -19.15 -0.28
CA SER A 140 21.75 -17.78 0.22
C SER A 140 22.39 -17.63 1.59
N TRP A 141 22.15 -18.61 2.47
CA TRP A 141 22.70 -18.59 3.81
C TRP A 141 24.22 -18.60 3.75
N GLU A 142 24.82 -19.68 3.24
CA GLU A 142 26.28 -19.74 3.16
C GLU A 142 26.84 -18.60 2.30
N ASP A 143 26.03 -18.12 1.36
CA ASP A 143 26.48 -17.01 0.54
C ASP A 143 26.65 -15.76 1.41
N ALA A 144 25.73 -15.53 2.33
CA ALA A 144 25.82 -14.37 3.19
C ALA A 144 26.99 -14.52 4.16
N LEU A 145 27.11 -15.68 4.81
CA LEU A 145 28.20 -15.87 5.76
C LEU A 145 29.55 -15.59 5.11
N GLU A 146 29.76 -16.12 3.91
CA GLU A 146 31.01 -15.91 3.20
C GLU A 146 31.21 -14.48 2.77
N SER A 147 30.12 -13.81 2.39
CA SER A 147 30.23 -12.42 1.95
C SER A 147 30.82 -11.58 3.08
N VAL A 148 30.54 -11.97 4.31
CA VAL A 148 31.06 -11.25 5.47
C VAL A 148 32.56 -11.51 5.59
N ARG A 149 32.94 -12.78 5.54
CA ARG A 149 34.36 -13.16 5.62
C ARG A 149 35.16 -12.46 4.52
N ALA A 150 34.72 -12.66 3.28
CA ALA A 150 35.38 -12.07 2.11
C ALA A 150 35.52 -10.57 2.25
N ALA A 151 34.67 -10.00 3.11
CA ALA A 151 34.67 -8.56 3.34
C ALA A 151 35.63 -8.11 4.43
N GLY A 152 36.19 -9.07 5.16
CA GLY A 152 37.13 -8.70 6.20
C GLY A 152 36.60 -8.84 7.61
N GLY A 153 35.36 -9.28 7.75
CA GLY A 153 34.76 -9.45 9.07
C GLY A 153 34.65 -10.89 9.54
N LYS A 154 34.05 -11.09 10.70
CA LYS A 154 33.86 -12.44 11.23
C LYS A 154 32.40 -12.52 11.67
N PRO A 155 31.62 -13.38 11.00
CA PRO A 155 30.21 -13.57 11.28
C PRO A 155 29.87 -14.63 12.30
N TYR A 156 28.83 -14.35 13.08
CA TYR A 156 28.34 -15.31 14.05
C TYR A 156 27.02 -15.76 13.40
N ALA A 157 26.91 -17.06 13.10
CA ALA A 157 25.71 -17.59 12.44
C ALA A 157 24.52 -17.87 13.34
N ILE A 158 23.41 -17.16 13.13
CA ILE A 158 22.27 -17.42 13.97
C ILE A 158 21.16 -18.04 13.16
N PRO A 159 20.95 -19.35 13.29
CA PRO A 159 19.90 -20.06 12.55
C PRO A 159 18.48 -19.58 12.88
N ALA A 160 17.54 -19.91 12.00
CA ALA A 160 16.16 -19.51 12.18
C ALA A 160 15.67 -19.65 13.61
N GLY A 161 15.17 -18.55 14.16
CA GLY A 161 14.64 -18.55 15.52
C GLY A 161 15.68 -18.79 16.60
N CYS A 162 16.94 -18.96 16.21
CA CYS A 162 18.01 -19.27 17.16
C CYS A 162 17.77 -20.72 17.57
N SER A 163 16.75 -21.34 17.00
CA SER A 163 16.40 -22.69 17.40
C SER A 163 17.41 -23.84 17.25
N ASP A 164 17.86 -24.13 16.03
CA ASP A 164 18.79 -25.24 15.87
C ASP A 164 20.21 -24.78 16.13
N HIS A 165 20.48 -24.40 17.38
CA HIS A 165 21.78 -23.90 17.83
C HIS A 165 22.00 -24.45 19.24
N PRO A 166 23.25 -24.82 19.58
CA PRO A 166 23.54 -25.36 20.91
C PRO A 166 23.03 -24.54 22.11
N LEU A 167 23.24 -23.22 22.05
CA LEU A 167 22.80 -22.33 23.12
C LEU A 167 21.34 -21.90 22.98
N GLY A 168 20.76 -22.19 21.81
CA GLY A 168 19.39 -21.81 21.50
C GLY A 168 18.23 -22.16 22.42
N GLY A 169 18.41 -23.09 23.34
CA GLY A 169 17.32 -23.44 24.22
C GLY A 169 17.53 -22.99 25.65
N LEU A 170 18.69 -22.42 25.94
CA LEU A 170 19.00 -21.97 27.30
C LEU A 170 18.04 -20.86 27.69
N GLY A 171 17.85 -19.91 26.79
CA GLY A 171 16.97 -18.79 27.06
C GLY A 171 15.66 -19.15 27.74
N PHE A 172 14.98 -20.17 27.24
CA PHE A 172 13.72 -20.49 27.86
C PHE A 172 13.76 -21.50 28.99
N VAL A 173 14.94 -21.95 29.38
CA VAL A 173 15.02 -22.83 30.53
C VAL A 173 14.93 -21.80 31.65
N GLY A 174 15.63 -20.68 31.43
CA GLY A 174 15.63 -19.58 32.38
C GLY A 174 14.22 -19.04 32.54
N PHE A 175 13.41 -19.12 31.48
CA PHE A 175 12.04 -18.68 31.54
C PHE A 175 11.34 -19.47 32.67
N ALA A 176 11.52 -20.80 32.68
CA ALA A 176 10.93 -21.67 33.70
C ALA A 176 11.44 -21.26 35.08
N GLU A 177 12.73 -20.93 35.13
CA GLU A 177 13.41 -20.48 36.34
C GLU A 177 12.63 -19.26 36.88
N GLU A 178 12.40 -18.30 36.00
CA GLU A 178 11.68 -17.08 36.32
C GLU A 178 10.29 -17.35 36.85
N VAL A 179 9.55 -18.23 36.18
CA VAL A 179 8.20 -18.55 36.61
C VAL A 179 8.14 -19.17 38.01
N ARG A 180 9.12 -20.01 38.36
CA ARG A 180 9.11 -20.62 39.70
C ARG A 180 9.27 -19.51 40.73
N ALA A 181 10.28 -18.66 40.56
CA ALA A 181 10.50 -17.56 41.48
C ALA A 181 9.25 -16.70 41.57
N GLN A 182 8.54 -16.52 40.45
CA GLN A 182 7.35 -15.69 40.48
C GLN A 182 6.22 -16.43 41.19
N GLU A 183 6.17 -17.74 41.03
CA GLU A 183 5.13 -18.54 41.67
C GLU A 183 5.30 -18.50 43.18
N ALA A 184 6.55 -18.27 43.61
CA ALA A 184 6.88 -18.18 45.02
C ALA A 184 6.16 -16.96 45.57
N GLU A 185 6.35 -15.83 44.91
CA GLU A 185 5.70 -14.62 45.38
C GLU A 185 4.18 -14.76 45.29
N LEU A 186 3.69 -15.34 44.20
CA LEU A 186 2.26 -15.52 44.00
C LEU A 186 1.72 -16.49 45.03
N GLY A 187 2.58 -17.37 45.49
CA GLY A 187 2.17 -18.33 46.49
C GLY A 187 1.41 -19.53 45.96
N PHE A 188 1.55 -19.79 44.66
CA PHE A 188 0.87 -20.94 44.04
C PHE A 188 1.56 -21.23 42.70
N LYS A 189 1.35 -22.44 42.18
CA LYS A 189 1.94 -22.84 40.90
C LYS A 189 0.93 -22.90 39.78
N PHE A 190 1.34 -22.44 38.60
CA PHE A 190 0.47 -22.46 37.42
C PHE A 190 0.31 -23.91 36.99
N ASP A 191 -0.88 -24.27 36.56
CA ASP A 191 -1.15 -25.64 36.14
C ASP A 191 -0.67 -25.94 34.70
N TYR A 192 -0.83 -24.97 33.82
CA TYR A 192 -0.38 -25.15 32.44
C TYR A 192 0.26 -23.89 31.91
N VAL A 193 0.86 -24.02 30.74
CA VAL A 193 1.51 -22.92 30.04
C VAL A 193 1.24 -23.12 28.54
N VAL A 194 0.81 -22.06 27.87
CA VAL A 194 0.56 -22.14 26.43
C VAL A 194 1.65 -21.36 25.70
N VAL A 195 2.25 -21.98 24.70
CA VAL A 195 3.33 -21.37 23.92
C VAL A 195 3.24 -21.78 22.45
N CYS A 196 3.32 -20.78 21.57
CA CYS A 196 3.28 -21.01 20.14
C CYS A 196 4.59 -21.66 19.74
N SER A 197 4.56 -22.60 18.82
CA SER A 197 5.83 -23.21 18.43
C SER A 197 5.97 -23.35 16.94
N VAL A 198 7.15 -22.96 16.42
CA VAL A 198 7.45 -23.09 15.00
C VAL A 198 8.86 -23.68 14.78
N THR A 199 9.93 -22.98 15.14
CA THR A 199 11.23 -23.59 14.95
C THR A 199 11.65 -24.32 16.20
N GLY A 200 10.84 -24.22 17.25
CA GLY A 200 11.07 -25.00 18.45
C GLY A 200 11.87 -24.80 19.74
N SER A 201 12.94 -24.00 19.76
CA SER A 201 13.68 -23.89 21.01
C SER A 201 12.99 -23.12 22.13
N THR A 202 11.90 -22.43 21.82
CA THR A 202 11.20 -21.72 22.89
C THR A 202 10.52 -22.80 23.72
N GLN A 203 9.75 -23.67 23.08
CA GLN A 203 9.06 -24.72 23.80
C GLN A 203 10.10 -25.67 24.40
N ALA A 204 11.15 -25.96 23.64
CA ALA A 204 12.20 -26.86 24.11
C ALA A 204 12.75 -26.41 25.46
N GLY A 205 13.13 -25.13 25.54
CA GLY A 205 13.68 -24.59 26.78
C GLY A 205 12.66 -24.70 27.90
N MET A 206 11.39 -24.52 27.58
CA MET A 206 10.35 -24.61 28.60
C MET A 206 10.24 -26.06 29.08
N VAL A 207 10.18 -27.00 28.12
CA VAL A 207 10.07 -28.40 28.49
C VAL A 207 11.22 -28.79 29.41
N VAL A 208 12.43 -28.40 29.06
CA VAL A 208 13.59 -28.72 29.89
C VAL A 208 13.46 -28.05 31.28
N GLY A 209 13.30 -26.73 31.28
CA GLY A 209 13.17 -26.01 32.53
C GLY A 209 12.02 -26.44 33.43
N PHE A 210 10.90 -26.90 32.86
CA PHE A 210 9.77 -27.34 33.66
C PHE A 210 9.84 -28.81 33.99
N ALA A 211 10.70 -29.54 33.29
CA ALA A 211 10.88 -30.95 33.56
C ALA A 211 11.59 -30.99 34.91
N ALA A 212 12.28 -29.91 35.24
CA ALA A 212 13.00 -29.79 36.50
C ALA A 212 12.08 -29.93 37.72
N ASP A 213 10.78 -29.72 37.54
CA ASP A 213 9.85 -29.90 38.64
C ASP A 213 8.66 -30.76 38.19
N GLY A 214 8.92 -31.63 37.21
CA GLY A 214 7.89 -32.52 36.71
C GLY A 214 6.69 -31.91 36.02
N ARG A 215 6.86 -30.75 35.38
CA ARG A 215 5.75 -30.11 34.70
C ARG A 215 5.94 -29.98 33.19
N ALA A 216 6.95 -30.67 32.67
CA ALA A 216 7.25 -30.64 31.25
C ALA A 216 6.02 -30.94 30.40
N ASP A 217 5.20 -31.91 30.83
CA ASP A 217 4.00 -32.27 30.07
C ASP A 217 2.88 -31.26 30.27
N ARG A 218 3.11 -30.26 31.13
CA ARG A 218 2.10 -29.24 31.39
C ARG A 218 2.24 -28.06 30.41
N VAL A 219 3.35 -28.02 29.67
CA VAL A 219 3.61 -26.99 28.66
C VAL A 219 2.87 -27.38 27.37
N ILE A 220 1.74 -26.73 27.11
CA ILE A 220 0.96 -27.06 25.93
C ILE A 220 1.38 -26.26 24.70
N GLY A 221 2.13 -26.91 23.82
CA GLY A 221 2.57 -26.24 22.63
C GLY A 221 1.46 -26.14 21.60
N VAL A 222 1.37 -24.99 20.94
CA VAL A 222 0.40 -24.77 19.88
C VAL A 222 1.17 -24.52 18.60
N ASP A 223 1.09 -25.49 17.68
CA ASP A 223 1.80 -25.42 16.41
C ASP A 223 1.29 -24.30 15.51
N ALA A 224 2.22 -23.59 14.88
CA ALA A 224 1.88 -22.51 13.98
C ALA A 224 2.55 -22.73 12.62
N SER A 225 3.29 -23.83 12.51
CA SER A 225 4.04 -24.16 11.30
C SER A 225 3.24 -24.93 10.27
N ALA A 226 2.16 -25.55 10.72
CA ALA A 226 1.29 -26.36 9.88
C ALA A 226 2.08 -27.58 9.35
N LYS A 227 3.15 -27.92 10.06
CA LYS A 227 4.00 -29.07 9.76
C LYS A 227 4.29 -29.63 11.13
N PRO A 228 3.24 -30.05 11.86
CA PRO A 228 3.27 -30.61 13.22
C PRO A 228 4.41 -31.59 13.46
N ALA A 229 4.42 -32.66 12.67
CA ALA A 229 5.44 -33.70 12.79
C ALA A 229 6.88 -33.19 12.84
N GLN A 230 7.27 -32.35 11.88
CA GLN A 230 8.65 -31.85 11.89
C GLN A 230 8.92 -31.02 13.12
N THR A 231 8.02 -30.08 13.39
CA THR A 231 8.15 -29.18 14.52
C THR A 231 8.25 -29.96 15.83
N ARG A 232 7.34 -30.90 16.02
CA ARG A 232 7.33 -31.74 17.19
C ARG A 232 8.69 -32.43 17.35
N GLU A 233 9.21 -32.97 16.25
CA GLU A 233 10.49 -33.64 16.25
C GLU A 233 11.59 -32.68 16.66
N GLN A 234 11.64 -31.52 16.03
CA GLN A 234 12.68 -30.57 16.36
C GLN A 234 12.62 -30.10 17.81
N ILE A 235 11.40 -29.97 18.35
CA ILE A 235 11.26 -29.56 19.74
C ILE A 235 11.89 -30.64 20.63
N THR A 236 11.52 -31.89 20.39
CA THR A 236 12.05 -33.01 21.18
C THR A 236 13.59 -33.08 21.12
N ARG A 237 14.14 -32.91 19.92
CA ARG A 237 15.59 -32.96 19.74
C ARG A 237 16.32 -31.80 20.41
N ILE A 238 15.77 -30.59 20.32
CA ILE A 238 16.41 -29.44 20.95
C ILE A 238 16.24 -29.57 22.47
N ALA A 239 15.11 -30.11 22.89
CA ALA A 239 14.86 -30.28 24.31
C ALA A 239 15.91 -31.22 24.90
N ARG A 240 16.14 -32.35 24.23
CA ARG A 240 17.12 -33.31 24.73
C ARG A 240 18.55 -32.79 24.69
N GLN A 241 18.90 -32.07 23.62
CA GLN A 241 20.25 -31.53 23.50
C GLN A 241 20.46 -30.56 24.64
N THR A 242 19.46 -29.71 24.86
CA THR A 242 19.52 -28.70 25.90
C THR A 242 19.54 -29.31 27.29
N ALA A 243 18.72 -30.33 27.51
CA ALA A 243 18.69 -31.00 28.81
C ALA A 243 20.12 -31.44 29.14
N GLU A 244 20.82 -31.97 28.15
CA GLU A 244 22.19 -32.41 28.38
C GLU A 244 23.11 -31.22 28.65
N LYS A 245 22.84 -30.10 28.00
CA LYS A 245 23.67 -28.90 28.15
C LYS A 245 23.60 -28.31 29.57
N VAL A 246 22.44 -28.44 30.21
CA VAL A 246 22.23 -27.90 31.56
C VAL A 246 22.31 -28.95 32.67
N GLY A 247 22.48 -30.20 32.28
CA GLY A 247 22.57 -31.23 33.30
C GLY A 247 21.21 -31.52 33.91
N LEU A 248 20.21 -31.72 33.08
CA LEU A 248 18.88 -32.04 33.58
C LEU A 248 18.98 -33.43 34.18
N GLU A 249 18.49 -33.57 35.40
CA GLU A 249 18.55 -34.84 36.08
C GLU A 249 17.46 -35.79 35.62
N ARG A 250 17.23 -35.79 34.32
CA ARG A 250 16.23 -36.66 33.74
C ARG A 250 16.34 -36.62 32.25
N ASP A 251 15.58 -37.49 31.60
CA ASP A 251 15.60 -37.53 30.16
C ASP A 251 14.26 -37.09 29.68
N ILE A 252 14.25 -36.37 28.57
CA ILE A 252 13.01 -35.88 28.02
C ILE A 252 12.35 -37.01 27.26
N MET A 253 11.14 -37.35 27.66
CA MET A 253 10.37 -38.39 27.01
C MET A 253 9.55 -37.76 25.89
N ARG A 254 9.07 -38.59 24.98
CA ARG A 254 8.26 -38.07 23.90
C ARG A 254 6.97 -37.55 24.50
N ALA A 255 6.56 -38.11 25.63
CA ALA A 255 5.35 -37.68 26.28
C ALA A 255 5.53 -36.28 26.88
N ASP A 256 6.78 -35.89 27.13
CA ASP A 256 7.10 -34.59 27.69
C ASP A 256 6.86 -33.44 26.72
N VAL A 257 6.79 -33.77 25.43
CA VAL A 257 6.58 -32.77 24.38
C VAL A 257 5.14 -32.78 23.88
N VAL A 258 4.36 -31.79 24.29
CA VAL A 258 2.97 -31.68 23.89
C VAL A 258 2.87 -30.63 22.80
N LEU A 259 2.14 -30.93 21.72
CA LEU A 259 2.01 -29.99 20.62
C LEU A 259 0.67 -30.20 19.93
N ASP A 260 -0.25 -29.25 20.14
CA ASP A 260 -1.58 -29.32 19.55
C ASP A 260 -1.52 -28.84 18.11
N GLU A 261 -2.03 -29.67 17.20
CA GLU A 261 -1.99 -29.35 15.79
C GLU A 261 -3.27 -28.74 15.26
N ARG A 262 -4.25 -28.54 16.13
CA ARG A 262 -5.53 -28.00 15.69
C ARG A 262 -5.66 -26.55 15.24
N PHE A 263 -4.74 -25.68 15.66
CA PHE A 263 -4.89 -24.26 15.31
C PHE A 263 -3.81 -23.64 14.45
N ALA A 264 -3.14 -24.44 13.64
CA ALA A 264 -2.07 -23.96 12.78
C ALA A 264 -2.49 -23.53 11.37
N GLY A 265 -3.64 -24.04 10.92
CA GLY A 265 -4.09 -23.76 9.57
C GLY A 265 -4.37 -22.32 9.16
N PRO A 266 -4.45 -22.08 7.86
CA PRO A 266 -4.29 -23.14 6.86
C PRO A 266 -2.84 -23.48 6.56
N GLU A 267 -1.98 -22.47 6.71
CA GLU A 267 -0.55 -22.63 6.44
C GLU A 267 0.27 -21.75 7.38
N TYR A 268 1.59 -21.92 7.32
CA TYR A 268 2.46 -21.08 8.13
C TYR A 268 2.30 -19.65 7.58
N GLY A 269 2.17 -18.67 8.46
CA GLY A 269 2.02 -17.30 8.01
C GLY A 269 0.64 -16.87 7.58
N LEU A 270 -0.30 -17.82 7.52
CA LEU A 270 -1.67 -17.50 7.13
C LEU A 270 -2.65 -17.86 8.26
N PRO A 271 -3.48 -16.90 8.69
CA PRO A 271 -4.46 -17.13 9.76
C PRO A 271 -5.80 -17.65 9.23
N ASN A 272 -6.55 -18.36 10.07
CA ASN A 272 -7.88 -18.82 9.65
C ASN A 272 -8.83 -17.87 10.36
N GLU A 273 -10.13 -18.10 10.23
CA GLU A 273 -11.09 -17.22 10.86
C GLU A 273 -11.01 -17.29 12.37
N GLY A 274 -10.67 -18.47 12.89
CA GLY A 274 -10.55 -18.64 14.32
C GLY A 274 -9.46 -17.74 14.87
N THR A 275 -8.35 -17.67 14.15
CA THR A 275 -7.23 -16.82 14.55
C THR A 275 -7.67 -15.37 14.69
N LEU A 276 -8.38 -14.87 13.68
CA LEU A 276 -8.85 -13.49 13.69
C LEU A 276 -9.79 -13.22 14.86
N GLU A 277 -10.74 -14.13 15.08
CA GLU A 277 -11.73 -14.07 16.15
C GLU A 277 -10.93 -13.99 17.45
N ALA A 278 -10.05 -14.97 17.63
CA ALA A 278 -9.21 -15.02 18.82
C ALA A 278 -8.50 -13.68 19.05
N ILE A 279 -7.81 -13.18 18.04
CA ILE A 279 -7.10 -11.92 18.16
C ILE A 279 -8.00 -10.80 18.66
N ARG A 280 -9.15 -10.66 18.03
CA ARG A 280 -10.09 -9.60 18.40
C ARG A 280 -10.59 -9.78 19.83
N LEU A 281 -11.06 -10.98 20.15
CA LEU A 281 -11.60 -11.23 21.47
C LEU A 281 -10.60 -10.84 22.57
N CYS A 282 -9.38 -11.33 22.45
CA CYS A 282 -8.37 -11.02 23.44
C CYS A 282 -8.08 -9.52 23.44
N ALA A 283 -7.90 -8.95 22.24
CA ALA A 283 -7.63 -7.54 22.13
C ALA A 283 -8.73 -6.71 22.81
N ARG A 284 -9.98 -7.01 22.47
CA ARG A 284 -11.13 -6.29 23.00
C ARG A 284 -11.49 -6.48 24.46
N THR A 285 -10.99 -7.56 25.08
CA THR A 285 -11.28 -7.80 26.49
C THR A 285 -10.11 -7.51 27.41
N GLU A 286 -8.91 -7.38 26.87
CA GLU A 286 -7.77 -7.14 27.74
C GLU A 286 -6.83 -6.06 27.25
N GLY A 287 -7.12 -5.53 26.06
CA GLY A 287 -6.24 -4.52 25.51
C GLY A 287 -4.90 -5.13 25.16
N MET A 288 -4.87 -6.46 25.00
CA MET A 288 -3.64 -7.17 24.64
C MET A 288 -3.68 -7.71 23.18
N LEU A 289 -2.83 -7.14 22.32
CA LEU A 289 -2.77 -7.53 20.91
C LEU A 289 -1.93 -8.75 20.62
N THR A 290 -2.32 -9.51 19.60
CA THR A 290 -1.60 -10.71 19.14
C THR A 290 -1.60 -10.70 17.61
N ASP A 291 -0.64 -11.40 16.98
CA ASP A 291 -0.55 -11.42 15.52
C ASP A 291 -1.19 -12.61 14.81
N PRO A 292 -1.47 -12.47 13.50
CA PRO A 292 -2.09 -13.55 12.72
C PRO A 292 -1.18 -14.72 12.36
N VAL A 293 0.11 -14.61 12.62
CA VAL A 293 1.03 -15.69 12.29
C VAL A 293 1.30 -16.64 13.45
N TYR A 294 1.69 -16.08 14.59
CA TYR A 294 2.03 -16.87 15.78
C TYR A 294 1.08 -16.83 16.98
N GLU A 295 1.16 -15.74 17.74
CA GLU A 295 0.37 -15.56 18.96
C GLU A 295 -1.14 -15.61 18.80
N GLY A 296 -1.65 -15.13 17.67
CA GLY A 296 -3.08 -15.18 17.46
C GLY A 296 -3.52 -16.63 17.39
N LYS A 297 -2.62 -17.51 16.98
CA LYS A 297 -2.91 -18.92 16.88
C LYS A 297 -2.84 -19.60 18.25
N SER A 298 -1.79 -19.31 19.03
CA SER A 298 -1.71 -19.91 20.35
C SER A 298 -2.88 -19.41 21.22
N MET A 299 -3.22 -18.12 21.11
CA MET A 299 -4.33 -17.54 21.86
C MET A 299 -5.58 -18.27 21.41
N HIS A 300 -5.68 -18.50 20.10
CA HIS A 300 -6.83 -19.20 19.56
C HIS A 300 -6.93 -20.55 20.25
N GLY A 301 -5.82 -21.29 20.25
CA GLY A 301 -5.79 -22.59 20.87
C GLY A 301 -6.23 -22.57 22.32
N MET A 302 -5.66 -21.66 23.10
CA MET A 302 -6.02 -21.55 24.51
C MET A 302 -7.53 -21.29 24.70
N ILE A 303 -8.03 -20.28 24.01
CA ILE A 303 -9.44 -19.95 24.11
C ILE A 303 -10.30 -21.17 23.77
N GLU A 304 -9.96 -21.84 22.68
CA GLU A 304 -10.69 -23.02 22.26
C GLU A 304 -10.60 -24.13 23.30
N MET A 305 -9.44 -24.26 23.94
CA MET A 305 -9.24 -25.29 24.96
C MET A 305 -10.17 -25.01 26.13
N VAL A 306 -10.21 -23.76 26.56
CA VAL A 306 -11.07 -23.36 27.66
C VAL A 306 -12.53 -23.59 27.26
N ARG A 307 -12.89 -23.15 26.07
CA ARG A 307 -14.25 -23.30 25.60
C ARG A 307 -14.70 -24.76 25.49
N ASN A 308 -13.74 -25.66 25.32
CA ASN A 308 -14.06 -27.09 25.19
C ASN A 308 -14.01 -27.86 26.50
N GLY A 309 -13.67 -27.17 27.59
CA GLY A 309 -13.60 -27.82 28.88
C GLY A 309 -12.37 -28.73 29.01
N GLU A 310 -11.43 -28.61 28.09
CA GLU A 310 -10.23 -29.43 28.11
C GLU A 310 -9.30 -29.10 29.26
N PHE A 311 -9.59 -28.00 29.96
CA PHE A 311 -8.79 -27.61 31.10
C PHE A 311 -9.58 -27.91 32.35
N PRO A 312 -8.94 -28.50 33.35
CA PRO A 312 -9.64 -28.83 34.60
C PRO A 312 -10.20 -27.56 35.26
N GLU A 313 -11.45 -27.58 35.68
CA GLU A 313 -12.06 -26.43 36.33
C GLU A 313 -11.16 -25.96 37.48
N GLY A 314 -10.93 -24.66 37.57
CA GLY A 314 -10.07 -24.13 38.61
C GLY A 314 -8.62 -24.05 38.21
N SER A 315 -8.28 -24.60 37.04
CA SER A 315 -6.90 -24.58 36.57
C SER A 315 -6.41 -23.14 36.35
N ARG A 316 -5.10 -22.94 36.53
CA ARG A 316 -4.50 -21.64 36.28
C ARG A 316 -3.57 -21.87 35.07
N VAL A 317 -3.94 -21.30 33.93
CA VAL A 317 -3.19 -21.44 32.68
C VAL A 317 -2.37 -20.18 32.35
N LEU A 318 -1.05 -20.33 32.28
CA LEU A 318 -0.18 -19.20 31.96
C LEU A 318 0.14 -19.12 30.46
N TYR A 319 -0.41 -18.10 29.79
CA TYR A 319 -0.17 -17.88 28.35
C TYR A 319 1.12 -17.09 28.16
N ALA A 320 2.00 -17.58 27.31
CA ALA A 320 3.24 -16.90 27.07
C ALA A 320 3.08 -16.05 25.81
N HIS A 321 3.16 -14.74 25.96
CA HIS A 321 3.04 -13.88 24.80
C HIS A 321 4.47 -13.68 24.30
N LEU A 322 4.77 -14.32 23.18
CA LEU A 322 6.10 -14.28 22.62
C LEU A 322 6.47 -13.03 21.83
N GLY A 323 5.46 -12.25 21.44
CA GLY A 323 5.67 -11.03 20.67
C GLY A 323 4.98 -11.08 19.31
N GLY A 324 5.70 -10.68 18.27
CA GLY A 324 5.21 -10.70 16.90
C GLY A 324 4.16 -9.72 16.43
N VAL A 325 3.72 -8.78 17.28
CA VAL A 325 2.67 -7.84 16.89
C VAL A 325 2.97 -6.94 15.67
N PRO A 326 4.22 -6.47 15.51
CA PRO A 326 4.53 -5.61 14.35
C PRO A 326 4.13 -6.21 13.00
N ALA A 327 4.04 -7.54 12.92
CA ALA A 327 3.70 -8.18 11.64
C ALA A 327 2.26 -7.84 11.20
N LEU A 328 1.48 -7.37 12.16
CA LEU A 328 0.10 -6.97 11.95
C LEU A 328 0.00 -6.07 10.72
N ASN A 329 0.98 -5.17 10.56
CA ASN A 329 1.03 -4.24 9.45
C ASN A 329 1.06 -4.90 8.07
N GLY A 330 1.48 -6.16 8.03
CA GLY A 330 1.54 -6.87 6.76
C GLY A 330 0.18 -7.49 6.41
N TYR A 331 -0.81 -7.33 7.28
CA TYR A 331 -2.12 -7.90 7.02
C TYR A 331 -3.19 -6.85 7.25
N SER A 332 -2.92 -5.64 6.78
CA SER A 332 -3.84 -4.52 6.98
C SER A 332 -5.28 -4.68 6.44
N PHE A 333 -5.46 -5.20 5.23
CA PHE A 333 -6.79 -5.34 4.64
C PHE A 333 -7.76 -6.21 5.49
N ILE A 334 -7.26 -7.33 5.97
CA ILE A 334 -8.03 -8.24 6.79
C ILE A 334 -8.57 -7.53 8.03
N PHE A 335 -7.87 -6.50 8.51
CA PHE A 335 -8.32 -5.75 9.69
C PHE A 335 -8.86 -4.33 9.40
N ARG A 336 -9.12 -4.03 8.13
CA ARG A 336 -9.60 -2.70 7.72
C ARG A 336 -10.84 -2.20 8.46
N ASP A 337 -11.75 -3.11 8.82
CA ASP A 337 -12.95 -2.73 9.56
C ASP A 337 -12.83 -3.28 10.99
N GLY A 338 -11.61 -3.59 11.41
CA GLY A 338 -11.44 -4.13 12.74
C GLY A 338 -11.09 -5.62 12.72
N MET B 1 5.13 20.81 46.89
CA MET B 1 3.87 20.36 46.22
C MET B 1 3.40 19.00 46.75
N ASN B 2 2.18 18.62 46.37
CA ASN B 2 1.62 17.34 46.79
C ASN B 2 0.79 16.69 45.68
N LEU B 3 1.42 15.75 44.98
CA LEU B 3 0.78 15.05 43.88
C LEU B 3 -0.03 13.88 44.43
N GLN B 4 0.44 13.33 45.55
CA GLN B 4 -0.19 12.20 46.21
C GLN B 4 -1.69 12.37 46.44
N ARG B 5 -2.13 13.62 46.51
CA ARG B 5 -3.54 13.89 46.73
C ARG B 5 -4.40 13.32 45.62
N PHE B 6 -3.82 13.14 44.43
CA PHE B 6 -4.61 12.60 43.32
C PHE B 6 -4.38 11.12 43.07
N PRO B 7 -5.47 10.36 42.99
CA PRO B 7 -5.42 8.92 42.75
C PRO B 7 -4.83 8.61 41.38
N ARG B 8 -4.09 7.50 41.29
CA ARG B 8 -3.48 7.08 40.04
C ARG B 8 -3.90 5.66 39.71
N TYR B 9 -4.52 5.46 38.56
CA TYR B 9 -4.92 4.11 38.19
C TYR B 9 -3.75 3.49 37.43
N PRO B 10 -3.15 2.42 37.99
CA PRO B 10 -2.02 1.75 37.34
C PRO B 10 -2.31 1.20 35.94
N LEU B 11 -1.60 1.75 34.96
CA LEU B 11 -1.77 1.32 33.59
C LEU B 11 -0.40 0.91 33.05
N THR B 12 0.62 1.12 33.86
CA THR B 12 1.98 0.82 33.46
C THR B 12 2.60 -0.29 34.29
N PHE B 13 3.81 -0.71 33.94
CA PHE B 13 4.48 -1.76 34.70
C PHE B 13 5.09 -1.18 35.96
N GLY B 14 5.42 0.10 35.94
CA GLY B 14 6.04 0.75 37.08
C GLY B 14 6.96 1.81 36.55
N PRO B 15 7.87 2.38 37.36
CA PRO B 15 8.75 3.40 36.81
C PRO B 15 9.45 2.88 35.57
N THR B 16 9.60 3.77 34.58
CA THR B 16 10.24 3.46 33.33
C THR B 16 11.75 3.51 33.48
N PRO B 17 12.46 2.55 32.87
CA PRO B 17 13.92 2.52 32.97
C PRO B 17 14.69 3.63 32.27
N ILE B 18 15.90 3.88 32.75
CA ILE B 18 16.81 4.86 32.17
C ILE B 18 18.02 4.10 31.65
N GLN B 19 18.36 4.30 30.37
CA GLN B 19 19.47 3.61 29.76
C GLN B 19 20.49 4.56 29.17
N PRO B 20 21.76 4.18 29.20
CA PRO B 20 22.84 5.01 28.66
C PRO B 20 22.86 4.86 27.15
N LEU B 21 23.11 5.95 26.44
CA LEU B 21 23.22 5.92 25.00
C LEU B 21 24.70 6.22 24.80
N ALA B 22 25.51 5.26 25.24
CA ALA B 22 26.97 5.35 25.18
C ALA B 22 27.49 5.38 23.76
N ARG B 23 26.96 4.52 22.90
CA ARG B 23 27.44 4.49 21.53
C ARG B 23 27.14 5.81 20.82
N LEU B 24 25.93 6.32 21.02
CA LEU B 24 25.56 7.58 20.38
C LEU B 24 26.36 8.70 21.02
N SER B 25 26.48 8.66 22.35
CA SER B 25 27.25 9.68 23.06
C SER B 25 28.66 9.75 22.49
N LYS B 26 29.29 8.58 22.37
CA LYS B 26 30.64 8.48 21.84
C LYS B 26 30.74 8.94 20.40
N HIS B 27 29.74 8.59 19.59
CA HIS B 27 29.72 8.95 18.19
C HIS B 27 29.73 10.46 17.97
N LEU B 28 29.12 11.18 18.90
CA LEU B 28 29.03 12.63 18.80
C LEU B 28 30.22 13.42 19.38
N GLY B 29 31.12 12.72 20.08
CA GLY B 29 32.27 13.41 20.62
C GLY B 29 32.62 13.01 22.03
N GLY B 30 31.79 12.18 22.65
CA GLY B 30 32.09 11.77 24.01
C GLY B 30 32.13 12.90 25.02
N LYS B 31 31.73 14.11 24.61
CA LYS B 31 31.72 15.24 25.53
C LYS B 31 30.41 15.37 26.31
N VAL B 32 29.34 14.77 25.79
CA VAL B 32 28.04 14.85 26.46
C VAL B 32 27.49 13.45 26.66
N HIS B 33 27.11 13.15 27.90
CA HIS B 33 26.58 11.83 28.24
C HIS B 33 25.06 11.79 28.09
N LEU B 34 24.62 11.07 27.05
CA LEU B 34 23.21 10.94 26.75
C LEU B 34 22.57 9.72 27.34
N TYR B 35 21.34 9.87 27.82
CA TYR B 35 20.61 8.75 28.38
C TYR B 35 19.22 8.71 27.75
N ALA B 36 18.44 7.70 28.08
CA ALA B 36 17.09 7.59 27.55
C ALA B 36 16.18 6.99 28.61
N LYS B 37 15.06 7.67 28.88
CA LYS B 37 14.10 7.16 29.84
C LYS B 37 13.00 6.59 28.93
N ARG B 38 12.80 5.28 29.03
CA ARG B 38 11.87 4.58 28.16
C ARG B 38 10.40 4.68 28.46
N GLU B 39 9.80 5.83 28.16
CA GLU B 39 8.36 6.01 28.37
C GLU B 39 7.63 5.18 27.33
N ASP B 40 8.30 4.95 26.21
CA ASP B 40 7.76 4.16 25.12
C ASP B 40 7.57 2.68 25.46
N CYS B 41 8.24 2.20 26.52
CA CYS B 41 8.15 0.80 26.97
C CYS B 41 7.49 0.70 28.35
N ASN B 42 6.49 1.54 28.62
CA ASN B 42 5.87 1.55 29.93
C ASN B 42 4.63 0.70 30.15
N SER B 43 4.07 0.10 29.11
CA SER B 43 2.84 -0.65 29.29
C SER B 43 2.63 -1.84 28.34
N GLY B 44 1.75 -2.76 28.74
CA GLY B 44 1.45 -3.92 27.92
C GLY B 44 0.21 -3.63 27.13
N LEU B 45 -0.30 -2.41 27.30
CA LEU B 45 -1.50 -1.98 26.60
C LEU B 45 -1.12 -1.32 25.27
N ALA B 46 -1.03 -2.15 24.25
CA ALA B 46 -0.70 -1.76 22.89
C ALA B 46 0.49 -0.80 22.74
N PHE B 47 1.62 -1.16 23.34
CA PHE B 47 2.88 -0.39 23.29
C PHE B 47 2.95 0.84 24.15
N GLY B 48 1.79 1.29 24.64
CA GLY B 48 1.73 2.44 25.51
C GLY B 48 2.44 3.66 24.99
N GLY B 49 3.14 4.36 25.89
CA GLY B 49 3.84 5.57 25.53
C GLY B 49 3.46 6.69 26.51
N ASN B 50 3.91 7.92 26.23
CA ASN B 50 3.65 9.05 27.12
C ASN B 50 2.17 9.31 27.47
N LYS B 51 1.27 9.15 26.51
CA LYS B 51 -0.13 9.38 26.80
C LYS B 51 -0.67 8.38 27.85
N THR B 52 -0.03 7.21 27.95
CA THR B 52 -0.49 6.22 28.91
C THR B 52 -0.12 6.63 30.34
N ARG B 53 0.98 7.35 30.53
CA ARG B 53 1.35 7.78 31.87
C ARG B 53 0.27 8.82 32.26
N LYS B 54 -0.03 9.71 31.32
CA LYS B 54 -1.03 10.71 31.56
C LYS B 54 -2.35 10.07 31.96
N LEU B 55 -2.83 9.13 31.16
CA LEU B 55 -4.12 8.52 31.46
C LEU B 55 -4.28 7.92 32.85
N GLU B 56 -3.18 7.67 33.55
CA GLU B 56 -3.28 7.09 34.89
C GLU B 56 -3.97 8.05 35.88
N TYR B 57 -3.97 9.34 35.55
CA TYR B 57 -4.60 10.30 36.43
C TYR B 57 -5.99 10.68 35.99
N LEU B 58 -6.36 10.32 34.76
CA LEU B 58 -7.71 10.62 34.29
C LEU B 58 -8.69 9.51 34.58
N ILE B 59 -8.25 8.26 34.43
CA ILE B 59 -9.11 7.11 34.63
C ILE B 59 -9.95 7.17 35.91
N PRO B 60 -9.32 7.48 37.06
CA PRO B 60 -10.06 7.56 38.33
C PRO B 60 -11.31 8.46 38.20
N GLU B 61 -11.15 9.64 37.61
CA GLU B 61 -12.29 10.53 37.46
C GLU B 61 -13.34 9.93 36.53
N ALA B 62 -12.89 9.16 35.55
CA ALA B 62 -13.79 8.50 34.62
C ALA B 62 -14.65 7.49 35.37
N LEU B 63 -13.99 6.68 36.20
CA LEU B 63 -14.66 5.66 36.99
C LEU B 63 -15.53 6.31 38.07
N ALA B 64 -14.94 7.26 38.80
CA ALA B 64 -15.68 7.96 39.86
C ALA B 64 -16.98 8.53 39.30
N GLN B 65 -16.94 9.02 38.07
CA GLN B 65 -18.11 9.58 37.41
C GLN B 65 -19.01 8.49 36.82
N GLY B 66 -18.57 7.25 36.88
CA GLY B 66 -19.38 6.16 36.34
C GLY B 66 -19.55 6.19 34.82
N CYS B 67 -18.57 6.74 34.10
CA CYS B 67 -18.63 6.78 32.64
C CYS B 67 -18.41 5.35 32.12
N ASP B 68 -18.99 5.04 30.97
CA ASP B 68 -18.86 3.70 30.41
C ASP B 68 -18.21 3.75 29.02
N THR B 69 -17.85 4.95 28.59
CA THR B 69 -17.23 5.10 27.27
C THR B 69 -16.15 6.16 27.27
N LEU B 70 -14.96 5.82 26.79
CA LEU B 70 -13.89 6.82 26.71
C LEU B 70 -13.94 7.37 25.30
N VAL B 71 -13.97 8.69 25.17
CA VAL B 71 -14.00 9.32 23.86
C VAL B 71 -12.81 10.26 23.70
N SER B 72 -12.04 10.07 22.63
CA SER B 72 -10.89 10.94 22.42
C SER B 72 -10.72 11.28 20.97
N ILE B 73 -9.70 12.07 20.68
CA ILE B 73 -9.50 12.56 19.34
C ILE B 73 -8.01 12.72 18.97
N GLY B 74 -7.75 12.75 17.67
CA GLY B 74 -6.39 12.93 17.18
C GLY B 74 -6.31 12.74 15.68
N GLY B 75 -5.09 12.86 15.17
CA GLY B 75 -4.85 12.67 13.74
C GLY B 75 -4.96 11.19 13.47
N ILE B 76 -4.88 10.82 12.19
CA ILE B 76 -4.98 9.44 11.75
C ILE B 76 -3.97 8.48 12.38
N GLN B 77 -2.72 8.90 12.52
CA GLN B 77 -1.70 8.05 13.12
C GLN B 77 -1.46 8.42 14.56
N SER B 78 -2.49 8.97 15.19
CA SER B 78 -2.46 9.37 16.60
C SER B 78 -2.06 8.20 17.50
N ASN B 79 -1.12 8.45 18.39
CA ASN B 79 -0.67 7.46 19.36
C ASN B 79 -1.69 7.46 20.50
N GLN B 80 -2.14 8.66 20.86
CA GLN B 80 -3.13 8.91 21.89
C GLN B 80 -4.40 8.09 21.69
N THR B 81 -5.04 8.22 20.53
CA THR B 81 -6.26 7.47 20.33
C THR B 81 -6.04 5.96 20.45
N ARG B 82 -4.88 5.48 20.00
CA ARG B 82 -4.54 4.06 20.08
C ARG B 82 -4.42 3.65 21.55
N GLN B 83 -3.68 4.44 22.33
CA GLN B 83 -3.57 4.15 23.74
C GLN B 83 -4.94 4.18 24.44
N VAL B 84 -5.77 5.17 24.15
CA VAL B 84 -7.09 5.23 24.79
C VAL B 84 -7.94 4.01 24.45
N ALA B 85 -7.78 3.51 23.23
CA ALA B 85 -8.53 2.33 22.79
C ALA B 85 -8.07 1.11 23.59
N ALA B 86 -6.77 0.99 23.84
CA ALA B 86 -6.26 -0.14 24.61
C ALA B 86 -6.71 -0.02 26.06
N VAL B 87 -6.48 1.15 26.65
CA VAL B 87 -6.88 1.39 28.04
C VAL B 87 -8.36 1.05 28.19
N ALA B 88 -9.18 1.53 27.26
CA ALA B 88 -10.60 1.26 27.28
C ALA B 88 -10.93 -0.24 27.40
N ALA B 89 -10.44 -1.03 26.44
CA ALA B 89 -10.68 -2.47 26.43
C ALA B 89 -10.24 -3.11 27.75
N HIS B 90 -9.11 -2.67 28.25
CA HIS B 90 -8.59 -3.21 29.48
C HIS B 90 -9.53 -2.94 30.66
N LEU B 91 -10.22 -1.80 30.62
CA LEU B 91 -11.13 -1.42 31.69
C LEU B 91 -12.58 -1.86 31.49
N GLY B 92 -12.89 -2.39 30.30
CA GLY B 92 -14.26 -2.83 30.06
C GLY B 92 -15.16 -1.73 29.55
N MET B 93 -14.55 -0.65 29.07
CA MET B 93 -15.31 0.48 28.56
C MET B 93 -15.35 0.51 27.04
N LYS B 94 -16.39 1.10 26.48
CA LYS B 94 -16.51 1.24 25.02
C LYS B 94 -15.57 2.39 24.66
N CYS B 95 -15.38 2.61 23.37
CA CYS B 95 -14.47 3.68 22.94
C CYS B 95 -14.83 4.27 21.60
N VAL B 96 -14.86 5.60 21.55
CA VAL B 96 -15.15 6.32 20.34
C VAL B 96 -14.00 7.28 20.10
N LEU B 97 -13.42 7.18 18.91
CA LEU B 97 -12.29 7.99 18.54
C LEU B 97 -12.55 8.81 17.30
N VAL B 98 -12.25 10.10 17.40
CA VAL B 98 -12.43 10.97 16.27
C VAL B 98 -11.04 11.03 15.66
N GLN B 99 -10.93 10.58 14.41
CA GLN B 99 -9.65 10.62 13.72
C GLN B 99 -9.77 11.66 12.60
N GLU B 100 -9.04 12.76 12.73
CA GLU B 100 -9.10 13.82 11.73
C GLU B 100 -7.88 13.83 10.84
N ASN B 101 -8.00 14.43 9.66
CA ASN B 101 -6.88 14.49 8.74
C ASN B 101 -5.97 15.67 9.10
N TRP B 102 -5.17 15.51 10.14
CA TRP B 102 -4.27 16.56 10.62
C TRP B 102 -2.96 16.74 9.88
N VAL B 103 -2.66 15.86 8.93
CA VAL B 103 -1.40 15.92 8.23
C VAL B 103 -1.57 15.97 6.71
N ASN B 104 -0.84 16.87 6.06
CA ASN B 104 -0.89 16.98 4.60
C ASN B 104 0.01 15.89 4.07
N TYR B 105 -0.46 14.66 4.16
CA TYR B 105 0.29 13.49 3.74
C TYR B 105 -0.68 12.50 3.11
N SER B 106 -0.25 11.76 2.09
CA SER B 106 -1.17 10.81 1.49
C SER B 106 -0.48 9.52 1.10
N ASP B 107 -0.44 8.60 2.05
CA ASP B 107 0.17 7.30 1.86
C ASP B 107 -1.02 6.36 1.65
N ALA B 108 -0.83 5.38 0.78
CA ALA B 108 -1.88 4.42 0.45
C ALA B 108 -2.43 3.62 1.63
N VAL B 109 -1.62 3.39 2.65
CA VAL B 109 -2.10 2.58 3.78
C VAL B 109 -2.05 3.37 5.07
N TYR B 110 -2.03 4.70 4.96
CA TYR B 110 -1.94 5.58 6.12
C TYR B 110 -3.06 5.40 7.13
N ASP B 111 -4.25 5.03 6.68
CA ASP B 111 -5.36 4.85 7.61
C ASP B 111 -5.67 3.37 7.84
N ARG B 112 -4.70 2.51 7.55
CA ARG B 112 -4.88 1.07 7.73
C ARG B 112 -3.75 0.30 8.40
N VAL B 113 -2.71 1.00 8.85
CA VAL B 113 -1.60 0.34 9.52
C VAL B 113 -1.23 1.09 10.80
N GLY B 114 -0.24 0.58 11.52
CA GLY B 114 0.20 1.25 12.71
C GLY B 114 -0.87 1.52 13.76
N ASN B 115 -0.90 2.75 14.26
CA ASN B 115 -1.85 3.13 15.32
C ASN B 115 -3.34 2.96 15.06
N ILE B 116 -3.82 3.43 13.92
CA ILE B 116 -5.25 3.34 13.67
C ILE B 116 -5.68 1.90 13.54
N GLN B 117 -4.86 1.09 12.90
CA GLN B 117 -5.15 -0.32 12.73
C GLN B 117 -5.36 -0.99 14.07
N MET B 118 -4.47 -0.71 15.03
CA MET B 118 -4.59 -1.32 16.35
C MET B 118 -5.89 -0.88 17.05
N SER B 119 -6.27 0.39 16.88
CA SER B 119 -7.49 0.87 17.51
C SER B 119 -8.71 0.10 17.01
N ARG B 120 -8.77 -0.17 15.72
CA ARG B 120 -9.92 -0.92 15.21
C ARG B 120 -9.91 -2.35 15.78
N ILE B 121 -8.73 -2.97 15.83
CA ILE B 121 -8.65 -4.33 16.38
C ILE B 121 -9.08 -4.30 17.85
N LEU B 122 -8.63 -3.26 18.56
CA LEU B 122 -8.96 -3.10 19.97
C LEU B 122 -10.46 -2.86 20.22
N GLY B 123 -11.25 -2.80 19.14
CA GLY B 123 -12.68 -2.64 19.26
C GLY B 123 -13.26 -1.23 19.29
N ALA B 124 -12.42 -0.22 19.22
CA ALA B 124 -12.87 1.16 19.25
C ALA B 124 -13.70 1.48 18.02
N ASP B 125 -14.61 2.43 18.17
CA ASP B 125 -15.47 2.92 17.08
C ASP B 125 -14.63 4.04 16.47
N VAL B 126 -13.98 3.79 15.33
CA VAL B 126 -13.12 4.82 14.72
C VAL B 126 -13.80 5.64 13.64
N ARG B 127 -14.10 6.90 13.99
CA ARG B 127 -14.78 7.85 13.11
C ARG B 127 -13.85 8.79 12.36
N LEU B 128 -13.74 8.57 11.06
CA LEU B 128 -12.88 9.37 10.21
C LEU B 128 -13.70 10.47 9.57
N VAL B 129 -13.29 11.71 9.79
CA VAL B 129 -13.98 12.88 9.27
C VAL B 129 -13.43 13.39 7.95
N SER B 140 -17.40 17.63 15.08
CA SER B 140 -17.14 16.20 15.12
C SER B 140 -16.95 15.74 16.56
N TRP B 141 -16.22 16.54 17.32
CA TRP B 141 -15.93 16.27 18.71
C TRP B 141 -17.24 16.16 19.49
N GLU B 142 -17.99 17.26 19.51
CA GLU B 142 -19.26 17.30 20.21
C GLU B 142 -20.27 16.28 19.68
N ASP B 143 -20.21 16.02 18.38
CA ASP B 143 -21.15 15.08 17.76
C ASP B 143 -20.90 13.68 18.30
N ALA B 144 -19.63 13.39 18.58
CA ALA B 144 -19.26 12.09 19.10
C ALA B 144 -19.76 11.94 20.53
N LEU B 145 -19.47 12.95 21.34
CA LEU B 145 -19.88 12.97 22.73
C LEU B 145 -21.38 12.81 22.84
N GLU B 146 -22.11 13.66 22.11
CA GLU B 146 -23.56 13.61 22.12
C GLU B 146 -24.03 12.24 21.66
N SER B 147 -23.33 11.70 20.66
CA SER B 147 -23.66 10.39 20.11
C SER B 147 -23.74 9.36 21.23
N VAL B 148 -22.78 9.43 22.13
CA VAL B 148 -22.71 8.49 23.25
C VAL B 148 -23.88 8.61 24.23
N ARG B 149 -24.23 9.85 24.55
CA ARG B 149 -25.35 10.08 25.46
C ARG B 149 -26.60 9.52 24.79
N ALA B 150 -26.90 10.03 23.59
CA ALA B 150 -28.07 9.60 22.84
C ALA B 150 -28.20 8.08 22.74
N ALA B 151 -27.09 7.36 22.87
CA ALA B 151 -27.15 5.91 22.77
C ALA B 151 -27.40 5.28 24.13
N GLY B 152 -27.40 6.10 25.18
CA GLY B 152 -27.64 5.60 26.52
C GLY B 152 -26.41 5.39 27.37
N GLY B 153 -25.27 5.90 26.93
CA GLY B 153 -24.06 5.73 27.70
C GLY B 153 -23.53 7.03 28.26
N LYS B 154 -22.55 6.95 29.14
CA LYS B 154 -21.94 8.12 29.73
C LYS B 154 -20.48 8.20 29.29
N PRO B 155 -20.16 9.20 28.46
CA PRO B 155 -18.81 9.41 27.92
C PRO B 155 -17.90 10.23 28.81
N TYR B 156 -16.61 9.89 28.77
CA TYR B 156 -15.59 10.62 29.51
C TYR B 156 -14.77 11.34 28.43
N ALA B 157 -14.82 12.68 28.42
CA ALA B 157 -14.10 13.44 27.40
C ALA B 157 -12.60 13.59 27.62
N ILE B 158 -11.83 12.98 26.72
CA ILE B 158 -10.36 13.07 26.76
C ILE B 158 -9.90 13.89 25.57
N PRO B 159 -9.46 15.13 25.82
CA PRO B 159 -8.99 16.02 24.74
C PRO B 159 -7.68 15.50 24.10
N ALA B 160 -7.31 16.10 22.98
CA ALA B 160 -6.10 15.72 22.26
C ALA B 160 -4.90 15.53 23.19
N GLY B 161 -4.31 14.35 23.15
CA GLY B 161 -3.15 14.09 23.99
C GLY B 161 -3.38 14.21 25.48
N CYS B 162 -4.64 14.37 25.90
CA CYS B 162 -4.97 14.52 27.31
C CYS B 162 -4.45 15.85 27.82
N SER B 163 -3.93 16.68 26.92
CA SER B 163 -3.36 17.94 27.36
C SER B 163 -4.25 19.02 28.01
N ASP B 164 -5.19 19.61 27.27
CA ASP B 164 -6.01 20.64 27.89
C ASP B 164 -7.12 20.02 28.72
N HIS B 165 -6.72 19.49 29.86
CA HIS B 165 -7.63 18.84 30.78
C HIS B 165 -7.02 19.08 32.16
N PRO B 166 -7.87 19.31 33.16
CA PRO B 166 -7.48 19.57 34.54
C PRO B 166 -6.46 18.59 35.13
N LEU B 167 -6.63 17.32 34.83
CA LEU B 167 -5.73 16.28 35.34
C LEU B 167 -4.65 15.93 34.34
N GLY B 168 -4.72 16.52 33.16
CA GLY B 168 -3.78 16.25 32.09
C GLY B 168 -2.29 16.45 32.29
N GLY B 169 -1.90 17.21 33.29
CA GLY B 169 -0.47 17.42 33.48
C GLY B 169 0.06 16.71 34.70
N LEU B 170 -0.82 16.04 35.43
CA LEU B 170 -0.41 15.32 36.64
C LEU B 170 0.58 14.20 36.36
N GLY B 171 0.30 13.45 35.29
CA GLY B 171 1.14 12.33 34.91
C GLY B 171 2.63 12.63 34.86
N PHE B 172 2.99 13.70 34.16
CA PHE B 172 4.39 14.04 34.05
C PHE B 172 4.97 14.87 35.20
N VAL B 173 4.13 15.14 36.19
CA VAL B 173 4.63 15.83 37.37
C VAL B 173 5.24 14.63 38.10
N GLY B 174 4.54 13.50 38.02
CA GLY B 174 5.04 12.29 38.64
C GLY B 174 6.35 11.88 37.98
N PHE B 175 6.44 12.12 36.67
CA PHE B 175 7.65 11.80 35.91
C PHE B 175 8.88 12.43 36.59
N ALA B 176 8.80 13.72 36.89
CA ALA B 176 9.90 14.43 37.54
C ALA B 176 10.17 13.82 38.92
N GLU B 177 9.13 13.31 39.54
CA GLU B 177 9.24 12.68 40.84
C GLU B 177 10.15 11.46 40.64
N GLU B 178 9.70 10.57 39.77
CA GLU B 178 10.41 9.34 39.43
C GLU B 178 11.88 9.60 39.12
N VAL B 179 12.14 10.62 38.32
CA VAL B 179 13.51 10.94 37.96
C VAL B 179 14.33 11.28 39.20
N ARG B 180 13.75 12.03 40.13
CA ARG B 180 14.49 12.37 41.36
C ARG B 180 14.80 11.08 42.12
N ALA B 181 13.80 10.23 42.30
CA ALA B 181 14.00 8.97 43.01
C ALA B 181 15.12 8.15 42.35
N GLN B 182 15.13 8.13 41.01
CA GLN B 182 16.15 7.38 40.28
C GLN B 182 17.52 8.04 40.31
N GLU B 183 17.57 9.36 40.46
CA GLU B 183 18.86 10.03 40.53
C GLU B 183 19.49 9.68 41.87
N ALA B 184 18.65 9.52 42.88
CA ALA B 184 19.10 9.16 44.21
C ALA B 184 19.86 7.85 44.11
N GLU B 185 19.25 6.87 43.44
CA GLU B 185 19.86 5.56 43.23
C GLU B 185 21.13 5.63 42.42
N LEU B 186 21.12 6.39 41.34
CA LEU B 186 22.30 6.52 40.50
C LEU B 186 23.37 7.30 41.22
N GLY B 187 22.96 8.14 42.17
CA GLY B 187 23.92 8.92 42.91
C GLY B 187 24.40 10.13 42.11
N PHE B 188 23.55 10.62 41.21
CA PHE B 188 23.87 11.80 40.43
C PHE B 188 22.62 12.38 39.80
N LYS B 189 22.67 13.65 39.44
CA LYS B 189 21.52 14.33 38.84
C LYS B 189 21.72 14.63 37.36
N PHE B 190 20.67 14.50 36.56
CA PHE B 190 20.78 14.81 35.15
C PHE B 190 20.75 16.33 35.04
N ASP B 191 21.54 16.89 34.14
CA ASP B 191 21.58 18.33 33.95
C ASP B 191 20.43 18.85 33.09
N TYR B 192 20.02 18.09 32.08
CA TYR B 192 18.92 18.50 31.21
C TYR B 192 18.01 17.35 30.87
N VAL B 193 16.87 17.67 30.26
CA VAL B 193 15.92 16.67 29.83
C VAL B 193 15.40 17.15 28.49
N VAL B 194 15.43 16.28 27.50
CA VAL B 194 14.93 16.61 26.18
C VAL B 194 13.57 15.93 26.01
N VAL B 195 12.57 16.69 25.61
CA VAL B 195 11.24 16.16 25.43
C VAL B 195 10.56 16.79 24.21
N CYS B 196 9.77 15.98 23.52
CA CYS B 196 9.06 16.44 22.34
C CYS B 196 7.73 17.03 22.77
N SER B 197 7.35 18.16 22.18
CA SER B 197 6.09 18.79 22.54
C SER B 197 5.19 19.16 21.37
N VAL B 198 3.90 18.89 21.55
CA VAL B 198 2.88 19.21 20.57
C VAL B 198 1.59 19.71 21.25
N THR B 199 0.83 18.87 21.96
CA THR B 199 -0.35 19.42 22.63
C THR B 199 0.00 20.02 23.99
N GLY B 200 1.18 19.71 24.51
CA GLY B 200 1.66 20.34 25.72
C GLY B 200 1.71 19.81 27.14
N SER B 201 0.78 18.97 27.59
CA SER B 201 0.85 18.57 28.99
C SER B 201 2.04 17.70 29.41
N THR B 202 2.78 17.17 28.44
CA THR B 202 3.94 16.35 28.77
C THR B 202 5.02 17.30 29.29
N GLN B 203 5.38 18.27 28.48
CA GLN B 203 6.38 19.23 28.94
C GLN B 203 5.84 20.02 30.13
N ALA B 204 4.54 20.30 30.13
CA ALA B 204 3.92 21.05 31.21
C ALA B 204 4.17 20.38 32.55
N GLY B 205 3.80 19.11 32.63
CA GLY B 205 3.99 18.36 33.86
C GLY B 205 5.43 18.31 34.28
N MET B 206 6.33 18.27 33.30
CA MET B 206 7.76 18.23 33.61
C MET B 206 8.22 19.54 34.23
N VAL B 207 7.78 20.64 33.63
CA VAL B 207 8.12 21.97 34.08
C VAL B 207 7.69 22.13 35.55
N VAL B 208 6.44 21.82 35.84
CA VAL B 208 5.94 21.91 37.19
C VAL B 208 6.78 21.06 38.14
N GLY B 209 6.89 19.77 37.80
CA GLY B 209 7.64 18.84 38.62
C GLY B 209 9.09 19.23 38.84
N PHE B 210 9.72 19.76 37.80
CA PHE B 210 11.12 20.11 37.92
C PHE B 210 11.35 21.51 38.44
N ALA B 211 10.27 22.29 38.51
CA ALA B 211 10.36 23.64 39.06
C ALA B 211 10.56 23.39 40.55
N ALA B 212 9.95 22.31 41.03
CA ALA B 212 10.02 21.90 42.42
C ALA B 212 11.44 21.85 42.94
N ASP B 213 12.42 21.56 42.06
CA ASP B 213 13.79 21.56 42.54
C ASP B 213 14.71 22.52 41.77
N GLY B 214 14.11 23.54 41.16
CA GLY B 214 14.88 24.55 40.45
C GLY B 214 15.44 24.17 39.10
N ARG B 215 14.80 23.20 38.43
CA ARG B 215 15.30 22.79 37.12
C ARG B 215 14.31 22.91 35.96
N ALA B 216 13.21 23.64 36.16
CA ALA B 216 12.22 23.80 35.11
C ALA B 216 12.85 24.29 33.82
N ASP B 217 13.83 25.18 33.93
CA ASP B 217 14.49 25.70 32.75
C ASP B 217 15.49 24.71 32.16
N ARG B 218 15.65 23.56 32.80
CA ARG B 218 16.58 22.54 32.29
C ARG B 218 15.81 21.52 31.44
N VAL B 219 14.48 21.69 31.37
CA VAL B 219 13.62 20.82 30.57
C VAL B 219 13.61 21.41 29.17
N ILE B 220 14.33 20.80 28.25
CA ILE B 220 14.41 21.32 26.90
C ILE B 220 13.40 20.73 25.94
N GLY B 221 12.33 21.49 25.69
CA GLY B 221 11.29 21.03 24.79
C GLY B 221 11.63 21.29 23.34
N VAL B 222 11.34 20.32 22.49
CA VAL B 222 11.61 20.47 21.08
C VAL B 222 10.22 20.43 20.47
N ASP B 223 9.93 21.44 19.68
CA ASP B 223 8.65 21.54 19.04
C ASP B 223 8.51 20.64 17.83
N ALA B 224 7.35 19.99 17.71
CA ALA B 224 7.08 19.11 16.59
C ALA B 224 5.73 19.45 15.95
N SER B 225 5.17 20.59 16.35
CA SER B 225 3.87 21.07 15.85
C SER B 225 4.07 21.96 14.64
N ALA B 226 5.21 22.67 14.64
CA ALA B 226 5.58 23.60 13.59
C ALA B 226 4.73 24.86 13.75
N LYS B 227 4.17 25.02 14.94
CA LYS B 227 3.35 26.17 15.32
C LYS B 227 3.84 26.44 16.73
N PRO B 228 5.14 26.74 16.86
CA PRO B 228 5.78 27.01 18.16
C PRO B 228 5.06 27.98 19.09
N ALA B 229 4.48 29.04 18.53
CA ALA B 229 3.80 30.03 19.36
C ALA B 229 2.65 29.39 20.13
N GLN B 230 1.73 28.74 19.43
CA GLN B 230 0.61 28.11 20.10
C GLN B 230 1.06 27.08 21.14
N THR B 231 1.86 26.12 20.69
CA THR B 231 2.36 25.07 21.55
C THR B 231 3.04 25.63 22.78
N ARG B 232 3.87 26.65 22.60
CA ARG B 232 4.58 27.27 23.72
C ARG B 232 3.57 27.83 24.72
N GLU B 233 2.55 28.49 24.19
CA GLU B 233 1.55 29.09 25.05
C GLU B 233 0.71 28.04 25.76
N GLN B 234 0.42 26.95 25.06
CA GLN B 234 -0.38 25.91 25.69
C GLN B 234 0.43 25.24 26.80
N ILE B 235 1.72 25.02 26.57
CA ILE B 235 2.56 24.41 27.59
C ILE B 235 2.55 25.31 28.82
N THR B 236 2.79 26.58 28.59
CA THR B 236 2.82 27.58 29.67
C THR B 236 1.52 27.61 30.45
N ARG B 237 0.41 27.72 29.72
CA ARG B 237 -0.89 27.76 30.36
C ARG B 237 -1.19 26.51 31.19
N ILE B 238 -0.88 25.33 30.65
CA ILE B 238 -1.13 24.09 31.36
C ILE B 238 -0.21 23.92 32.58
N ALA B 239 1.00 24.44 32.47
CA ALA B 239 1.97 24.35 33.57
C ALA B 239 1.44 25.17 34.73
N ARG B 240 0.89 26.34 34.39
CA ARG B 240 0.32 27.24 35.37
C ARG B 240 -0.89 26.63 36.08
N GLN B 241 -1.77 25.99 35.31
CA GLN B 241 -2.95 25.36 35.91
C GLN B 241 -2.54 24.17 36.73
N THR B 242 -1.60 23.39 36.20
CA THR B 242 -1.16 22.21 36.92
C THR B 242 -0.35 22.56 38.18
N ALA B 243 0.39 23.67 38.14
CA ALA B 243 1.19 24.06 39.30
C ALA B 243 0.25 24.36 40.46
N GLU B 244 -0.84 25.05 40.15
CA GLU B 244 -1.85 25.38 41.14
C GLU B 244 -2.46 24.09 41.67
N LYS B 245 -2.84 23.19 40.77
CA LYS B 245 -3.43 21.91 41.13
C LYS B 245 -2.59 21.13 42.15
N VAL B 246 -1.28 21.09 41.93
CA VAL B 246 -0.39 20.36 42.82
C VAL B 246 0.22 21.19 43.94
N GLY B 247 -0.19 22.46 44.01
CA GLY B 247 0.30 23.33 45.05
C GLY B 247 1.77 23.68 44.94
N LEU B 248 2.22 23.96 43.73
CA LEU B 248 3.61 24.33 43.56
C LEU B 248 3.82 25.60 44.38
N GLU B 249 4.87 25.61 45.18
CA GLU B 249 5.14 26.80 45.99
C GLU B 249 5.88 27.84 45.14
N ARG B 250 5.28 28.22 44.00
CA ARG B 250 5.86 29.20 43.09
C ARG B 250 5.03 29.46 41.82
N ASP B 251 5.49 30.44 41.04
CA ASP B 251 4.84 30.84 39.80
C ASP B 251 5.63 30.34 38.61
N ILE B 252 4.95 29.84 37.58
CA ILE B 252 5.65 29.37 36.38
C ILE B 252 5.88 30.59 35.50
N MET B 253 7.15 30.96 35.33
CA MET B 253 7.53 32.11 34.52
C MET B 253 7.83 31.69 33.07
N ARG B 254 7.76 32.65 32.15
CA ARG B 254 8.04 32.38 30.74
C ARG B 254 9.43 31.78 30.59
N ALA B 255 10.28 32.07 31.57
CA ALA B 255 11.65 31.58 31.57
C ALA B 255 11.68 30.09 31.87
N ASP B 256 10.62 29.60 32.52
CA ASP B 256 10.54 28.20 32.87
C ASP B 256 10.15 27.29 31.71
N VAL B 257 9.72 27.88 30.60
CA VAL B 257 9.30 27.11 29.45
C VAL B 257 10.22 27.28 28.25
N VAL B 258 11.11 26.31 28.06
CA VAL B 258 12.06 26.30 26.95
C VAL B 258 11.49 25.42 25.84
N LEU B 259 11.34 25.98 24.65
CA LEU B 259 10.80 25.24 23.51
C LEU B 259 11.59 25.56 22.25
N ASP B 260 12.45 24.64 21.84
CA ASP B 260 13.24 24.85 20.63
C ASP B 260 12.36 24.69 19.41
N GLU B 261 12.50 25.59 18.46
CA GLU B 261 11.68 25.59 17.25
C GLU B 261 12.41 25.19 15.98
N ARG B 262 13.70 24.90 16.10
CA ARG B 262 14.52 24.56 14.94
C ARG B 262 14.29 23.18 14.28
N PHE B 263 13.64 22.26 14.99
CA PHE B 263 13.47 20.93 14.47
C PHE B 263 12.07 20.43 14.13
N ALA B 264 11.13 21.34 13.89
CA ALA B 264 9.77 20.91 13.64
C ALA B 264 9.37 20.78 12.17
N GLY B 265 10.11 21.46 11.31
CA GLY B 265 9.78 21.44 9.90
C GLY B 265 9.77 20.10 9.23
N PRO B 266 9.14 20.03 8.04
CA PRO B 266 8.48 21.18 7.40
C PRO B 266 7.07 21.47 7.90
N GLU B 267 6.44 20.48 8.49
CA GLU B 267 5.08 20.63 9.01
C GLU B 267 4.87 19.56 10.06
N TYR B 268 3.74 19.64 10.74
CA TYR B 268 3.42 18.64 11.73
C TYR B 268 3.12 17.35 10.96
N GLY B 269 3.64 16.23 11.45
CA GLY B 269 3.41 14.95 10.80
C GLY B 269 4.31 14.66 9.62
N LEU B 270 5.16 15.62 9.24
CA LEU B 270 6.08 15.44 8.12
C LEU B 270 7.51 15.64 8.58
N PRO B 271 8.40 14.69 8.24
CA PRO B 271 9.80 14.78 8.64
C PRO B 271 10.68 15.50 7.62
N ASN B 272 11.84 15.99 8.07
CA ASN B 272 12.78 16.62 7.16
C ASN B 272 13.96 15.66 7.08
N GLU B 273 14.91 15.96 6.21
CA GLU B 273 16.09 15.12 6.02
C GLU B 273 16.85 14.89 7.32
N GLY B 274 16.83 15.88 8.21
CA GLY B 274 17.52 15.74 9.47
C GLY B 274 16.81 14.76 10.40
N THR B 275 15.49 14.76 10.31
CA THR B 275 14.67 13.86 11.11
C THR B 275 15.08 12.43 10.74
N LEU B 276 15.01 12.11 9.44
CA LEU B 276 15.37 10.79 8.95
C LEU B 276 16.81 10.43 9.35
N GLU B 277 17.74 11.35 9.17
CA GLU B 277 19.12 11.05 9.54
C GLU B 277 19.23 10.76 11.03
N ALA B 278 18.51 11.52 11.84
CA ALA B 278 18.54 11.32 13.27
C ALA B 278 17.98 9.95 13.67
N ILE B 279 16.87 9.55 13.03
CA ILE B 279 16.23 8.28 13.31
C ILE B 279 17.21 7.15 13.01
N ARG B 280 17.89 7.28 11.88
CA ARG B 280 18.87 6.29 11.48
C ARG B 280 20.06 6.20 12.41
N LEU B 281 20.68 7.34 12.71
CA LEU B 281 21.86 7.33 13.58
C LEU B 281 21.55 6.67 14.93
N CYS B 282 20.46 7.11 15.53
CA CYS B 282 20.07 6.61 16.83
C CYS B 282 19.78 5.11 16.77
N ALA B 283 19.02 4.70 15.76
CA ALA B 283 18.66 3.31 15.61
C ALA B 283 19.90 2.44 15.29
N ARG B 284 20.84 3.01 14.56
CA ARG B 284 22.03 2.27 14.17
C ARG B 284 23.13 2.23 15.20
N THR B 285 23.04 3.08 16.21
CA THR B 285 24.03 3.09 17.27
C THR B 285 23.51 2.50 18.58
N GLU B 286 22.19 2.50 18.77
CA GLU B 286 21.66 2.00 20.03
C GLU B 286 20.56 0.95 19.94
N GLY B 287 20.07 0.69 18.75
CA GLY B 287 19.03 -0.31 18.64
C GLY B 287 17.71 0.26 19.11
N MET B 288 17.69 1.58 19.25
CA MET B 288 16.50 2.31 19.71
C MET B 288 15.82 3.14 18.58
N LEU B 289 14.63 2.71 18.20
CA LEU B 289 13.82 3.33 17.16
C LEU B 289 13.04 4.60 17.58
N THR B 290 12.93 5.55 16.66
CA THR B 290 12.15 6.78 16.89
C THR B 290 11.27 6.98 15.65
N ASP B 291 10.27 7.84 15.75
CA ASP B 291 9.37 8.05 14.62
C ASP B 291 9.56 9.36 13.87
N PRO B 292 9.04 9.42 12.63
CA PRO B 292 9.11 10.57 11.72
C PRO B 292 8.29 11.78 12.20
N VAL B 293 7.36 11.57 13.11
CA VAL B 293 6.51 12.67 13.61
C VAL B 293 6.99 13.37 14.87
N TYR B 294 7.22 12.62 15.93
CA TYR B 294 7.64 13.23 17.20
C TYR B 294 9.08 13.01 17.66
N GLU B 295 9.36 11.81 18.14
CA GLU B 295 10.66 11.46 18.68
C GLU B 295 11.84 11.61 17.73
N GLY B 296 11.60 11.34 16.45
CA GLY B 296 12.67 11.52 15.49
C GLY B 296 13.08 12.98 15.48
N LYS B 297 12.10 13.86 15.75
CA LYS B 297 12.35 15.30 15.78
C LYS B 297 13.03 15.75 17.10
N SER B 298 12.61 15.19 18.23
CA SER B 298 13.28 15.58 19.49
C SER B 298 14.68 15.00 19.48
N MET B 299 14.81 13.80 18.91
CA MET B 299 16.09 13.09 18.81
C MET B 299 17.04 13.92 17.97
N HIS B 300 16.51 14.40 16.85
CA HIS B 300 17.27 15.23 15.93
C HIS B 300 17.76 16.46 16.68
N GLY B 301 16.85 17.09 17.43
CA GLY B 301 17.21 18.26 18.21
C GLY B 301 18.33 17.99 19.17
N MET B 302 18.20 16.94 19.98
CA MET B 302 19.25 16.63 20.95
C MET B 302 20.57 16.40 20.26
N ILE B 303 20.55 15.57 19.20
CA ILE B 303 21.77 15.26 18.48
C ILE B 303 22.46 16.53 18.00
N GLU B 304 21.69 17.36 17.33
CA GLU B 304 22.18 18.62 16.78
C GLU B 304 22.72 19.52 17.90
N MET B 305 22.06 19.51 19.06
CA MET B 305 22.50 20.35 20.17
C MET B 305 23.91 19.93 20.59
N VAL B 306 24.10 18.64 20.83
CA VAL B 306 25.41 18.12 21.22
C VAL B 306 26.42 18.48 20.13
N ARG B 307 26.05 18.26 18.89
CA ARG B 307 26.97 18.54 17.80
C ARG B 307 27.37 20.02 17.76
N ASN B 308 26.47 20.90 18.21
CA ASN B 308 26.75 22.34 18.20
C ASN B 308 27.53 22.86 19.40
N GLY B 309 27.65 22.03 20.43
CA GLY B 309 28.36 22.45 21.63
C GLY B 309 27.43 23.20 22.56
N GLU B 310 26.15 23.17 22.24
CA GLU B 310 25.13 23.83 23.05
C GLU B 310 25.03 23.22 24.46
N PHE B 311 25.59 22.03 24.66
CA PHE B 311 25.56 21.43 25.99
C PHE B 311 26.91 21.56 26.68
N PRO B 312 26.92 22.02 27.94
CA PRO B 312 28.22 22.14 28.59
C PRO B 312 28.92 20.79 28.61
N GLU B 313 30.23 20.81 28.41
CA GLU B 313 31.00 19.57 28.42
C GLU B 313 30.77 18.90 29.76
N GLY B 314 30.55 17.59 29.77
CA GLY B 314 30.35 16.90 31.02
C GLY B 314 28.89 16.78 31.42
N SER B 315 28.03 17.46 30.68
CA SER B 315 26.60 17.42 30.96
C SER B 315 25.99 16.05 30.75
N ARG B 316 25.02 15.72 31.59
CA ARG B 316 24.30 14.47 31.48
C ARG B 316 22.91 14.83 31.03
N VAL B 317 22.56 14.43 29.82
CA VAL B 317 21.26 14.73 29.29
C VAL B 317 20.37 13.51 29.22
N LEU B 318 19.16 13.66 29.75
CA LEU B 318 18.20 12.57 29.76
C LEU B 318 17.17 12.79 28.67
N TYR B 319 17.23 11.93 27.65
CA TYR B 319 16.29 11.97 26.54
C TYR B 319 15.02 11.24 26.97
N ALA B 320 13.87 11.89 26.84
CA ALA B 320 12.63 11.22 27.20
C ALA B 320 12.04 10.67 25.93
N HIS B 321 12.01 9.35 25.80
CA HIS B 321 11.45 8.75 24.61
C HIS B 321 9.99 8.55 24.93
N LEU B 322 9.15 9.34 24.29
CA LEU B 322 7.71 9.29 24.55
C LEU B 322 6.89 8.22 23.85
N GLY B 323 7.51 7.49 22.92
CA GLY B 323 6.80 6.44 22.18
C GLY B 323 6.65 6.77 20.69
N GLY B 324 5.48 6.44 20.13
CA GLY B 324 5.17 6.74 18.75
C GLY B 324 5.71 5.91 17.60
N VAL B 325 6.47 4.85 17.88
CA VAL B 325 7.06 4.07 16.79
C VAL B 325 6.11 3.39 15.81
N PRO B 326 4.98 2.85 16.29
CA PRO B 326 4.05 2.19 15.37
C PRO B 326 3.75 3.04 14.13
N ALA B 327 3.81 4.36 14.27
CA ALA B 327 3.50 5.24 13.16
C ALA B 327 4.47 5.05 11.98
N LEU B 328 5.63 4.48 12.27
CA LEU B 328 6.64 4.22 11.24
C LEU B 328 6.02 3.51 10.02
N ASN B 329 4.98 2.72 10.26
CA ASN B 329 4.29 1.99 9.20
C ASN B 329 3.54 2.89 8.18
N GLY B 330 3.21 4.11 8.58
CA GLY B 330 2.51 5.04 7.69
C GLY B 330 3.45 5.77 6.75
N TYR B 331 4.76 5.60 6.96
CA TYR B 331 5.78 6.24 6.13
C TYR B 331 6.71 5.17 5.54
N SER B 332 6.13 4.10 4.99
CA SER B 332 6.94 2.99 4.49
C SER B 332 7.86 3.30 3.31
N PHE B 333 7.38 4.02 2.32
CA PHE B 333 8.22 4.31 1.18
C PHE B 333 9.51 5.09 1.50
N ILE B 334 9.43 6.03 2.44
CA ILE B 334 10.60 6.83 2.81
C ILE B 334 11.72 5.94 3.34
N PHE B 335 11.37 4.80 3.93
CA PHE B 335 12.36 3.90 4.52
C PHE B 335 12.61 2.57 3.78
N ARG B 336 12.16 2.49 2.54
CA ARG B 336 12.29 1.26 1.77
C ARG B 336 13.70 0.71 1.61
N ASP B 337 14.70 1.59 1.61
CA ASP B 337 16.12 1.20 1.48
C ASP B 337 16.84 1.51 2.80
N GLY B 338 16.09 1.66 3.88
CA GLY B 338 16.68 2.01 5.15
C GLY B 338 16.37 3.46 5.47
N MET C 1 5.80 23.66 -45.78
CA MET C 1 6.10 22.61 -44.76
C MET C 1 5.95 21.21 -45.37
N ASN C 2 6.85 20.31 -44.98
CA ASN C 2 6.83 18.94 -45.51
C ASN C 2 7.18 17.90 -44.44
N LEU C 3 6.15 17.29 -43.87
CA LEU C 3 6.35 16.28 -42.83
C LEU C 3 6.48 14.90 -43.44
N GLN C 4 5.82 14.72 -44.58
CA GLN C 4 5.84 13.45 -45.29
C GLN C 4 7.24 12.98 -45.61
N ARG C 5 8.22 13.89 -45.49
CA ARG C 5 9.61 13.54 -45.76
C ARG C 5 10.13 12.47 -44.81
N PHE C 6 9.68 12.53 -43.55
CA PHE C 6 10.12 11.58 -42.52
C PHE C 6 9.22 10.38 -42.36
N PRO C 7 9.83 9.18 -42.28
CA PRO C 7 9.07 7.94 -42.13
C PRO C 7 8.37 7.81 -40.77
N ARG C 8 7.20 7.18 -40.78
CA ARG C 8 6.43 7.02 -39.56
C ARG C 8 6.07 5.56 -39.36
N TYR C 9 6.55 4.98 -38.26
CA TYR C 9 6.26 3.59 -37.94
C TYR C 9 4.92 3.53 -37.20
N PRO C 10 3.95 2.76 -37.72
CA PRO C 10 2.63 2.62 -37.10
C PRO C 10 2.68 2.03 -35.69
N LEU C 11 2.16 2.77 -34.72
CA LEU C 11 2.15 2.30 -33.35
C LEU C 11 0.80 2.59 -32.77
N THR C 12 0.05 3.41 -33.50
CA THR C 12 -1.27 3.82 -33.12
C THR C 12 -2.33 3.10 -33.96
N PHE C 13 -3.60 3.36 -33.68
CA PHE C 13 -4.68 2.72 -34.44
C PHE C 13 -4.98 3.53 -35.72
N GLY C 14 -4.62 4.82 -35.66
CA GLY C 14 -4.86 5.72 -36.77
C GLY C 14 -5.27 7.01 -36.11
N PRO C 15 -5.73 8.01 -36.87
CA PRO C 15 -6.15 9.28 -36.26
C PRO C 15 -6.91 9.06 -34.97
N THR C 16 -6.70 9.94 -34.01
CA THR C 16 -7.39 9.82 -32.74
C THR C 16 -8.68 10.61 -32.83
N PRO C 17 -9.76 10.11 -32.23
CA PRO C 17 -11.06 10.79 -32.26
C PRO C 17 -11.20 12.05 -31.45
N ILE C 18 -12.14 12.89 -31.87
CA ILE C 18 -12.44 14.14 -31.17
C ILE C 18 -13.88 13.95 -30.71
N GLN C 19 -14.14 14.23 -29.44
CA GLN C 19 -15.48 14.05 -28.92
C GLN C 19 -15.95 15.32 -28.23
N PRO C 20 -17.24 15.64 -28.36
CA PRO C 20 -17.72 16.85 -27.69
C PRO C 20 -17.84 16.63 -26.18
N LEU C 21 -17.53 17.66 -25.40
CA LEU C 21 -17.65 17.59 -23.96
C LEU C 21 -18.87 18.48 -23.64
N ALA C 22 -20.01 18.06 -24.18
CA ALA C 22 -21.27 18.78 -24.04
C ALA C 22 -21.76 19.04 -22.62
N ARG C 23 -21.67 18.04 -21.76
CA ARG C 23 -22.14 18.19 -20.39
C ARG C 23 -21.25 19.17 -19.63
N LEU C 24 -19.94 19.01 -19.78
CA LEU C 24 -18.99 19.91 -19.10
C LEU C 24 -19.21 21.33 -19.63
N SER C 25 -19.41 21.46 -20.93
CA SER C 25 -19.64 22.77 -21.55
C SER C 25 -20.89 23.43 -20.96
N LYS C 26 -21.99 22.68 -20.93
CA LYS C 26 -23.24 23.19 -20.40
C LYS C 26 -23.12 23.49 -18.91
N HIS C 27 -22.41 22.64 -18.19
CA HIS C 27 -22.22 22.83 -16.76
C HIS C 27 -21.48 24.14 -16.45
N LEU C 28 -20.57 24.54 -17.34
CA LEU C 28 -19.77 25.75 -17.16
C LEU C 28 -20.42 27.04 -17.66
N GLY C 29 -21.59 26.94 -18.26
CA GLY C 29 -22.27 28.13 -18.76
C GLY C 29 -22.80 28.03 -20.17
N GLY C 30 -22.37 27.00 -20.90
CA GLY C 30 -22.81 26.83 -22.27
C GLY C 30 -22.28 27.87 -23.24
N LYS C 31 -21.43 28.77 -22.76
CA LYS C 31 -20.87 29.85 -23.58
C LYS C 31 -19.63 29.49 -24.38
N VAL C 32 -19.00 28.37 -24.07
CA VAL C 32 -17.80 27.92 -24.78
C VAL C 32 -17.98 26.44 -25.05
N HIS C 33 -17.71 26.00 -26.27
CA HIS C 33 -17.89 24.61 -26.63
C HIS C 33 -16.60 23.80 -26.58
N LEU C 34 -16.49 23.00 -25.52
CA LEU C 34 -15.33 22.16 -25.26
C LEU C 34 -15.36 20.79 -25.94
N TYR C 35 -14.23 20.42 -26.54
CA TYR C 35 -14.10 19.12 -27.22
C TYR C 35 -12.82 18.45 -26.68
N ALA C 36 -12.63 17.18 -27.02
CA ALA C 36 -11.44 16.48 -26.57
C ALA C 36 -10.91 15.56 -27.65
N LYS C 37 -9.60 15.64 -27.88
CA LYS C 37 -8.95 14.77 -28.87
C LYS C 37 -8.21 13.71 -28.04
N ARG C 38 -8.71 12.48 -28.14
CA ARG C 38 -8.19 11.36 -27.36
C ARG C 38 -6.85 10.72 -27.74
N GLU C 39 -5.74 11.39 -27.41
CA GLU C 39 -4.43 10.82 -27.70
C GLU C 39 -4.25 9.71 -26.68
N ASP C 40 -5.01 9.80 -25.59
CA ASP C 40 -4.98 8.80 -24.54
C ASP C 40 -5.47 7.43 -25.01
N CYS C 41 -6.30 7.40 -26.05
CA CYS C 41 -6.83 6.14 -26.60
C CYS C 41 -6.27 5.80 -27.98
N ASN C 42 -5.06 6.27 -28.27
CA ASN C 42 -4.45 6.09 -29.58
C ASN C 42 -3.75 4.76 -29.85
N SER C 43 -3.70 3.87 -28.86
CA SER C 43 -2.96 2.62 -29.11
C SER C 43 -3.28 1.41 -28.23
N GLY C 44 -2.90 0.25 -28.76
CA GLY C 44 -3.11 -1.00 -28.05
C GLY C 44 -1.86 -1.34 -27.27
N LEU C 45 -0.81 -0.51 -27.40
CA LEU C 45 0.44 -0.74 -26.68
C LEU C 45 0.40 -0.12 -25.28
N ALA C 46 -0.05 -0.92 -24.31
CA ALA C 46 -0.16 -0.52 -22.92
C ALA C 46 -0.78 0.86 -22.69
N PHE C 47 -1.95 1.10 -23.30
CA PHE C 47 -2.70 2.37 -23.16
C PHE C 47 -2.15 3.56 -23.92
N GLY C 48 -0.98 3.41 -24.54
CA GLY C 48 -0.38 4.51 -25.29
C GLY C 48 -0.46 5.89 -24.65
N GLY C 49 -0.71 6.90 -25.49
CA GLY C 49 -0.77 8.27 -25.02
C GLY C 49 0.11 9.14 -25.91
N ASN C 50 0.19 10.43 -25.60
CA ASN C 50 0.97 11.37 -26.41
C ASN C 50 2.39 10.91 -26.77
N LYS C 51 3.09 10.28 -25.82
CA LYS C 51 4.43 9.80 -26.09
C LYS C 51 4.51 8.72 -27.20
N THR C 52 3.41 8.02 -27.44
CA THR C 52 3.40 6.97 -28.46
C THR C 52 3.25 7.59 -29.85
N ARG C 53 2.64 8.77 -29.91
CA ARG C 53 2.51 9.45 -31.17
C ARG C 53 3.92 9.88 -31.59
N LYS C 54 4.68 10.43 -30.64
CA LYS C 54 6.06 10.89 -30.90
C LYS C 54 7.01 9.76 -31.29
N LEU C 55 6.82 8.58 -30.70
CA LEU C 55 7.72 7.48 -30.99
C LEU C 55 7.63 6.96 -32.41
N GLU C 56 6.49 7.18 -33.07
CA GLU C 56 6.33 6.70 -34.43
C GLU C 56 7.43 7.27 -35.32
N TYR C 57 7.89 8.49 -35.03
CA TYR C 57 8.95 9.10 -35.82
C TYR C 57 10.38 8.77 -35.42
N LEU C 58 10.57 8.23 -34.21
CA LEU C 58 11.92 7.87 -33.76
C LEU C 58 12.30 6.43 -34.11
N ILE C 59 11.32 5.54 -34.07
CA ILE C 59 11.54 4.13 -34.36
C ILE C 59 12.24 3.87 -35.70
N PRO C 60 11.74 4.48 -36.79
CA PRO C 60 12.37 4.26 -38.09
C PRO C 60 13.89 4.46 -37.98
N GLU C 61 14.31 5.50 -37.27
CA GLU C 61 15.75 5.74 -37.14
C GLU C 61 16.41 4.63 -36.35
N ALA C 62 15.81 4.27 -35.22
CA ALA C 62 16.38 3.23 -34.39
C ALA C 62 16.57 1.93 -35.17
N LEU C 63 15.61 1.59 -36.03
CA LEU C 63 15.68 0.37 -36.82
C LEU C 63 16.71 0.47 -37.95
N ALA C 64 16.75 1.63 -38.59
CA ALA C 64 17.68 1.87 -39.67
C ALA C 64 19.14 1.80 -39.18
N GLN C 65 19.37 2.19 -37.92
CA GLN C 65 20.72 2.16 -37.38
C GLN C 65 20.92 0.78 -36.79
N GLY C 66 19.89 -0.05 -36.91
CA GLY C 66 19.96 -1.41 -36.41
C GLY C 66 20.15 -1.54 -34.91
N CYS C 67 19.46 -0.70 -34.14
CA CYS C 67 19.55 -0.77 -32.69
C CYS C 67 18.71 -1.95 -32.19
N ASP C 68 19.20 -2.66 -31.19
CA ASP C 68 18.49 -3.80 -30.64
C ASP C 68 17.90 -3.51 -29.25
N THR C 69 18.16 -2.30 -28.74
CA THR C 69 17.65 -1.96 -27.43
C THR C 69 17.23 -0.50 -27.32
N LEU C 70 16.02 -0.27 -26.81
CA LEU C 70 15.55 1.09 -26.62
C LEU C 70 15.89 1.47 -25.18
N VAL C 71 16.43 2.66 -24.99
CA VAL C 71 16.79 3.12 -23.66
C VAL C 71 16.19 4.49 -23.40
N SER C 72 15.47 4.62 -22.28
CA SER C 72 14.85 5.90 -21.96
C SER C 72 14.89 6.21 -20.48
N ILE C 73 14.27 7.31 -20.10
CA ILE C 73 14.36 7.77 -18.73
C ILE C 73 13.09 8.51 -18.32
N GLY C 74 12.86 8.59 -17.01
CA GLY C 74 11.68 9.28 -16.51
C GLY C 74 11.45 9.04 -15.02
N GLY C 75 10.50 9.75 -14.44
CA GLY C 75 10.20 9.56 -13.04
C GLY C 75 9.57 8.19 -12.79
N ILE C 76 9.38 7.87 -11.53
CA ILE C 76 8.79 6.60 -11.13
C ILE C 76 7.49 6.27 -11.87
N GLN C 77 6.55 7.22 -11.93
CA GLN C 77 5.29 7.00 -12.63
C GLN C 77 5.26 7.64 -14.00
N SER C 78 6.44 7.78 -14.60
CA SER C 78 6.55 8.34 -15.93
C SER C 78 5.72 7.54 -16.93
N ASN C 79 5.00 8.23 -17.80
CA ASN C 79 4.20 7.57 -18.85
C ASN C 79 5.07 7.12 -20.01
N GLN C 80 6.10 7.93 -20.26
CA GLN C 80 7.06 7.76 -21.32
C GLN C 80 7.79 6.44 -21.26
N THR C 81 8.28 6.09 -20.08
CA THR C 81 9.03 4.86 -19.97
C THR C 81 8.14 3.65 -20.18
N ARG C 82 6.89 3.75 -19.75
CA ARG C 82 5.91 2.67 -19.92
C ARG C 82 5.62 2.46 -21.41
N GLN C 83 5.39 3.54 -22.15
CA GLN C 83 5.15 3.37 -23.58
C GLN C 83 6.39 2.86 -24.31
N VAL C 84 7.57 3.28 -23.87
CA VAL C 84 8.80 2.83 -24.53
C VAL C 84 8.91 1.33 -24.36
N ALA C 85 8.63 0.86 -23.16
CA ALA C 85 8.67 -0.56 -22.84
C ALA C 85 7.70 -1.39 -23.71
N ALA C 86 6.49 -0.87 -23.91
CA ALA C 86 5.51 -1.58 -24.73
C ALA C 86 5.98 -1.60 -26.20
N VAL C 87 6.25 -0.41 -26.73
CA VAL C 87 6.72 -0.28 -28.09
C VAL C 87 7.87 -1.25 -28.32
N ALA C 88 8.80 -1.30 -27.37
CA ALA C 88 9.96 -2.16 -27.47
C ALA C 88 9.61 -3.65 -27.58
N ALA C 89 8.80 -4.15 -26.65
CA ALA C 89 8.41 -5.55 -26.69
C ALA C 89 7.71 -5.82 -28.03
N HIS C 90 6.84 -4.90 -28.43
CA HIS C 90 6.12 -5.04 -29.69
C HIS C 90 7.06 -5.16 -30.89
N LEU C 91 8.24 -4.52 -30.83
CA LEU C 91 9.17 -4.55 -31.95
C LEU C 91 10.22 -5.65 -31.86
N GLY C 92 10.30 -6.31 -30.70
CA GLY C 92 11.29 -7.35 -30.53
C GLY C 92 12.62 -6.78 -30.06
N MET C 93 12.57 -5.65 -29.38
CA MET C 93 13.79 -5.03 -28.87
C MET C 93 13.84 -5.09 -27.36
N LYS C 94 15.04 -5.10 -26.82
CA LYS C 94 15.21 -5.11 -25.37
C LYS C 94 14.95 -3.69 -24.92
N CYS C 95 14.77 -3.50 -23.63
CA CYS C 95 14.50 -2.16 -23.14
C CYS C 95 15.09 -1.87 -21.76
N VAL C 96 15.85 -0.79 -21.65
CA VAL C 96 16.41 -0.41 -20.36
C VAL C 96 15.82 0.94 -19.96
N LEU C 97 15.27 1.01 -18.75
CA LEU C 97 14.65 2.24 -18.24
C LEU C 97 15.34 2.77 -16.98
N VAL C 98 15.78 4.02 -17.04
CA VAL C 98 16.41 4.69 -15.90
C VAL C 98 15.28 5.49 -15.25
N GLN C 99 14.90 5.14 -14.03
CA GLN C 99 13.82 5.86 -13.37
C GLN C 99 14.29 6.44 -12.06
N GLU C 100 14.09 7.74 -11.89
CA GLU C 100 14.49 8.33 -10.65
C GLU C 100 13.27 8.99 -10.05
N ASN C 101 13.39 9.41 -8.79
CA ASN C 101 12.25 10.04 -8.17
C ASN C 101 12.32 11.53 -8.42
N TRP C 102 11.51 11.98 -9.36
CA TRP C 102 11.45 13.38 -9.72
C TRP C 102 10.39 14.13 -8.93
N VAL C 103 9.74 13.42 -8.01
CA VAL C 103 8.69 14.03 -7.24
C VAL C 103 8.85 13.89 -5.74
N ASN C 104 8.68 14.99 -5.03
CA ASN C 104 8.74 14.98 -3.58
C ASN C 104 7.41 14.34 -3.17
N TYR C 105 7.37 13.03 -3.30
CA TYR C 105 6.18 12.22 -3.03
C TYR C 105 6.65 10.85 -2.51
N SER C 106 5.88 10.24 -1.61
CA SER C 106 6.28 8.95 -1.04
C SER C 106 5.14 7.98 -0.73
N ASP C 107 4.41 7.58 -1.74
CA ASP C 107 3.31 6.66 -1.53
C ASP C 107 3.80 5.21 -1.34
N ALA C 108 3.19 4.49 -0.40
CA ALA C 108 3.56 3.11 -0.09
C ALA C 108 3.74 2.18 -1.30
N VAL C 109 2.93 2.36 -2.34
CA VAL C 109 3.02 1.50 -3.52
C VAL C 109 3.40 2.26 -4.76
N TYR C 110 4.01 3.42 -4.56
CA TYR C 110 4.44 4.29 -5.66
C TYR C 110 5.24 3.63 -6.78
N ASP C 111 6.24 2.85 -6.42
CA ASP C 111 7.07 2.19 -7.41
C ASP C 111 6.61 0.79 -7.79
N ARG C 112 5.37 0.44 -7.45
CA ARG C 112 4.89 -0.90 -7.77
C ARG C 112 3.50 -0.99 -8.39
N VAL C 113 2.97 0.14 -8.85
CA VAL C 113 1.66 0.13 -9.48
C VAL C 113 1.72 1.00 -10.73
N GLY C 114 0.56 1.18 -11.36
CA GLY C 114 0.50 2.01 -12.53
C GLY C 114 1.52 1.77 -13.62
N ASN C 115 2.19 2.85 -14.02
CA ASN C 115 3.16 2.79 -15.10
C ASN C 115 4.38 1.91 -14.90
N ILE C 116 5.06 2.09 -13.78
CA ILE C 116 6.25 1.28 -13.53
C ILE C 116 5.89 -0.21 -13.47
N GLN C 117 4.76 -0.55 -12.84
CA GLN C 117 4.29 -1.94 -12.76
C GLN C 117 4.21 -2.54 -14.18
N MET C 118 3.59 -1.81 -15.11
CA MET C 118 3.51 -2.28 -16.50
C MET C 118 4.89 -2.44 -17.17
N SER C 119 5.80 -1.48 -16.99
CA SER C 119 7.11 -1.60 -17.63
C SER C 119 7.80 -2.91 -17.23
N ARG C 120 7.73 -3.26 -15.94
CA ARG C 120 8.32 -4.50 -15.47
C ARG C 120 7.65 -5.74 -16.10
N ILE C 121 6.32 -5.76 -16.19
CA ILE C 121 5.65 -6.90 -16.80
C ILE C 121 6.05 -6.96 -18.28
N LEU C 122 6.10 -5.79 -18.91
CA LEU C 122 6.49 -5.68 -20.31
C LEU C 122 7.95 -6.13 -20.59
N GLY C 123 8.65 -6.59 -19.57
CA GLY C 123 10.00 -7.09 -19.76
C GLY C 123 11.16 -6.11 -19.76
N ALA C 124 10.87 -4.84 -19.53
CA ALA C 124 11.93 -3.86 -19.52
C ALA C 124 12.74 -4.03 -18.24
N ASP C 125 14.02 -3.69 -18.31
CA ASP C 125 14.93 -3.73 -17.17
C ASP C 125 14.74 -2.39 -16.47
N VAL C 126 13.93 -2.34 -15.41
CA VAL C 126 13.67 -1.10 -14.71
C VAL C 126 14.72 -0.79 -13.62
N ARG C 127 15.58 0.17 -13.91
CA ARG C 127 16.65 0.56 -12.99
C ARG C 127 16.32 1.76 -12.15
N LEU C 128 16.01 1.52 -10.88
CA LEU C 128 15.67 2.58 -9.93
C LEU C 128 16.88 2.93 -9.10
N VAL C 129 16.85 4.08 -8.45
CA VAL C 129 17.96 4.46 -7.60
C VAL C 129 17.40 4.95 -6.27
N PRO C 130 18.04 4.59 -5.16
CA PRO C 130 17.58 5.03 -3.84
C PRO C 130 17.64 6.55 -3.72
N ASP C 131 16.87 7.10 -2.78
CA ASP C 131 16.84 8.54 -2.57
C ASP C 131 18.22 9.12 -2.29
N GLY C 132 18.53 10.26 -2.93
CA GLY C 132 19.81 10.91 -2.76
C GLY C 132 20.84 10.53 -3.82
N PHE C 133 20.54 9.47 -4.58
CA PHE C 133 21.41 8.98 -5.64
C PHE C 133 21.67 10.04 -6.71
N ASP C 134 20.60 10.66 -7.19
CA ASP C 134 20.64 11.72 -8.21
C ASP C 134 21.17 11.20 -9.55
N ILE C 135 20.26 10.67 -10.38
CA ILE C 135 20.64 10.15 -11.70
C ILE C 135 21.20 11.30 -12.50
N GLY C 136 20.64 12.48 -12.31
CA GLY C 136 21.10 13.68 -13.00
C GLY C 136 22.50 14.06 -12.58
N PHE C 137 22.80 13.83 -11.30
CA PHE C 137 24.12 14.14 -10.77
C PHE C 137 25.12 13.04 -11.08
N ARG C 138 24.73 11.77 -10.92
CA ARG C 138 25.66 10.68 -11.19
C ARG C 138 25.83 10.42 -12.68
N ARG C 139 24.71 10.46 -13.40
CA ARG C 139 24.64 10.22 -14.84
C ARG C 139 24.20 8.79 -15.10
N SER C 140 23.14 8.39 -14.41
CA SER C 140 22.58 7.05 -14.58
C SER C 140 22.23 6.85 -16.06
N TRP C 141 21.89 7.95 -16.72
CA TRP C 141 21.55 7.97 -18.13
C TRP C 141 22.66 7.34 -18.98
N GLU C 142 23.83 7.96 -18.96
CA GLU C 142 24.98 7.49 -19.71
C GLU C 142 25.48 6.10 -19.26
N ASP C 143 25.29 5.78 -17.99
CA ASP C 143 25.73 4.48 -17.46
C ASP C 143 24.86 3.39 -18.06
N ALA C 144 23.59 3.70 -18.26
CA ALA C 144 22.66 2.76 -18.85
C ALA C 144 23.05 2.49 -20.31
N LEU C 145 23.22 3.56 -21.08
CA LEU C 145 23.57 3.40 -22.48
C LEU C 145 24.87 2.64 -22.64
N GLU C 146 25.87 2.96 -21.83
CA GLU C 146 27.15 2.27 -21.93
C GLU C 146 27.00 0.79 -21.54
N SER C 147 26.25 0.53 -20.48
CA SER C 147 26.04 -0.85 -20.04
C SER C 147 25.45 -1.71 -21.15
N VAL C 148 24.59 -1.13 -21.98
CA VAL C 148 23.98 -1.88 -23.06
C VAL C 148 25.03 -2.29 -24.09
N ARG C 149 25.89 -1.34 -24.45
CA ARG C 149 26.95 -1.59 -25.43
C ARG C 149 27.91 -2.64 -24.86
N ALA C 150 28.38 -2.39 -23.64
CA ALA C 150 29.30 -3.30 -22.97
C ALA C 150 28.73 -4.73 -22.97
N ALA C 151 27.41 -4.83 -23.07
CA ALA C 151 26.75 -6.13 -23.07
C ALA C 151 26.61 -6.74 -24.48
N GLY C 152 27.02 -5.99 -25.51
CA GLY C 152 26.92 -6.52 -26.87
C GLY C 152 25.74 -6.03 -27.69
N GLY C 153 24.94 -5.12 -27.14
CA GLY C 153 23.80 -4.61 -27.88
C GLY C 153 24.02 -3.19 -28.34
N LYS C 154 23.12 -2.69 -29.18
CA LYS C 154 23.25 -1.32 -29.65
C LYS C 154 22.04 -0.58 -29.08
N PRO C 155 22.28 0.49 -28.32
CA PRO C 155 21.13 1.19 -27.77
C PRO C 155 20.70 2.40 -28.57
N TYR C 156 19.40 2.70 -28.51
CA TYR C 156 18.88 3.88 -29.18
C TYR C 156 18.44 4.78 -28.02
N ALA C 157 19.10 5.93 -27.88
CA ALA C 157 18.79 6.86 -26.79
C ALA C 157 17.51 7.65 -26.95
N ILE C 158 16.59 7.51 -26.02
CA ILE C 158 15.37 8.29 -26.08
C ILE C 158 15.30 9.13 -24.80
N PRO C 159 15.51 10.44 -24.91
CA PRO C 159 15.48 11.38 -23.78
C PRO C 159 14.11 11.55 -23.18
N ALA C 160 14.07 12.16 -21.99
CA ALA C 160 12.82 12.41 -21.29
C ALA C 160 11.75 12.91 -22.25
N GLY C 161 10.62 12.19 -22.27
CA GLY C 161 9.49 12.53 -23.12
C GLY C 161 9.76 12.61 -24.61
N CYS C 162 10.95 12.20 -25.04
CA CYS C 162 11.32 12.27 -26.47
C CYS C 162 11.52 13.72 -26.86
N SER C 163 11.19 14.65 -25.96
CA SER C 163 11.28 16.07 -26.26
C SER C 163 12.55 16.66 -26.86
N ASP C 164 13.65 16.61 -26.13
CA ASP C 164 14.89 17.16 -26.66
C ASP C 164 15.63 16.16 -27.55
N HIS C 165 14.98 15.79 -28.66
CA HIS C 165 15.53 14.84 -29.62
C HIS C 165 15.16 15.38 -31.00
N PRO C 166 16.10 15.33 -31.96
CA PRO C 166 15.86 15.82 -33.32
C PRO C 166 14.49 15.49 -33.89
N LEU C 167 14.12 14.22 -33.82
CA LEU C 167 12.83 13.76 -34.34
C LEU C 167 11.67 13.95 -33.36
N GLY C 168 11.99 14.27 -32.12
CA GLY C 168 10.98 14.43 -31.09
C GLY C 168 9.80 15.35 -31.29
N GLY C 169 9.93 16.36 -32.14
CA GLY C 169 8.81 17.27 -32.32
C GLY C 169 7.96 16.91 -33.50
N LEU C 170 8.45 15.98 -34.33
CA LEU C 170 7.73 15.56 -35.53
C LEU C 170 6.31 15.06 -35.28
N GLY C 171 6.20 14.11 -34.35
CA GLY C 171 4.93 13.52 -34.03
C GLY C 171 3.77 14.48 -33.92
N PHE C 172 3.93 15.53 -33.13
CA PHE C 172 2.82 16.45 -32.97
C PHE C 172 2.59 17.50 -34.03
N VAL C 173 3.45 17.52 -35.04
CA VAL C 173 3.18 18.46 -36.11
C VAL C 173 2.10 17.68 -36.88
N GLY C 174 2.30 16.37 -36.97
CA GLY C 174 1.32 15.52 -37.60
C GLY C 174 -0.03 15.71 -36.91
N PHE C 175 0.00 15.99 -35.62
CA PHE C 175 -1.23 16.22 -34.88
C PHE C 175 -2.02 17.42 -35.46
N ALA C 176 -1.31 18.51 -35.79
CA ALA C 176 -1.97 19.69 -36.35
C ALA C 176 -2.57 19.32 -37.70
N GLU C 177 -1.83 18.50 -38.45
CA GLU C 177 -2.21 18.01 -39.77
C GLU C 177 -3.56 17.31 -39.62
N GLU C 178 -3.60 16.35 -38.70
CA GLU C 178 -4.79 15.58 -38.42
C GLU C 178 -5.94 16.51 -38.11
N VAL C 179 -5.72 17.43 -37.18
CA VAL C 179 -6.77 18.36 -36.82
C VAL C 179 -7.35 19.17 -37.97
N ARG C 180 -6.55 19.52 -38.97
CA ARG C 180 -7.10 20.28 -40.10
C ARG C 180 -7.96 19.33 -40.93
N ALA C 181 -7.41 18.14 -41.23
CA ALA C 181 -8.17 17.14 -41.99
C ALA C 181 -9.52 16.93 -41.32
N GLN C 182 -9.49 16.73 -40.00
CA GLN C 182 -10.72 16.53 -39.23
C GLN C 182 -11.58 17.79 -39.20
N GLU C 183 -10.98 18.96 -39.33
CA GLU C 183 -11.78 20.17 -39.28
C GLU C 183 -12.58 20.32 -40.56
N ALA C 184 -12.01 19.76 -41.63
CA ALA C 184 -12.62 19.77 -42.95
C ALA C 184 -13.97 19.09 -42.82
N GLU C 185 -13.97 17.88 -42.26
CA GLU C 185 -15.19 17.12 -42.06
C GLU C 185 -16.17 17.89 -41.18
N LEU C 186 -15.69 18.31 -40.03
CA LEU C 186 -16.52 19.08 -39.10
C LEU C 186 -17.06 20.33 -39.76
N GLY C 187 -16.46 20.71 -40.88
CA GLY C 187 -16.92 21.90 -41.58
C GLY C 187 -16.63 23.16 -40.80
N PHE C 188 -15.72 23.07 -39.82
CA PHE C 188 -15.35 24.26 -39.05
C PHE C 188 -13.98 24.09 -38.38
N LYS C 189 -13.46 25.20 -37.86
CA LYS C 189 -12.15 25.22 -37.23
C LYS C 189 -12.20 25.53 -35.73
N PHE C 190 -11.35 24.84 -34.97
CA PHE C 190 -11.28 25.06 -33.52
C PHE C 190 -10.55 26.37 -33.28
N ASP C 191 -11.08 27.18 -32.37
CA ASP C 191 -10.48 28.48 -32.07
C ASP C 191 -9.25 28.35 -31.17
N TYR C 192 -9.20 27.29 -30.39
CA TYR C 192 -8.07 27.09 -29.51
C TYR C 192 -7.79 25.61 -29.29
N VAL C 193 -6.72 25.34 -28.57
CA VAL C 193 -6.33 23.98 -28.25
C VAL C 193 -5.63 24.08 -26.90
N VAL C 194 -6.03 23.23 -25.97
CA VAL C 194 -5.41 23.22 -24.67
C VAL C 194 -4.55 21.95 -24.62
N VAL C 195 -3.31 22.11 -24.20
CA VAL C 195 -2.38 20.98 -24.09
C VAL C 195 -1.50 21.17 -22.86
N CYS C 196 -1.19 20.07 -22.17
CA CYS C 196 -0.36 20.10 -20.96
C CYS C 196 1.09 20.06 -21.37
N SER C 197 1.94 20.87 -20.72
CA SER C 197 3.34 20.87 -21.11
C SER C 197 4.39 20.67 -20.03
N VAL C 198 5.30 19.72 -20.27
CA VAL C 198 6.39 19.51 -19.33
C VAL C 198 7.75 19.47 -20.02
N THR C 199 8.11 18.40 -20.72
CA THR C 199 9.41 18.44 -21.36
C THR C 199 9.38 19.18 -22.71
N GLY C 200 8.19 19.46 -23.23
CA GLY C 200 8.09 20.28 -24.43
C GLY C 200 7.72 19.92 -25.87
N SER C 201 8.19 18.81 -26.41
CA SER C 201 7.89 18.52 -27.81
C SER C 201 6.42 18.30 -28.18
N THR C 202 5.54 18.12 -27.21
CA THR C 202 4.14 17.96 -27.59
C THR C 202 3.63 19.32 -28.06
N GLN C 203 3.72 20.32 -27.20
CA GLN C 203 3.25 21.65 -27.59
C GLN C 203 4.11 22.18 -28.71
N ALA C 204 5.41 21.90 -28.65
CA ALA C 204 6.33 22.37 -29.68
C ALA C 204 5.86 21.96 -31.08
N GLY C 205 5.57 20.66 -31.24
CA GLY C 205 5.12 20.15 -32.52
C GLY C 205 3.83 20.83 -32.91
N MET C 206 2.95 21.01 -31.94
CA MET C 206 1.66 21.65 -32.18
C MET C 206 1.87 23.08 -32.68
N VAL C 207 2.83 23.79 -32.09
CA VAL C 207 3.11 25.16 -32.49
C VAL C 207 3.59 25.21 -33.95
N VAL C 208 4.53 24.33 -34.29
CA VAL C 208 5.04 24.30 -35.64
C VAL C 208 3.85 24.02 -36.56
N GLY C 209 3.23 22.86 -36.33
CA GLY C 209 2.08 22.44 -37.11
C GLY C 209 1.03 23.51 -37.30
N PHE C 210 0.58 24.15 -36.23
CA PHE C 210 -0.44 25.17 -36.32
C PHE C 210 0.06 26.56 -36.77
N ALA C 211 1.37 26.74 -36.82
CA ALA C 211 1.89 28.02 -37.29
C ALA C 211 1.62 28.05 -38.79
N ALA C 212 1.67 26.86 -39.41
CA ALA C 212 1.45 26.69 -40.83
C ALA C 212 0.13 27.27 -41.30
N ASP C 213 -0.81 27.52 -40.40
CA ASP C 213 -2.05 28.15 -40.82
C ASP C 213 -2.40 29.28 -39.87
N GLY C 214 -1.38 29.88 -39.28
CA GLY C 214 -1.56 31.00 -38.39
C GLY C 214 -2.32 30.78 -37.08
N ARG C 215 -2.19 29.59 -36.51
CA ARG C 215 -2.88 29.32 -35.26
C ARG C 215 -1.95 28.97 -34.10
N ALA C 216 -0.65 29.21 -34.29
CA ALA C 216 0.35 28.92 -33.28
C ALA C 216 -0.02 29.51 -31.92
N ASP C 217 -0.36 30.80 -31.92
CA ASP C 217 -0.72 31.45 -30.68
C ASP C 217 -2.11 31.05 -30.17
N ARG C 218 -2.76 30.11 -30.87
CA ARG C 218 -4.06 29.62 -30.43
C ARG C 218 -3.83 28.34 -29.60
N VAL C 219 -2.60 27.82 -29.64
CA VAL C 219 -2.26 26.64 -28.85
C VAL C 219 -1.96 27.13 -27.44
N ILE C 220 -2.87 26.89 -26.51
CA ILE C 220 -2.66 27.31 -25.14
C ILE C 220 -2.07 26.15 -24.34
N GLY C 221 -0.81 26.29 -23.97
CA GLY C 221 -0.16 25.26 -23.20
C GLY C 221 -0.36 25.56 -21.74
N VAL C 222 -0.56 24.53 -20.93
CA VAL C 222 -0.71 24.70 -19.50
C VAL C 222 0.52 24.01 -18.92
N ASP C 223 1.27 24.72 -18.07
CA ASP C 223 2.47 24.15 -17.48
C ASP C 223 2.17 23.23 -16.31
N ALA C 224 2.80 22.05 -16.32
CA ALA C 224 2.63 21.09 -15.23
C ALA C 224 3.99 20.83 -14.58
N SER C 225 4.99 21.59 -15.01
CA SER C 225 6.36 21.43 -14.48
C SER C 225 6.67 22.24 -13.22
N ALA C 226 5.92 23.31 -12.99
CA ALA C 226 6.13 24.20 -11.85
C ALA C 226 7.43 24.98 -12.05
N LYS C 227 7.97 24.90 -13.27
CA LYS C 227 9.19 25.61 -13.67
C LYS C 227 8.81 26.15 -15.04
N PRO C 228 7.83 27.07 -15.07
CA PRO C 228 7.36 27.64 -16.33
C PRO C 228 8.45 28.23 -17.23
N ALA C 229 9.40 28.95 -16.64
CA ALA C 229 10.44 29.57 -17.42
C ALA C 229 11.24 28.57 -18.23
N GLN C 230 11.76 27.53 -17.59
CA GLN C 230 12.56 26.55 -18.32
C GLN C 230 11.74 25.84 -19.38
N THR C 231 10.52 25.48 -19.01
CA THR C 231 9.61 24.78 -19.89
C THR C 231 9.32 25.61 -21.13
N ARG C 232 8.94 26.86 -20.92
CA ARG C 232 8.63 27.77 -22.01
C ARG C 232 9.78 27.85 -23.00
N GLU C 233 11.00 27.97 -22.46
CA GLU C 233 12.20 28.06 -23.27
C GLU C 233 12.45 26.78 -24.07
N GLN C 234 12.24 25.63 -23.43
CA GLN C 234 12.47 24.37 -24.14
C GLN C 234 11.43 24.17 -25.25
N ILE C 235 10.20 24.60 -25.01
CA ILE C 235 9.15 24.49 -26.01
C ILE C 235 9.59 25.33 -27.20
N THR C 236 9.89 26.59 -26.92
CA THR C 236 10.34 27.54 -27.93
C THR C 236 11.55 26.99 -28.67
N ARG C 237 12.48 26.40 -27.94
CA ARG C 237 13.68 25.87 -28.57
C ARG C 237 13.36 24.68 -29.47
N ILE C 238 12.56 23.75 -28.96
CA ILE C 238 12.19 22.57 -29.73
C ILE C 238 11.35 22.94 -30.95
N ALA C 239 10.46 23.92 -30.77
CA ALA C 239 9.60 24.39 -31.86
C ALA C 239 10.43 24.95 -33.02
N ARG C 240 11.45 25.74 -32.71
CA ARG C 240 12.34 26.32 -33.73
C ARG C 240 13.16 25.23 -34.41
N GLN C 241 13.76 24.34 -33.65
CA GLN C 241 14.54 23.26 -34.25
C GLN C 241 13.64 22.43 -35.15
N THR C 242 12.41 22.16 -34.70
CA THR C 242 11.47 21.35 -35.47
C THR C 242 10.95 22.06 -36.70
N ALA C 243 10.70 23.37 -36.57
CA ALA C 243 10.21 24.17 -37.69
C ALA C 243 11.20 24.05 -38.85
N GLU C 244 12.47 24.25 -38.54
CA GLU C 244 13.52 24.16 -39.55
C GLU C 244 13.55 22.79 -40.17
N LYS C 245 13.37 21.77 -39.35
CA LYS C 245 13.39 20.38 -39.80
C LYS C 245 12.28 20.06 -40.80
N VAL C 246 11.08 20.61 -40.58
CA VAL C 246 9.97 20.34 -41.49
C VAL C 246 9.80 21.39 -42.57
N GLY C 247 10.72 22.35 -42.60
CA GLY C 247 10.66 23.40 -43.61
C GLY C 247 9.56 24.41 -43.45
N LEU C 248 9.25 24.77 -42.19
CA LEU C 248 8.22 25.75 -41.95
C LEU C 248 8.66 27.04 -42.63
N GLU C 249 7.78 27.59 -43.47
CA GLU C 249 8.12 28.83 -44.18
C GLU C 249 7.94 30.04 -43.25
N ARG C 250 8.45 29.93 -42.03
CA ARG C 250 8.34 31.00 -41.04
C ARG C 250 9.30 30.79 -39.88
N ASP C 251 9.42 31.80 -39.03
CA ASP C 251 10.27 31.71 -37.86
C ASP C 251 9.31 31.67 -36.69
N ILE C 252 9.58 30.84 -35.70
CA ILE C 252 8.68 30.80 -34.55
C ILE C 252 9.03 32.00 -33.67
N MET C 253 8.00 32.78 -33.34
CA MET C 253 8.18 33.97 -32.52
C MET C 253 7.93 33.63 -31.07
N ARG C 254 8.48 34.45 -30.18
CA ARG C 254 8.29 34.26 -28.77
C ARG C 254 6.78 34.33 -28.50
N ALA C 255 6.06 35.05 -29.36
CA ALA C 255 4.62 35.22 -29.19
C ALA C 255 3.81 34.03 -29.68
N ASP C 256 4.47 33.09 -30.35
CA ASP C 256 3.78 31.92 -30.86
C ASP C 256 3.71 30.78 -29.84
N VAL C 257 4.41 30.96 -28.71
CA VAL C 257 4.47 29.95 -27.65
C VAL C 257 3.78 30.43 -26.39
N VAL C 258 2.56 29.96 -26.18
CA VAL C 258 1.77 30.35 -25.01
C VAL C 258 1.80 29.30 -23.92
N LEU C 259 2.20 29.69 -22.72
CA LEU C 259 2.27 28.77 -21.59
C LEU C 259 1.68 29.37 -20.32
N ASP C 260 0.51 28.88 -19.92
CA ASP C 260 -0.13 29.40 -18.71
C ASP C 260 0.51 28.75 -17.47
N GLU C 261 0.90 29.59 -16.51
CA GLU C 261 1.59 29.13 -15.30
C GLU C 261 0.72 29.03 -14.05
N ARG C 262 -0.56 29.33 -14.21
CA ARG C 262 -1.49 29.34 -13.08
C ARG C 262 -1.95 28.00 -12.50
N PHE C 263 -1.76 26.91 -13.23
CA PHE C 263 -2.26 25.62 -12.72
C PHE C 263 -1.23 24.51 -12.53
N ALA C 264 0.03 24.88 -12.32
CA ALA C 264 1.09 23.87 -12.16
C ALA C 264 1.41 23.51 -10.71
N GLY C 265 1.02 24.36 -9.78
CA GLY C 265 1.31 24.14 -8.39
C GLY C 265 0.74 22.88 -7.78
N PRO C 266 1.27 22.47 -6.62
CA PRO C 266 2.38 23.25 -6.03
C PRO C 266 3.76 22.86 -6.51
N GLU C 267 3.84 21.73 -7.20
CA GLU C 267 5.11 21.22 -7.71
C GLU C 267 4.85 20.18 -8.78
N TYR C 268 5.86 19.86 -9.56
CA TYR C 268 5.72 18.82 -10.55
C TYR C 268 5.40 17.52 -9.79
N GLY C 269 4.38 16.79 -10.26
CA GLY C 269 3.99 15.55 -9.63
C GLY C 269 2.98 15.70 -8.52
N LEU C 270 2.81 16.91 -8.00
CA LEU C 270 1.86 17.15 -6.91
C LEU C 270 0.66 17.99 -7.37
N PRO C 271 -0.56 17.53 -7.08
CA PRO C 271 -1.76 18.26 -7.48
C PRO C 271 -2.24 19.23 -6.41
N ASN C 272 -3.01 20.24 -6.83
CA ASN C 272 -3.60 21.17 -5.86
C ASN C 272 -5.09 20.78 -5.75
N GLU C 273 -5.82 21.43 -4.84
CA GLU C 273 -7.24 21.14 -4.64
C GLU C 273 -7.99 21.42 -5.92
N GLY C 274 -7.48 22.38 -6.68
CA GLY C 274 -8.10 22.72 -7.94
C GLY C 274 -7.98 21.58 -8.93
N THR C 275 -6.78 21.00 -9.00
CA THR C 275 -6.52 19.88 -9.90
C THR C 275 -7.51 18.76 -9.61
N LEU C 276 -7.63 18.42 -8.33
CA LEU C 276 -8.53 17.35 -7.92
C LEU C 276 -9.98 17.66 -8.29
N GLU C 277 -10.42 18.91 -8.08
CA GLU C 277 -11.79 19.28 -8.41
C GLU C 277 -12.00 19.18 -9.92
N ALA C 278 -11.02 19.62 -10.69
CA ALA C 278 -11.10 19.55 -12.14
C ALA C 278 -11.23 18.10 -12.58
N ILE C 279 -10.46 17.20 -11.94
CA ILE C 279 -10.48 15.79 -12.30
C ILE C 279 -11.86 15.21 -12.07
N ARG C 280 -12.39 15.42 -10.87
CA ARG C 280 -13.71 14.92 -10.49
C ARG C 280 -14.83 15.51 -11.36
N LEU C 281 -14.81 16.82 -11.59
CA LEU C 281 -15.86 17.43 -12.41
C LEU C 281 -15.84 16.89 -13.83
N CYS C 282 -14.65 16.80 -14.42
CA CYS C 282 -14.60 16.29 -15.78
C CYS C 282 -15.05 14.85 -15.83
N ALA C 283 -14.64 14.09 -14.82
CA ALA C 283 -14.98 12.68 -14.74
C ALA C 283 -16.48 12.46 -14.54
N ARG C 284 -17.06 13.22 -13.62
CA ARG C 284 -18.47 13.09 -13.33
C ARG C 284 -19.44 13.65 -14.37
N THR C 285 -18.95 14.44 -15.31
CA THR C 285 -19.84 15.00 -16.33
C THR C 285 -19.64 14.34 -17.69
N GLU C 286 -18.49 13.70 -17.91
CA GLU C 286 -18.20 13.10 -19.19
C GLU C 286 -17.74 11.64 -19.18
N GLY C 287 -17.45 11.10 -18.00
CA GLY C 287 -16.96 9.74 -17.94
C GLY C 287 -15.53 9.69 -18.46
N MET C 288 -14.87 10.84 -18.48
CA MET C 288 -13.49 10.93 -18.94
C MET C 288 -12.57 11.24 -17.76
N LEU C 289 -11.62 10.33 -17.52
CA LEU C 289 -10.68 10.48 -16.42
C LEU C 289 -9.34 11.13 -16.81
N THR C 290 -8.83 11.99 -15.92
CA THR C 290 -7.53 12.64 -16.10
C THR C 290 -6.68 12.41 -14.85
N ASP C 291 -5.37 12.60 -14.96
CA ASP C 291 -4.50 12.34 -13.83
C ASP C 291 -4.10 13.56 -13.01
N PRO C 292 -3.54 13.35 -11.81
CA PRO C 292 -3.09 14.40 -10.89
C PRO C 292 -1.81 15.10 -11.32
N VAL C 293 -1.08 14.51 -12.25
CA VAL C 293 0.18 15.09 -12.66
C VAL C 293 0.10 15.99 -13.87
N TYR C 294 -0.47 15.47 -14.95
CA TYR C 294 -0.58 16.20 -16.21
C TYR C 294 -1.96 16.72 -16.58
N GLU C 295 -2.73 15.87 -17.25
CA GLU C 295 -4.09 16.21 -17.73
C GLU C 295 -5.01 16.87 -16.71
N GLY C 296 -5.02 16.36 -15.48
CA GLY C 296 -5.86 16.96 -14.48
C GLY C 296 -5.55 18.45 -14.34
N LYS C 297 -4.30 18.82 -14.62
CA LYS C 297 -3.89 20.20 -14.50
C LYS C 297 -4.27 21.03 -15.73
N SER C 298 -4.10 20.47 -16.93
CA SER C 298 -4.50 21.20 -18.11
C SER C 298 -6.03 21.37 -18.07
N MET C 299 -6.74 20.33 -17.66
CA MET C 299 -8.18 20.34 -17.57
C MET C 299 -8.58 21.43 -16.60
N HIS C 300 -7.87 21.50 -15.49
CA HIS C 300 -8.13 22.53 -14.49
C HIS C 300 -8.00 23.87 -15.23
N GLY C 301 -6.90 24.01 -15.96
CA GLY C 301 -6.64 25.23 -16.71
C GLY C 301 -7.77 25.63 -17.61
N MET C 302 -8.17 24.72 -18.49
CA MET C 302 -9.26 24.97 -19.43
C MET C 302 -10.58 25.32 -18.74
N ILE C 303 -10.93 24.61 -17.69
CA ILE C 303 -12.18 24.90 -16.98
C ILE C 303 -12.13 26.27 -16.34
N GLU C 304 -11.03 26.55 -15.64
CA GLU C 304 -10.82 27.82 -14.97
C GLU C 304 -10.89 28.97 -15.97
N MET C 305 -10.37 28.71 -17.16
CA MET C 305 -10.38 29.70 -18.22
C MET C 305 -11.82 30.01 -18.63
N VAL C 306 -12.60 28.96 -18.90
CA VAL C 306 -13.99 29.13 -19.30
C VAL C 306 -14.76 29.84 -18.20
N ARG C 307 -14.57 29.43 -16.96
CA ARG C 307 -15.29 30.07 -15.87
C ARG C 307 -14.93 31.54 -15.74
N ASN C 308 -13.67 31.87 -16.05
CA ASN C 308 -13.19 33.25 -15.97
C ASN C 308 -13.63 34.14 -17.13
N GLY C 309 -14.07 33.52 -18.22
CA GLY C 309 -14.51 34.26 -19.38
C GLY C 309 -13.34 34.69 -20.25
N GLU C 310 -12.22 34.02 -20.09
CA GLU C 310 -11.01 34.32 -20.85
C GLU C 310 -11.15 33.82 -22.27
N PHE C 311 -12.24 33.09 -22.51
CA PHE C 311 -12.53 32.57 -23.83
C PHE C 311 -13.66 33.40 -24.43
N PRO C 312 -13.50 33.82 -25.68
CA PRO C 312 -14.55 34.61 -26.33
C PRO C 312 -15.81 33.74 -26.45
N GLU C 313 -16.97 34.32 -26.17
CA GLU C 313 -18.23 33.57 -26.26
C GLU C 313 -18.33 32.90 -27.62
N GLY C 314 -18.83 31.68 -27.66
CA GLY C 314 -18.97 30.98 -28.93
C GLY C 314 -17.73 30.23 -29.40
N SER C 315 -16.62 30.42 -28.69
CA SER C 315 -15.38 29.75 -29.07
C SER C 315 -15.46 28.23 -28.93
N ARG C 316 -14.74 27.52 -29.78
CA ARG C 316 -14.70 26.08 -29.67
C ARG C 316 -13.27 25.71 -29.29
N VAL C 317 -13.11 25.21 -28.07
CA VAL C 317 -11.81 24.83 -27.55
C VAL C 317 -11.59 23.32 -27.70
N LEU C 318 -10.43 22.93 -28.21
CA LEU C 318 -10.11 21.53 -28.39
C LEU C 318 -9.09 21.02 -27.35
N TYR C 319 -9.57 20.28 -26.35
CA TYR C 319 -8.72 19.74 -25.29
C TYR C 319 -7.96 18.49 -25.71
N ALA C 320 -6.64 18.58 -25.72
CA ALA C 320 -5.83 17.43 -26.09
C ALA C 320 -5.59 16.57 -24.85
N HIS C 321 -6.13 15.35 -24.84
CA HIS C 321 -5.92 14.46 -23.71
C HIS C 321 -4.71 13.61 -24.05
N LEU C 322 -3.59 13.93 -23.42
CA LEU C 322 -2.33 13.25 -23.68
C LEU C 322 -2.16 11.87 -23.05
N GLY C 323 -3.06 11.52 -22.13
CA GLY C 323 -3.03 10.21 -21.49
C GLY C 323 -2.73 10.27 -20.01
N GLY C 324 -1.81 9.42 -19.56
CA GLY C 324 -1.37 9.39 -18.19
C GLY C 324 -2.32 8.96 -17.10
N VAL C 325 -3.43 8.32 -17.45
CA VAL C 325 -4.39 7.92 -16.44
C VAL C 325 -3.85 6.90 -15.42
N PRO C 326 -3.09 5.89 -15.88
CA PRO C 326 -2.55 4.88 -14.96
C PRO C 326 -1.87 5.45 -13.70
N ALA C 327 -1.30 6.64 -13.80
CA ALA C 327 -0.61 7.23 -12.65
C ALA C 327 -1.53 7.36 -11.44
N LEU C 328 -2.85 7.37 -11.69
CA LEU C 328 -3.83 7.49 -10.62
C LEU C 328 -3.60 6.50 -9.49
N ASN C 329 -3.15 5.29 -9.84
CA ASN C 329 -2.89 4.26 -8.84
C ASN C 329 -1.83 4.68 -7.83
N GLY C 330 -1.00 5.65 -8.21
CA GLY C 330 0.02 6.12 -7.30
C GLY C 330 -0.51 7.14 -6.29
N TYR C 331 -1.77 7.53 -6.45
CA TYR C 331 -2.40 8.51 -5.55
C TYR C 331 -3.74 7.98 -5.01
N SER C 332 -3.72 6.77 -4.46
CA SER C 332 -4.93 6.15 -3.93
C SER C 332 -5.53 6.83 -2.69
N PHE C 333 -4.69 7.20 -1.72
CA PHE C 333 -5.26 7.82 -0.54
C PHE C 333 -6.07 9.07 -0.84
N ILE C 334 -5.57 9.84 -1.78
CA ILE C 334 -6.20 11.08 -2.21
C ILE C 334 -7.63 10.84 -2.72
N PHE C 335 -7.82 9.75 -3.45
CA PHE C 335 -9.14 9.45 -3.98
C PHE C 335 -9.89 8.37 -3.25
N ARG C 336 -9.50 8.07 -2.02
CA ARG C 336 -10.14 7.00 -1.25
C ARG C 336 -11.66 7.11 -1.09
N ASP C 337 -12.19 8.33 -1.09
CA ASP C 337 -13.64 8.56 -0.98
C ASP C 337 -14.17 9.24 -2.25
N GLY C 338 -13.38 9.22 -3.30
CA GLY C 338 -13.80 9.84 -4.54
C GLY C 338 -12.86 10.99 -4.84
N MET D 1 -31.24 -14.33 -38.72
CA MET D 1 -31.53 -13.58 -37.47
C MET D 1 -31.62 -12.08 -37.76
N ASN D 2 -32.18 -11.34 -36.82
CA ASN D 2 -32.36 -9.91 -36.97
C ASN D 2 -31.99 -9.16 -35.69
N LEU D 3 -30.76 -8.64 -35.64
CA LEU D 3 -30.27 -7.90 -34.48
C LEU D 3 -30.67 -6.42 -34.61
N GLN D 4 -30.70 -5.93 -35.84
CA GLN D 4 -31.05 -4.54 -36.12
C GLN D 4 -32.35 -4.11 -35.46
N ARG D 5 -33.15 -5.11 -35.06
CA ARG D 5 -34.42 -4.82 -34.41
C ARG D 5 -34.22 -4.00 -33.14
N PHE D 6 -33.17 -4.31 -32.38
CA PHE D 6 -32.88 -3.62 -31.13
C PHE D 6 -31.96 -2.42 -31.25
N PRO D 7 -32.31 -1.33 -30.55
CA PRO D 7 -31.56 -0.07 -30.54
C PRO D 7 -30.23 -0.21 -29.78
N ARG D 8 -29.20 0.43 -30.32
CA ARG D 8 -27.86 0.40 -29.74
C ARG D 8 -27.37 1.81 -29.49
N TYR D 9 -27.15 2.16 -28.24
CA TYR D 9 -26.66 3.49 -27.88
C TYR D 9 -25.13 3.50 -28.01
N PRO D 10 -24.57 4.39 -28.84
CA PRO D 10 -23.12 4.47 -29.05
C PRO D 10 -22.32 4.81 -27.80
N LEU D 11 -21.51 3.85 -27.38
CA LEU D 11 -20.69 4.03 -26.19
C LEU D 11 -19.25 3.71 -26.54
N THR D 12 -19.04 3.23 -27.77
CA THR D 12 -17.71 2.88 -28.23
C THR D 12 -17.26 3.76 -29.40
N PHE D 13 -16.02 3.58 -29.84
CA PHE D 13 -15.47 4.35 -30.95
C PHE D 13 -15.90 3.77 -32.29
N GLY D 14 -16.47 2.57 -32.26
CA GLY D 14 -16.89 1.92 -33.48
C GLY D 14 -16.30 0.51 -33.52
N PRO D 15 -16.34 -0.20 -34.64
CA PRO D 15 -15.77 -1.55 -34.61
C PRO D 15 -14.39 -1.59 -33.96
N THR D 16 -14.14 -2.64 -33.19
CA THR D 16 -12.86 -2.77 -32.54
C THR D 16 -11.87 -3.39 -33.52
N PRO D 17 -10.62 -2.91 -33.49
CA PRO D 17 -9.58 -3.41 -34.38
C PRO D 17 -9.06 -4.83 -34.09
N ILE D 18 -8.56 -5.48 -35.14
CA ILE D 18 -8.00 -6.84 -35.05
C ILE D 18 -6.54 -6.71 -35.44
N GLN D 19 -5.65 -7.24 -34.62
CA GLN D 19 -4.21 -7.14 -34.91
C GLN D 19 -3.54 -8.51 -34.87
N PRO D 20 -2.49 -8.69 -35.68
CA PRO D 20 -1.80 -9.98 -35.69
C PRO D 20 -0.82 -10.01 -34.53
N LEU D 21 -0.67 -11.18 -33.92
CA LEU D 21 0.25 -11.37 -32.83
C LEU D 21 1.31 -12.26 -33.46
N ALA D 22 2.02 -11.68 -34.42
CA ALA D 22 3.05 -12.36 -35.18
C ALA D 22 4.21 -12.82 -34.32
N ARG D 23 4.64 -12.00 -33.38
CA ARG D 23 5.77 -12.42 -32.55
C ARG D 23 5.38 -13.61 -31.70
N LEU D 24 4.25 -13.49 -31.00
CA LEU D 24 3.75 -14.58 -30.15
C LEU D 24 3.59 -15.84 -30.98
N SER D 25 3.00 -15.68 -32.16
CA SER D 25 2.79 -16.80 -33.08
C SER D 25 4.09 -17.49 -33.48
N LYS D 26 5.11 -16.72 -33.85
CA LYS D 26 6.40 -17.29 -34.24
C LYS D 26 7.08 -17.91 -33.02
N HIS D 27 6.95 -17.23 -31.88
CA HIS D 27 7.55 -17.73 -30.65
C HIS D 27 7.03 -19.14 -30.33
N LEU D 28 5.75 -19.38 -30.59
CA LEU D 28 5.13 -20.67 -30.29
C LEU D 28 5.29 -21.75 -31.36
N GLY D 29 6.06 -21.49 -32.41
CA GLY D 29 6.27 -22.48 -33.45
C GLY D 29 5.91 -22.05 -34.85
N GLY D 30 5.10 -20.99 -34.96
CA GLY D 30 4.69 -20.49 -36.25
C GLY D 30 3.72 -21.39 -37.00
N LYS D 31 3.16 -22.38 -36.32
CA LYS D 31 2.24 -23.30 -36.96
C LYS D 31 0.80 -22.85 -36.84
N VAL D 32 0.55 -21.82 -36.06
CA VAL D 32 -0.79 -21.30 -35.85
C VAL D 32 -0.69 -19.77 -35.86
N HIS D 33 -1.60 -19.14 -36.59
CA HIS D 33 -1.64 -17.69 -36.74
C HIS D 33 -2.60 -17.02 -35.74
N LEU D 34 -2.02 -16.36 -34.74
CA LEU D 34 -2.76 -15.71 -33.68
C LEU D 34 -3.07 -14.24 -33.93
N TYR D 35 -4.31 -13.85 -33.66
CA TYR D 35 -4.72 -12.46 -33.85
C TYR D 35 -5.44 -11.97 -32.60
N ALA D 36 -5.68 -10.67 -32.49
CA ALA D 36 -6.38 -10.17 -31.34
C ALA D 36 -7.41 -9.12 -31.70
N LYS D 37 -8.59 -9.21 -31.11
CA LYS D 37 -9.58 -8.17 -31.37
C LYS D 37 -9.60 -7.37 -30.07
N ARG D 38 -9.24 -6.10 -30.19
CA ARG D 38 -9.14 -5.23 -29.05
C ARG D 38 -10.40 -4.64 -28.45
N GLU D 39 -11.17 -5.48 -27.78
CA GLU D 39 -12.38 -5.01 -27.11
C GLU D 39 -11.97 -4.10 -25.97
N ASP D 40 -10.77 -4.38 -25.42
CA ASP D 40 -10.21 -3.59 -24.32
C ASP D 40 -9.92 -2.13 -24.66
N CYS D 41 -9.89 -1.82 -25.96
CA CYS D 41 -9.62 -0.45 -26.45
C CYS D 41 -10.84 0.12 -27.18
N ASN D 42 -12.02 -0.38 -26.85
CA ASN D 42 -13.25 0.02 -27.51
C ASN D 42 -13.87 1.36 -27.12
N SER D 43 -13.44 1.97 -26.04
CA SER D 43 -14.08 3.23 -25.63
C SER D 43 -13.24 4.21 -24.81
N GLY D 44 -13.62 5.49 -24.93
CA GLY D 44 -12.96 6.54 -24.19
C GLY D 44 -13.55 6.65 -22.81
N LEU D 45 -14.51 5.77 -22.51
CA LEU D 45 -15.13 5.80 -21.18
C LEU D 45 -14.37 4.90 -20.20
N ALA D 46 -13.45 5.51 -19.44
CA ALA D 46 -12.63 4.82 -18.45
C ALA D 46 -12.11 3.46 -18.88
N PHE D 47 -11.51 3.42 -20.06
CA PHE D 47 -10.90 2.21 -20.62
C PHE D 47 -11.85 1.18 -21.23
N GLY D 48 -13.13 1.32 -20.93
CA GLY D 48 -14.12 0.41 -21.48
C GLY D 48 -13.83 -1.09 -21.30
N GLY D 49 -14.17 -1.84 -22.34
CA GLY D 49 -13.99 -3.28 -22.30
C GLY D 49 -15.25 -3.98 -22.78
N ASN D 50 -15.26 -5.31 -22.73
CA ASN D 50 -16.40 -6.06 -23.20
C ASN D 50 -17.74 -5.65 -22.58
N LYS D 51 -17.72 -5.28 -21.31
CA LYS D 51 -18.96 -4.91 -20.67
C LYS D 51 -19.56 -3.66 -21.33
N THR D 52 -18.69 -2.84 -21.92
CA THR D 52 -19.18 -1.62 -22.57
C THR D 52 -19.92 -1.97 -23.86
N ARG D 53 -19.47 -3.00 -24.58
CA ARG D 53 -20.19 -3.39 -25.78
C ARG D 53 -21.58 -3.88 -25.37
N LYS D 54 -21.64 -4.68 -24.29
CA LYS D 54 -22.90 -5.19 -23.77
C LYS D 54 -23.84 -4.05 -23.39
N LEU D 55 -23.29 -3.04 -22.72
CA LEU D 55 -24.07 -1.91 -22.25
C LEU D 55 -24.72 -1.09 -23.38
N GLU D 56 -24.20 -1.21 -24.60
CA GLU D 56 -24.74 -0.46 -25.71
C GLU D 56 -26.20 -0.82 -25.98
N TYR D 57 -26.60 -2.05 -25.62
CA TYR D 57 -27.98 -2.47 -25.84
C TYR D 57 -28.89 -2.35 -24.65
N LEU D 58 -28.33 -2.09 -23.47
CA LEU D 58 -29.18 -1.94 -22.29
C LEU D 58 -29.61 -0.50 -22.05
N ILE D 59 -28.74 0.45 -22.37
CA ILE D 59 -29.03 1.86 -22.15
C ILE D 59 -30.34 2.36 -22.77
N PRO D 60 -30.62 1.98 -24.02
CA PRO D 60 -31.86 2.43 -24.67
C PRO D 60 -33.08 2.12 -23.81
N GLU D 61 -33.11 0.92 -23.23
CA GLU D 61 -34.23 0.53 -22.37
C GLU D 61 -34.23 1.40 -21.12
N ALA D 62 -33.05 1.59 -20.54
CA ALA D 62 -32.93 2.38 -19.34
C ALA D 62 -33.52 3.79 -19.55
N LEU D 63 -33.15 4.41 -20.65
CA LEU D 63 -33.62 5.75 -21.00
C LEU D 63 -35.10 5.70 -21.36
N ALA D 64 -35.48 4.77 -22.22
CA ALA D 64 -36.88 4.62 -22.64
C ALA D 64 -37.80 4.51 -21.41
N GLN D 65 -37.31 3.91 -20.33
CA GLN D 65 -38.07 3.75 -19.10
C GLN D 65 -37.91 4.95 -18.19
N GLY D 66 -37.07 5.89 -18.60
CA GLY D 66 -36.85 7.09 -17.81
C GLY D 66 -36.08 6.92 -16.51
N CYS D 67 -35.25 5.89 -16.42
CA CYS D 67 -34.46 5.70 -15.21
C CYS D 67 -33.44 6.80 -15.08
N ASP D 68 -33.20 7.24 -13.85
CA ASP D 68 -32.23 8.29 -13.59
C ASP D 68 -31.01 7.74 -12.84
N THR D 69 -31.04 6.46 -12.49
CA THR D 69 -29.92 5.85 -11.76
C THR D 69 -29.57 4.47 -12.31
N LEU D 70 -28.29 4.22 -12.52
CA LEU D 70 -27.83 2.92 -12.99
C LEU D 70 -27.31 2.17 -11.77
N VAL D 71 -27.78 0.94 -11.57
CA VAL D 71 -27.33 0.16 -10.43
C VAL D 71 -26.78 -1.19 -10.87
N SER D 72 -25.55 -1.48 -10.45
CA SER D 72 -24.93 -2.74 -10.80
C SER D 72 -24.13 -3.39 -9.66
N ILE D 73 -23.50 -4.51 -9.97
CA ILE D 73 -22.82 -5.27 -8.92
C ILE D 73 -21.63 -6.06 -9.42
N GLY D 74 -20.76 -6.43 -8.48
CA GLY D 74 -19.58 -7.20 -8.85
C GLY D 74 -18.59 -7.20 -7.72
N GLY D 75 -17.45 -7.84 -7.95
CA GLY D 75 -16.41 -7.88 -6.93
C GLY D 75 -15.66 -6.56 -6.78
N ILE D 76 -14.85 -6.47 -5.74
CA ILE D 76 -14.04 -5.28 -5.45
C ILE D 76 -13.38 -4.73 -6.72
N GLN D 77 -12.64 -5.58 -7.43
CA GLN D 77 -11.97 -5.15 -8.65
C GLN D 77 -12.76 -5.42 -9.91
N SER D 78 -14.08 -5.27 -9.81
CA SER D 78 -14.95 -5.50 -10.96
C SER D 78 -14.69 -4.51 -12.10
N ASN D 79 -14.68 -5.03 -13.33
CA ASN D 79 -14.51 -4.18 -14.52
C ASN D 79 -15.86 -3.57 -14.91
N GLN D 80 -16.89 -4.40 -14.78
CA GLN D 80 -18.28 -4.08 -15.07
C GLN D 80 -18.74 -2.86 -14.28
N THR D 81 -18.53 -2.89 -12.97
CA THR D 81 -18.95 -1.77 -12.14
C THR D 81 -18.25 -0.48 -12.54
N ARG D 82 -17.01 -0.59 -12.97
CA ARG D 82 -16.26 0.59 -13.37
C ARG D 82 -16.90 1.09 -14.66
N GLN D 83 -17.07 0.21 -15.62
CA GLN D 83 -17.70 0.61 -16.86
C GLN D 83 -19.09 1.20 -16.70
N VAL D 84 -19.85 0.76 -15.70
CA VAL D 84 -21.18 1.29 -15.52
C VAL D 84 -21.15 2.68 -14.92
N ALA D 85 -20.15 2.93 -14.08
CA ALA D 85 -19.96 4.23 -13.44
C ALA D 85 -19.57 5.27 -14.47
N ALA D 86 -18.77 4.87 -15.46
CA ALA D 86 -18.32 5.78 -16.51
C ALA D 86 -19.46 6.06 -17.44
N VAL D 87 -20.14 4.99 -17.85
CA VAL D 87 -21.29 5.14 -18.74
C VAL D 87 -22.32 6.07 -18.10
N ALA D 88 -22.65 5.82 -16.85
CA ALA D 88 -23.63 6.65 -16.16
C ALA D 88 -23.24 8.12 -16.21
N ALA D 89 -22.05 8.45 -15.69
CA ALA D 89 -21.53 9.81 -15.67
C ALA D 89 -21.71 10.45 -17.04
N HIS D 90 -21.30 9.72 -18.07
CA HIS D 90 -21.42 10.16 -19.44
C HIS D 90 -22.89 10.46 -19.79
N LEU D 91 -23.82 9.68 -19.26
CA LEU D 91 -25.23 9.87 -19.57
C LEU D 91 -25.98 10.85 -18.66
N GLY D 92 -25.31 11.32 -17.61
CA GLY D 92 -25.97 12.25 -16.71
C GLY D 92 -26.85 11.54 -15.70
N MET D 93 -26.61 10.24 -15.50
CA MET D 93 -27.37 9.44 -14.54
C MET D 93 -26.59 9.17 -13.26
N LYS D 94 -27.29 9.03 -12.14
CA LYS D 94 -26.62 8.71 -10.88
C LYS D 94 -26.19 7.26 -10.95
N CYS D 95 -25.30 6.84 -10.05
CA CYS D 95 -24.82 5.46 -10.09
C CYS D 95 -24.58 4.82 -8.73
N VAL D 96 -25.16 3.63 -8.53
CA VAL D 96 -24.98 2.91 -7.27
C VAL D 96 -24.41 1.53 -7.57
N LEU D 97 -23.35 1.19 -6.85
CA LEU D 97 -22.66 -0.06 -7.05
C LEU D 97 -22.47 -0.88 -5.79
N VAL D 98 -22.89 -2.14 -5.88
CA VAL D 98 -22.73 -3.09 -4.79
C VAL D 98 -21.43 -3.85 -5.05
N GLN D 99 -20.41 -3.57 -4.22
CA GLN D 99 -19.12 -4.24 -4.35
C GLN D 99 -19.03 -5.27 -3.22
N GLU D 100 -18.91 -6.54 -3.59
CA GLU D 100 -18.84 -7.63 -2.63
C GLU D 100 -17.49 -8.29 -2.72
N ASN D 101 -17.07 -8.99 -1.68
CA ASN D 101 -15.77 -9.65 -1.72
C ASN D 101 -15.91 -11.06 -2.30
N TRP D 102 -15.81 -11.15 -3.62
CA TRP D 102 -15.94 -12.41 -4.31
C TRP D 102 -14.62 -13.17 -4.42
N VAL D 103 -13.55 -12.56 -3.93
CA VAL D 103 -12.26 -13.21 -4.02
C VAL D 103 -11.55 -13.38 -2.68
N ASN D 104 -11.07 -14.59 -2.44
CA ASN D 104 -10.32 -14.90 -1.24
C ASN D 104 -8.95 -14.30 -1.52
N TYR D 105 -8.81 -13.03 -1.17
CA TYR D 105 -7.58 -12.31 -1.44
C TYR D 105 -7.62 -11.11 -0.53
N SER D 106 -6.46 -10.64 -0.07
CA SER D 106 -6.49 -9.50 0.83
C SER D 106 -5.31 -8.57 0.72
N ASP D 107 -5.16 -7.94 -0.44
CA ASP D 107 -4.07 -7.01 -0.66
C ASP D 107 -4.37 -5.69 0.02
N ALA D 108 -3.33 -5.04 0.53
CA ALA D 108 -3.48 -3.78 1.25
C ALA D 108 -4.18 -2.62 0.55
N VAL D 109 -4.12 -2.57 -0.79
CA VAL D 109 -4.74 -1.46 -1.52
C VAL D 109 -5.79 -1.98 -2.51
N TYR D 110 -6.25 -3.19 -2.26
CA TYR D 110 -7.23 -3.85 -3.08
C TYR D 110 -8.50 -3.03 -3.34
N ASP D 111 -9.03 -2.38 -2.32
CA ASP D 111 -10.24 -1.60 -2.51
C ASP D 111 -9.97 -0.12 -2.75
N ARG D 112 -8.75 0.22 -3.18
CA ARG D 112 -8.34 1.61 -3.39
C ARG D 112 -7.60 1.93 -4.68
N VAL D 113 -7.44 0.95 -5.55
CA VAL D 113 -6.75 1.12 -6.82
C VAL D 113 -7.58 0.56 -7.97
N GLY D 114 -7.01 0.62 -9.17
CA GLY D 114 -7.68 0.06 -10.34
C GLY D 114 -9.14 0.41 -10.58
N ASN D 115 -9.95 -0.62 -10.85
CA ASN D 115 -11.34 -0.37 -11.17
C ASN D 115 -12.15 0.36 -10.09
N ILE D 116 -12.03 -0.07 -8.84
CA ILE D 116 -12.84 0.56 -7.81
C ILE D 116 -12.48 2.02 -7.57
N GLN D 117 -11.19 2.36 -7.72
CA GLN D 117 -10.73 3.74 -7.53
C GLN D 117 -11.36 4.62 -8.61
N MET D 118 -11.36 4.16 -9.85
CA MET D 118 -11.95 4.96 -10.91
C MET D 118 -13.44 5.17 -10.63
N SER D 119 -14.15 4.11 -10.27
CA SER D 119 -15.57 4.24 -9.99
C SER D 119 -15.86 5.35 -8.99
N ARG D 120 -15.08 5.42 -7.92
CA ARG D 120 -15.30 6.47 -6.94
C ARG D 120 -15.02 7.86 -7.54
N ILE D 121 -13.99 7.96 -8.37
CA ILE D 121 -13.68 9.23 -8.98
C ILE D 121 -14.80 9.61 -9.96
N LEU D 122 -15.34 8.62 -10.67
CA LEU D 122 -16.45 8.87 -11.59
C LEU D 122 -17.73 9.35 -10.89
N GLY D 123 -17.77 9.32 -9.56
CA GLY D 123 -18.94 9.80 -8.84
C GLY D 123 -19.98 8.77 -8.42
N ALA D 124 -19.74 7.50 -8.71
CA ALA D 124 -20.67 6.45 -8.30
C ALA D 124 -20.68 6.33 -6.78
N ASP D 125 -21.79 5.83 -6.25
CA ASP D 125 -21.92 5.61 -4.82
C ASP D 125 -21.48 4.15 -4.65
N VAL D 126 -20.25 3.97 -4.16
CA VAL D 126 -19.67 2.64 -4.01
C VAL D 126 -19.88 2.01 -2.63
N ARG D 127 -20.77 1.02 -2.58
CA ARG D 127 -21.09 0.34 -1.32
C ARG D 127 -20.39 -1.00 -1.17
N LEU D 128 -19.56 -1.07 -0.13
CA LEU D 128 -18.81 -2.28 0.19
C LEU D 128 -19.59 -3.01 1.29
N VAL D 129 -19.90 -4.28 1.03
CA VAL D 129 -20.65 -5.10 1.97
C VAL D 129 -19.73 -5.81 2.95
N ARG D 139 -30.54 -8.19 2.06
CA ARG D 139 -30.14 -8.48 0.69
C ARG D 139 -29.47 -7.26 0.09
N SER D 140 -28.15 -7.33 -0.07
CA SER D 140 -27.36 -6.22 -0.60
C SER D 140 -27.87 -5.63 -1.92
N TRP D 141 -28.16 -6.50 -2.89
CA TRP D 141 -28.65 -6.09 -4.21
C TRP D 141 -30.00 -5.38 -4.09
N GLU D 142 -30.98 -6.10 -3.56
CA GLU D 142 -32.32 -5.55 -3.40
C GLU D 142 -32.30 -4.27 -2.56
N ASP D 143 -31.44 -4.24 -1.55
CA ASP D 143 -31.35 -3.07 -0.68
C ASP D 143 -30.96 -1.82 -1.45
N ALA D 144 -30.04 -1.98 -2.40
CA ALA D 144 -29.60 -0.84 -3.19
C ALA D 144 -30.75 -0.35 -4.06
N LEU D 145 -31.32 -1.25 -4.85
CA LEU D 145 -32.43 -0.92 -5.74
C LEU D 145 -33.55 -0.17 -5.03
N GLU D 146 -33.85 -0.63 -3.82
CA GLU D 146 -34.89 -0.03 -3.00
C GLU D 146 -34.49 1.34 -2.46
N SER D 147 -33.22 1.48 -2.07
CA SER D 147 -32.73 2.74 -1.53
C SER D 147 -32.84 3.82 -2.59
N VAL D 148 -32.70 3.43 -3.86
CA VAL D 148 -32.79 4.38 -4.95
C VAL D 148 -34.23 4.89 -5.04
N ARG D 149 -35.18 3.96 -5.09
CA ARG D 149 -36.59 4.31 -5.15
C ARG D 149 -36.95 5.20 -3.96
N ALA D 150 -36.67 4.71 -2.75
CA ALA D 150 -36.96 5.47 -1.54
C ALA D 150 -36.36 6.87 -1.55
N ALA D 151 -35.39 7.09 -2.42
CA ALA D 151 -34.72 8.39 -2.52
C ALA D 151 -35.45 9.30 -3.52
N GLY D 152 -36.34 8.70 -4.29
CA GLY D 152 -37.10 9.46 -5.27
C GLY D 152 -36.66 9.24 -6.70
N GLY D 153 -35.69 8.34 -6.89
CA GLY D 153 -35.21 8.08 -8.23
C GLY D 153 -35.76 6.79 -8.80
N LYS D 154 -35.45 6.53 -10.06
CA LYS D 154 -35.88 5.31 -10.70
C LYS D 154 -34.62 4.61 -11.19
N PRO D 155 -34.31 3.45 -10.59
CA PRO D 155 -33.12 2.66 -10.92
C PRO D 155 -33.25 1.61 -11.99
N TYR D 156 -32.22 1.51 -12.82
CA TYR D 156 -32.18 0.50 -13.86
C TYR D 156 -31.24 -0.60 -13.34
N ALA D 157 -31.78 -1.80 -13.14
CA ALA D 157 -31.02 -2.91 -12.60
C ALA D 157 -30.11 -3.60 -13.61
N ILE D 158 -28.80 -3.55 -13.35
CA ILE D 158 -27.86 -4.22 -14.23
C ILE D 158 -27.18 -5.30 -13.41
N PRO D 159 -27.51 -6.56 -13.68
CA PRO D 159 -26.93 -7.70 -12.96
C PRO D 159 -25.45 -7.89 -13.30
N ALA D 160 -24.76 -8.73 -12.54
CA ALA D 160 -23.33 -8.99 -12.76
C ALA D 160 -22.97 -9.28 -14.20
N GLY D 161 -22.01 -8.50 -14.71
CA GLY D 161 -21.53 -8.66 -16.08
C GLY D 161 -22.57 -8.35 -17.13
N CYS D 162 -23.76 -7.95 -16.68
CA CYS D 162 -24.90 -7.67 -17.55
C CYS D 162 -25.44 -9.00 -18.05
N SER D 163 -24.77 -10.09 -17.70
CA SER D 163 -25.13 -11.42 -18.18
C SER D 163 -26.55 -12.00 -18.03
N ASP D 164 -27.04 -12.13 -16.81
CA ASP D 164 -28.39 -12.68 -16.60
C ASP D 164 -29.44 -11.58 -16.83
N HIS D 165 -29.42 -10.99 -18.02
CA HIS D 165 -30.35 -9.91 -18.37
C HIS D 165 -30.81 -10.18 -19.79
N PRO D 166 -32.10 -9.93 -20.09
CA PRO D 166 -32.65 -10.16 -21.42
C PRO D 166 -31.79 -9.59 -22.54
N LEU D 167 -31.44 -8.31 -22.42
CA LEU D 167 -30.63 -7.64 -23.43
C LEU D 167 -29.14 -7.96 -23.31
N GLY D 168 -28.76 -8.51 -22.15
CA GLY D 168 -27.37 -8.84 -21.87
C GLY D 168 -26.56 -9.58 -22.93
N GLY D 169 -27.20 -10.42 -23.75
CA GLY D 169 -26.48 -11.19 -24.74
C GLY D 169 -26.43 -10.59 -26.13
N LEU D 170 -27.11 -9.46 -26.33
CA LEU D 170 -27.14 -8.85 -27.65
C LEU D 170 -25.79 -8.31 -28.11
N GLY D 171 -25.18 -7.53 -27.23
CA GLY D 171 -23.89 -6.94 -27.54
C GLY D 171 -22.91 -7.82 -28.28
N PHE D 172 -22.75 -9.06 -27.85
CA PHE D 172 -21.79 -9.89 -28.55
C PHE D 172 -22.28 -10.67 -29.74
N VAL D 173 -23.59 -10.64 -30.02
CA VAL D 173 -24.08 -11.30 -31.23
C VAL D 173 -23.48 -10.34 -32.27
N GLY D 174 -23.60 -9.04 -31.95
CA GLY D 174 -23.08 -7.97 -32.79
C GLY D 174 -21.60 -8.14 -33.06
N PHE D 175 -20.87 -8.65 -32.06
CA PHE D 175 -19.45 -8.91 -32.18
C PHE D 175 -19.20 -9.85 -33.36
N ALA D 176 -20.01 -10.88 -33.49
CA ALA D 176 -19.88 -11.86 -34.58
C ALA D 176 -20.15 -11.20 -35.93
N GLU D 177 -21.08 -10.25 -35.92
CA GLU D 177 -21.45 -9.49 -37.11
C GLU D 177 -20.19 -8.76 -37.58
N GLU D 178 -19.61 -7.98 -36.68
CA GLU D 178 -18.39 -7.22 -36.95
C GLU D 178 -17.29 -8.11 -37.53
N VAL D 179 -17.05 -9.23 -36.87
CA VAL D 179 -16.03 -10.14 -37.34
C VAL D 179 -16.29 -10.58 -38.77
N ARG D 180 -17.55 -10.90 -39.09
CA ARG D 180 -17.88 -11.32 -40.45
C ARG D 180 -17.52 -10.20 -41.40
N ALA D 181 -17.95 -8.99 -41.06
CA ALA D 181 -17.66 -7.82 -41.89
C ALA D 181 -16.14 -7.66 -42.10
N GLN D 182 -15.37 -7.76 -41.01
CA GLN D 182 -13.93 -7.59 -41.09
C GLN D 182 -13.23 -8.71 -41.83
N GLU D 183 -13.79 -9.92 -41.77
CA GLU D 183 -13.20 -11.06 -42.47
C GLU D 183 -13.34 -10.79 -43.96
N ALA D 184 -14.44 -10.12 -44.31
CA ALA D 184 -14.73 -9.77 -45.70
C ALA D 184 -13.54 -8.98 -46.23
N GLU D 185 -13.26 -7.86 -45.58
CA GLU D 185 -12.14 -7.00 -45.96
C GLU D 185 -10.84 -7.79 -45.97
N LEU D 186 -10.57 -8.50 -44.88
CA LEU D 186 -9.36 -9.29 -44.78
C LEU D 186 -9.26 -10.33 -45.89
N GLY D 187 -10.41 -10.71 -46.43
CA GLY D 187 -10.43 -11.69 -47.50
C GLY D 187 -10.19 -13.08 -46.96
N PHE D 188 -10.59 -13.31 -45.72
CA PHE D 188 -10.45 -14.62 -45.11
C PHE D 188 -11.24 -14.74 -43.81
N LYS D 189 -11.39 -15.96 -43.33
CA LYS D 189 -12.15 -16.22 -42.13
C LYS D 189 -11.31 -16.86 -41.04
N PHE D 190 -11.61 -16.48 -39.81
CA PHE D 190 -10.91 -16.99 -38.64
C PHE D 190 -11.52 -18.35 -38.31
N ASP D 191 -10.65 -19.33 -38.07
CA ASP D 191 -11.06 -20.69 -37.75
C ASP D 191 -11.57 -20.84 -36.32
N TYR D 192 -10.94 -20.13 -35.36
CA TYR D 192 -11.39 -20.20 -33.97
C TYR D 192 -11.42 -18.84 -33.30
N VAL D 193 -11.97 -18.83 -32.09
CA VAL D 193 -12.10 -17.62 -31.30
C VAL D 193 -11.97 -18.00 -29.84
N VAL D 194 -10.99 -17.41 -29.15
CA VAL D 194 -10.80 -17.68 -27.72
C VAL D 194 -11.40 -16.49 -26.97
N VAL D 195 -12.20 -16.80 -25.96
CA VAL D 195 -12.89 -15.78 -25.17
C VAL D 195 -12.90 -16.23 -23.74
N CYS D 196 -12.80 -15.28 -22.81
CA CYS D 196 -12.82 -15.63 -21.40
C CYS D 196 -14.25 -15.61 -20.88
N SER D 197 -14.64 -16.61 -20.09
CA SER D 197 -16.00 -16.63 -19.59
C SER D 197 -16.12 -16.85 -18.10
N VAL D 198 -17.00 -16.07 -17.49
CA VAL D 198 -17.30 -16.13 -16.08
C VAL D 198 -18.83 -15.98 -15.87
N THR D 199 -19.42 -14.79 -16.02
CA THR D 199 -20.87 -14.71 -15.87
C THR D 199 -21.61 -15.18 -17.13
N GLY D 200 -20.92 -15.15 -18.28
CA GLY D 200 -21.50 -15.71 -19.49
C GLY D 200 -22.08 -15.04 -20.73
N SER D 201 -22.71 -13.89 -20.61
CA SER D 201 -23.30 -13.31 -21.82
C SER D 201 -22.31 -12.94 -22.91
N THR D 202 -21.02 -12.90 -22.57
CA THR D 202 -20.05 -12.58 -23.60
C THR D 202 -19.95 -13.77 -24.56
N GLN D 203 -19.49 -14.92 -24.09
CA GLN D 203 -19.40 -16.08 -24.97
C GLN D 203 -20.79 -16.48 -25.51
N ALA D 204 -21.84 -16.31 -24.69
CA ALA D 204 -23.19 -16.66 -25.12
C ALA D 204 -23.53 -15.93 -26.42
N GLY D 205 -23.41 -14.61 -26.38
CA GLY D 205 -23.69 -13.79 -27.56
C GLY D 205 -22.85 -14.20 -28.75
N MET D 206 -21.61 -14.62 -28.53
CA MET D 206 -20.75 -15.05 -29.62
C MET D 206 -21.28 -16.35 -30.21
N VAL D 207 -21.73 -17.23 -29.34
CA VAL D 207 -22.27 -18.51 -29.76
C VAL D 207 -23.49 -18.30 -30.67
N VAL D 208 -24.38 -17.40 -30.25
CA VAL D 208 -25.56 -17.11 -31.04
C VAL D 208 -25.19 -16.50 -32.39
N GLY D 209 -24.36 -15.45 -32.38
CA GLY D 209 -23.95 -14.77 -33.59
C GLY D 209 -23.10 -15.61 -34.53
N PHE D 210 -22.35 -16.55 -34.02
CA PHE D 210 -21.51 -17.35 -34.90
C PHE D 210 -22.23 -18.62 -35.25
N ALA D 211 -23.38 -18.84 -34.62
CA ALA D 211 -24.19 -20.02 -34.90
C ALA D 211 -24.73 -19.73 -36.29
N ALA D 212 -24.96 -18.44 -36.52
CA ALA D 212 -25.48 -17.94 -37.80
C ALA D 212 -24.72 -18.44 -39.00
N ASP D 213 -23.42 -18.66 -38.86
CA ASP D 213 -22.66 -19.17 -40.00
C ASP D 213 -22.05 -20.55 -39.68
N GLY D 214 -22.62 -21.21 -38.68
CA GLY D 214 -22.16 -22.52 -38.30
C GLY D 214 -20.76 -22.58 -37.71
N ARG D 215 -20.45 -21.63 -36.83
CA ARG D 215 -19.14 -21.60 -36.21
C ARG D 215 -19.16 -21.55 -34.67
N ALA D 216 -20.36 -21.67 -34.10
CA ALA D 216 -20.55 -21.63 -32.65
C ALA D 216 -19.62 -22.56 -31.87
N ASP D 217 -19.34 -23.74 -32.44
CA ASP D 217 -18.48 -24.71 -31.77
C ASP D 217 -17.02 -24.34 -31.99
N ARG D 218 -16.78 -23.23 -32.66
CA ARG D 218 -15.42 -22.77 -32.90
C ARG D 218 -15.08 -21.64 -31.94
N VAL D 219 -16.04 -21.24 -31.11
CA VAL D 219 -15.81 -20.21 -30.12
C VAL D 219 -15.32 -20.99 -28.89
N ILE D 220 -14.02 -20.96 -28.64
CA ILE D 220 -13.43 -21.68 -27.50
C ILE D 220 -13.42 -20.84 -26.24
N GLY D 221 -14.33 -21.16 -25.33
CA GLY D 221 -14.40 -20.43 -24.09
C GLY D 221 -13.42 -21.00 -23.09
N VAL D 222 -12.74 -20.11 -22.36
CA VAL D 222 -11.77 -20.49 -21.34
C VAL D 222 -12.38 -20.00 -20.01
N ASP D 223 -12.68 -20.94 -19.12
CA ASP D 223 -13.30 -20.62 -17.83
C ASP D 223 -12.34 -19.95 -16.85
N ALA D 224 -12.81 -18.91 -16.20
CA ALA D 224 -12.03 -18.18 -15.22
C ALA D 224 -12.80 -18.12 -13.91
N SER D 225 -13.91 -18.86 -13.85
CA SER D 225 -14.73 -18.87 -12.64
C SER D 225 -14.30 -19.95 -11.66
N ALA D 226 -13.72 -21.02 -12.18
CA ALA D 226 -13.30 -22.13 -11.34
C ALA D 226 -14.51 -22.94 -10.90
N LYS D 227 -15.65 -22.70 -11.56
CA LYS D 227 -16.90 -23.42 -11.30
C LYS D 227 -17.45 -23.61 -12.71
N PRO D 228 -16.67 -24.29 -13.57
CA PRO D 228 -17.06 -24.54 -14.96
C PRO D 228 -18.50 -25.00 -15.19
N ALA D 229 -18.94 -26.01 -14.45
CA ALA D 229 -20.30 -26.52 -14.60
C ALA D 229 -21.33 -25.40 -14.54
N GLN D 230 -21.26 -24.59 -13.51
CA GLN D 230 -22.19 -23.49 -13.30
C GLN D 230 -22.07 -22.41 -14.39
N THR D 231 -20.84 -22.14 -14.82
CA THR D 231 -20.56 -21.14 -15.85
C THR D 231 -21.00 -21.65 -17.21
N ARG D 232 -20.73 -22.92 -17.45
CA ARG D 232 -21.09 -23.57 -18.70
C ARG D 232 -22.61 -23.56 -18.87
N GLU D 233 -23.31 -23.78 -17.76
CA GLU D 233 -24.75 -23.81 -17.82
C GLU D 233 -25.32 -22.43 -18.07
N GLN D 234 -24.66 -21.42 -17.53
CA GLN D 234 -25.13 -20.05 -17.72
C GLN D 234 -24.97 -19.61 -19.17
N ILE D 235 -23.86 -19.98 -19.77
CA ILE D 235 -23.60 -19.62 -21.14
C ILE D 235 -24.69 -20.25 -21.99
N THR D 236 -24.86 -21.57 -21.82
CA THR D 236 -25.87 -22.32 -22.56
C THR D 236 -27.25 -21.71 -22.40
N ARG D 237 -27.59 -21.39 -21.16
CA ARG D 237 -28.86 -20.78 -20.81
C ARG D 237 -29.08 -19.40 -21.44
N ILE D 238 -28.08 -18.53 -21.37
CA ILE D 238 -28.19 -17.19 -21.93
C ILE D 238 -28.14 -17.20 -23.45
N ALA D 239 -27.36 -18.13 -23.99
CA ALA D 239 -27.23 -18.27 -25.43
C ALA D 239 -28.59 -18.62 -26.02
N ARG D 240 -29.25 -19.59 -25.39
CA ARG D 240 -30.56 -20.03 -25.85
C ARG D 240 -31.56 -18.88 -25.78
N GLN D 241 -31.69 -18.24 -24.62
CA GLN D 241 -32.63 -17.12 -24.51
C GLN D 241 -32.32 -16.02 -25.54
N THR D 242 -31.03 -15.72 -25.73
CA THR D 242 -30.60 -14.69 -26.68
C THR D 242 -30.95 -15.09 -28.12
N ALA D 243 -30.67 -16.35 -28.47
CA ALA D 243 -30.96 -16.85 -29.81
C ALA D 243 -32.44 -16.66 -30.16
N GLU D 244 -33.29 -16.86 -29.17
CA GLU D 244 -34.72 -16.70 -29.35
C GLU D 244 -35.09 -15.23 -29.56
N LYS D 245 -34.38 -14.34 -28.89
CA LYS D 245 -34.63 -12.91 -28.98
C LYS D 245 -34.21 -12.32 -30.32
N VAL D 246 -33.16 -12.86 -30.91
CA VAL D 246 -32.70 -12.34 -32.21
C VAL D 246 -33.29 -13.18 -33.32
N GLY D 247 -34.04 -14.21 -32.94
CA GLY D 247 -34.66 -15.08 -33.92
C GLY D 247 -33.67 -15.94 -34.69
N LEU D 248 -32.83 -16.67 -33.98
CA LEU D 248 -31.86 -17.53 -34.66
C LEU D 248 -32.66 -18.66 -35.31
N GLU D 249 -32.38 -18.93 -36.57
CA GLU D 249 -33.09 -19.99 -37.30
C GLU D 249 -32.57 -21.36 -36.89
N ARG D 250 -32.50 -21.60 -35.58
CA ARG D 250 -31.98 -22.87 -35.09
C ARG D 250 -32.00 -22.84 -33.56
N ASP D 251 -31.82 -23.99 -32.92
CA ASP D 251 -31.80 -24.02 -31.45
C ASP D 251 -30.36 -24.24 -31.00
N ILE D 252 -29.98 -23.63 -29.88
CA ILE D 252 -28.61 -23.80 -29.39
C ILE D 252 -28.44 -25.12 -28.67
N MET D 253 -27.62 -25.99 -29.24
CA MET D 253 -27.34 -27.28 -28.67
C MET D 253 -26.18 -27.17 -27.67
N ARG D 254 -26.08 -28.12 -26.77
CA ARG D 254 -25.01 -28.10 -25.79
C ARG D 254 -23.66 -28.28 -26.46
N ALA D 255 -23.64 -28.92 -27.62
CA ALA D 255 -22.38 -29.10 -28.32
C ALA D 255 -21.96 -27.75 -28.88
N ASP D 256 -22.90 -26.80 -28.97
CA ASP D 256 -22.59 -25.45 -29.47
C ASP D 256 -21.81 -24.63 -28.43
N VAL D 257 -21.72 -25.13 -27.21
CA VAL D 257 -21.01 -24.40 -26.19
C VAL D 257 -19.77 -25.11 -25.69
N VAL D 258 -18.61 -24.63 -26.13
CA VAL D 258 -17.31 -25.17 -25.75
C VAL D 258 -16.65 -24.35 -24.63
N LEU D 259 -16.37 -25.02 -23.51
CA LEU D 259 -15.74 -24.36 -22.37
C LEU D 259 -14.59 -25.17 -21.79
N ASP D 260 -13.37 -24.69 -21.98
CA ASP D 260 -12.17 -25.36 -21.45
C ASP D 260 -12.02 -25.02 -19.95
N GLU D 261 -11.92 -26.03 -19.09
CA GLU D 261 -11.79 -25.82 -17.66
C GLU D 261 -10.36 -25.86 -17.14
N ARG D 262 -9.42 -26.19 -18.02
CA ARG D 262 -8.04 -26.34 -17.63
C ARG D 262 -7.23 -25.15 -17.09
N PHE D 263 -7.68 -23.91 -17.30
CA PHE D 263 -6.89 -22.75 -16.85
C PHE D 263 -7.55 -21.74 -15.93
N ALA D 264 -8.49 -22.19 -15.10
CA ALA D 264 -9.19 -21.26 -14.21
C ALA D 264 -8.63 -21.26 -12.79
N GLY D 265 -7.78 -22.24 -12.48
CA GLY D 265 -7.20 -22.37 -11.15
C GLY D 265 -6.42 -21.19 -10.62
N PRO D 266 -6.28 -21.10 -9.28
CA PRO D 266 -6.83 -22.05 -8.31
C PRO D 266 -8.25 -21.72 -7.92
N GLU D 267 -8.62 -20.46 -8.12
CA GLU D 267 -9.94 -19.97 -7.80
C GLU D 267 -10.21 -18.76 -8.67
N TYR D 268 -11.42 -18.24 -8.54
CA TYR D 268 -11.82 -17.05 -9.24
C TYR D 268 -11.03 -15.88 -8.65
N GLY D 269 -10.44 -15.04 -9.49
CA GLY D 269 -9.69 -13.91 -8.99
C GLY D 269 -8.28 -14.19 -8.53
N LEU D 270 -7.85 -15.45 -8.61
CA LEU D 270 -6.51 -15.82 -8.21
C LEU D 270 -5.84 -16.49 -9.39
N PRO D 271 -4.65 -16.00 -9.77
CA PRO D 271 -3.91 -16.57 -10.90
C PRO D 271 -3.02 -17.72 -10.46
N ASN D 272 -2.63 -18.55 -11.42
CA ASN D 272 -1.68 -19.62 -11.12
C ASN D 272 -0.38 -19.24 -11.82
N GLU D 273 0.65 -20.06 -11.62
CA GLU D 273 1.95 -19.80 -12.23
C GLU D 273 1.87 -19.69 -13.74
N GLY D 274 1.01 -20.51 -14.32
CA GLY D 274 0.84 -20.49 -15.76
C GLY D 274 0.23 -19.19 -16.22
N THR D 275 -0.68 -18.67 -15.40
CA THR D 275 -1.35 -17.41 -15.72
C THR D 275 -0.26 -16.33 -15.84
N LEU D 276 0.54 -16.19 -14.78
CA LEU D 276 1.62 -15.22 -14.73
C LEU D 276 2.59 -15.37 -15.92
N GLU D 277 3.00 -16.60 -16.22
CA GLU D 277 3.90 -16.83 -17.34
C GLU D 277 3.27 -16.29 -18.63
N ALA D 278 2.03 -16.68 -18.89
CA ALA D 278 1.28 -16.28 -20.07
C ALA D 278 1.16 -14.77 -20.17
N ILE D 279 0.90 -14.12 -19.04
CA ILE D 279 0.79 -12.66 -19.04
C ILE D 279 2.11 -12.04 -19.49
N ARG D 280 3.21 -12.53 -18.95
CA ARG D 280 4.52 -12.03 -19.28
C ARG D 280 4.92 -12.33 -20.72
N LEU D 281 4.73 -13.58 -21.15
CA LEU D 281 5.11 -13.97 -22.50
C LEU D 281 4.37 -13.09 -23.50
N CYS D 282 3.07 -12.93 -23.28
CA CYS D 282 2.28 -12.11 -24.17
C CYS D 282 2.62 -10.62 -24.13
N ALA D 283 2.97 -10.11 -22.95
CA ALA D 283 3.33 -8.70 -22.86
C ALA D 283 4.71 -8.45 -23.47
N ARG D 284 5.62 -9.39 -23.25
CA ARG D 284 6.99 -9.28 -23.72
C ARG D 284 7.24 -9.58 -25.20
N THR D 285 6.24 -10.13 -25.87
CA THR D 285 6.36 -10.42 -27.29
C THR D 285 5.51 -9.48 -28.10
N GLU D 286 4.47 -8.91 -27.49
CA GLU D 286 3.57 -8.05 -28.24
C GLU D 286 3.31 -6.67 -27.70
N GLY D 287 3.60 -6.44 -26.42
CA GLY D 287 3.34 -5.13 -25.85
C GLY D 287 1.88 -5.05 -25.44
N MET D 288 1.22 -6.20 -25.40
CA MET D 288 -0.21 -6.31 -25.04
C MET D 288 -0.34 -6.94 -23.65
N LEU D 289 -0.85 -6.15 -22.69
CA LEU D 289 -1.02 -6.62 -21.31
C LEU D 289 -2.35 -7.34 -21.06
N THR D 290 -2.32 -8.35 -20.20
CA THR D 290 -3.53 -9.08 -19.84
C THR D 290 -3.52 -9.18 -18.30
N ASP D 291 -4.70 -9.29 -17.69
CA ASP D 291 -4.79 -9.32 -16.23
C ASP D 291 -4.78 -10.71 -15.63
N PRO D 292 -4.48 -10.79 -14.32
CA PRO D 292 -4.43 -12.10 -13.66
C PRO D 292 -5.80 -12.73 -13.31
N VAL D 293 -6.89 -12.02 -13.54
CA VAL D 293 -8.19 -12.58 -13.21
C VAL D 293 -8.87 -13.28 -14.38
N TYR D 294 -8.89 -12.61 -15.53
CA TYR D 294 -9.54 -13.08 -16.76
C TYR D 294 -8.70 -13.37 -17.98
N GLU D 295 -8.32 -12.30 -18.66
CA GLU D 295 -7.56 -12.38 -19.90
C GLU D 295 -6.26 -13.14 -19.79
N GLY D 296 -5.62 -13.02 -18.63
CA GLY D 296 -4.37 -13.74 -18.44
C GLY D 296 -4.65 -15.24 -18.50
N LYS D 297 -5.85 -15.63 -18.10
CA LYS D 297 -6.22 -17.04 -18.11
C LYS D 297 -6.65 -17.51 -19.50
N SER D 298 -7.37 -16.66 -20.21
CA SER D 298 -7.75 -17.05 -21.56
C SER D 298 -6.50 -17.04 -22.42
N MET D 299 -5.55 -16.15 -22.10
CA MET D 299 -4.29 -16.06 -22.86
C MET D 299 -3.50 -17.32 -22.53
N HIS D 300 -3.45 -17.68 -21.25
CA HIS D 300 -2.75 -18.88 -20.83
C HIS D 300 -3.30 -20.02 -21.67
N GLY D 301 -4.63 -20.13 -21.68
CA GLY D 301 -5.31 -21.16 -22.44
C GLY D 301 -4.90 -21.22 -23.90
N MET D 302 -5.04 -20.10 -24.59
CA MET D 302 -4.69 -20.07 -26.00
C MET D 302 -3.25 -20.47 -26.25
N ILE D 303 -2.34 -20.05 -25.37
CA ILE D 303 -0.95 -20.40 -25.55
C ILE D 303 -0.77 -21.90 -25.34
N GLU D 304 -1.30 -22.43 -24.24
CA GLU D 304 -1.18 -23.85 -23.98
C GLU D 304 -1.79 -24.66 -25.13
N MET D 305 -2.93 -24.20 -25.65
CA MET D 305 -3.56 -24.89 -26.77
C MET D 305 -2.61 -24.99 -27.96
N VAL D 306 -2.02 -23.87 -28.35
CA VAL D 306 -1.08 -23.85 -29.48
C VAL D 306 0.16 -24.73 -29.18
N ARG D 307 0.67 -24.63 -27.97
CA ARG D 307 1.86 -25.41 -27.57
C ARG D 307 1.60 -26.91 -27.53
N ASN D 308 0.33 -27.29 -27.36
CA ASN D 308 -0.03 -28.71 -27.29
C ASN D 308 -0.46 -29.28 -28.64
N GLY D 309 -0.55 -28.41 -29.65
CA GLY D 309 -0.92 -28.85 -30.99
C GLY D 309 -2.40 -29.09 -31.13
N GLU D 310 -3.16 -28.61 -30.15
CA GLU D 310 -4.61 -28.79 -30.15
C GLU D 310 -5.29 -28.02 -31.27
N PHE D 311 -4.54 -27.16 -31.96
CA PHE D 311 -5.07 -26.39 -33.08
C PHE D 311 -4.48 -26.99 -34.35
N PRO D 312 -5.32 -27.21 -35.39
CA PRO D 312 -4.74 -27.79 -36.60
C PRO D 312 -3.78 -26.80 -37.25
N GLU D 313 -2.64 -27.30 -37.71
CA GLU D 313 -1.63 -26.46 -38.35
C GLU D 313 -2.29 -25.56 -39.40
N GLY D 314 -1.88 -24.29 -39.47
CA GLY D 314 -2.44 -23.38 -40.43
C GLY D 314 -3.68 -22.60 -39.99
N SER D 315 -4.19 -22.91 -38.80
CA SER D 315 -5.37 -22.23 -38.27
C SER D 315 -5.15 -20.74 -37.98
N ARG D 316 -6.23 -19.97 -38.05
CA ARG D 316 -6.16 -18.55 -37.76
C ARG D 316 -7.08 -18.36 -36.56
N VAL D 317 -6.46 -18.20 -35.39
CA VAL D 317 -7.20 -18.03 -34.15
C VAL D 317 -7.35 -16.57 -33.72
N LEU D 318 -8.58 -16.18 -33.44
CA LEU D 318 -8.85 -14.82 -33.04
C LEU D 318 -9.06 -14.71 -31.54
N TYR D 319 -8.12 -14.05 -30.87
CA TYR D 319 -8.19 -13.85 -29.44
C TYR D 319 -9.00 -12.60 -29.13
N ALA D 320 -10.05 -12.79 -28.33
CA ALA D 320 -10.87 -11.66 -27.96
C ALA D 320 -10.29 -11.11 -26.66
N HIS D 321 -9.77 -9.89 -26.71
CA HIS D 321 -9.24 -9.27 -25.50
C HIS D 321 -10.37 -8.45 -24.93
N LEU D 322 -10.93 -8.93 -23.82
CA LEU D 322 -12.07 -8.29 -23.20
C LEU D 322 -11.81 -7.13 -22.25
N GLY D 323 -10.53 -6.86 -21.95
CA GLY D 323 -10.18 -5.77 -21.05
C GLY D 323 -9.62 -6.20 -19.70
N GLY D 324 -9.97 -5.47 -18.66
CA GLY D 324 -9.54 -5.80 -17.32
C GLY D 324 -8.12 -5.51 -16.87
N VAL D 325 -7.32 -4.83 -17.67
CA VAL D 325 -5.94 -4.55 -17.27
C VAL D 325 -5.79 -3.75 -15.98
N PRO D 326 -6.69 -2.78 -15.72
CA PRO D 326 -6.55 -1.99 -14.48
C PRO D 326 -6.52 -2.84 -13.20
N ALA D 327 -7.07 -4.05 -13.27
CA ALA D 327 -7.08 -4.92 -12.10
C ALA D 327 -5.65 -5.25 -11.70
N LEU D 328 -4.72 -5.14 -12.64
CA LEU D 328 -3.31 -5.43 -12.39
C LEU D 328 -2.79 -4.76 -11.11
N ASN D 329 -3.25 -3.53 -10.88
CA ASN D 329 -2.87 -2.76 -9.71
C ASN D 329 -3.20 -3.43 -8.35
N GLY D 330 -4.17 -4.34 -8.33
CA GLY D 330 -4.55 -5.02 -7.10
C GLY D 330 -3.65 -6.18 -6.75
N TYR D 331 -2.79 -6.57 -7.67
CA TYR D 331 -1.85 -7.67 -7.48
C TYR D 331 -0.43 -7.12 -7.65
N SER D 332 -0.11 -6.03 -6.95
CA SER D 332 1.21 -5.42 -7.11
C SER D 332 2.42 -6.24 -6.66
N PHE D 333 2.30 -6.93 -5.53
CA PHE D 333 3.42 -7.71 -4.99
C PHE D 333 3.91 -8.84 -5.91
N ILE D 334 2.95 -9.49 -6.55
CA ILE D 334 3.18 -10.59 -7.47
C ILE D 334 4.06 -10.16 -8.65
N PHE D 335 3.96 -8.88 -9.05
CA PHE D 335 4.76 -8.38 -10.17
C PHE D 335 5.86 -7.40 -9.76
N ARG D 336 6.21 -7.37 -8.48
CA ARG D 336 7.21 -6.42 -8.03
C ARG D 336 8.52 -6.44 -8.80
N ASP D 337 8.90 -7.61 -9.31
CA ASP D 337 10.13 -7.81 -10.09
C ASP D 337 9.75 -8.22 -11.52
N GLY D 338 8.56 -7.85 -11.95
CA GLY D 338 8.11 -8.23 -13.28
C GLY D 338 7.17 -9.43 -13.20
#